data_1M5Y
#
_entry.id   1M5Y
#
_cell.length_a   158.817
_cell.length_b   223.406
_cell.length_c   279.721
_cell.angle_alpha   90.00
_cell.angle_beta   90.00
_cell.angle_gamma   90.00
#
_symmetry.space_group_name_H-M   'F 2 2 2'
#
_entity_poly.entity_id   1
_entity_poly.type   'polypeptide(L)'
_entity_poly.pdbx_seq_one_letter_code
;APQVVDKVAAVVNNGVVLESDVDGLMQSVKLNAAQARQQLPDDATLRHQIMERLIMDQIILQMGQKMGVKISDEQLDQAI
ANIAKQNNMTLDQMRSRLAYDGLNYNTYRNQIRKEMIISEVRNNEVRRRITILPQEVESLAQQVGNQNDASTELNLSHIL
IPLPENPTSDQVNEAESQARAIVDQARNGADFGKLAIAHSADQQALNGGQMGWGRIQELPGIFAQALSTAKKGDIVGPIR
SGVGFHILKVNDLRGESKNISVTEVHARHILLKPSPIMTDEQARVKLEQIAADIKSGKTTFAAAAKEFSQDPGSANQGGD
LGWATPDIFDPAFRDALTRLNKGQMSAPVHSSFGWHLIELLDTRNVDKTDAAQKDRAYRMLMNRKFSEEAASWMQEQRAS
AYVKILSN
;
_entity_poly.pdbx_strand_id   A,B,C,D
#
# COMPACT_ATOMS: atom_id res chain seq x y z
N VAL A 5 -54.83 5.46 -90.97
CA VAL A 5 -53.86 5.07 -89.91
C VAL A 5 -54.25 5.64 -88.54
N ASP A 6 -55.49 5.39 -88.14
CA ASP A 6 -56.02 5.86 -86.87
C ASP A 6 -55.70 4.89 -85.73
N LYS A 7 -54.62 5.14 -85.00
CA LYS A 7 -54.22 4.28 -83.90
C LYS A 7 -55.28 4.02 -82.84
N VAL A 8 -55.02 3.02 -82.00
CA VAL A 8 -55.91 2.64 -80.90
C VAL A 8 -55.35 3.22 -79.60
N ALA A 9 -56.09 4.11 -78.95
CA ALA A 9 -55.62 4.74 -77.72
C ALA A 9 -55.79 3.82 -76.53
N ALA A 10 -56.86 3.02 -76.57
CA ALA A 10 -57.15 2.09 -75.50
C ALA A 10 -58.17 1.03 -75.89
N VAL A 11 -58.01 -0.16 -75.32
CA VAL A 11 -58.93 -1.24 -75.57
C VAL A 11 -59.96 -1.26 -74.43
N VAL A 12 -61.24 -1.37 -74.78
CA VAL A 12 -62.32 -1.39 -73.80
C VAL A 12 -63.32 -2.51 -74.09
N ASN A 13 -63.23 -3.58 -73.31
CA ASN A 13 -64.09 -4.75 -73.47
C ASN A 13 -64.07 -5.24 -74.92
N ASN A 14 -65.23 -5.21 -75.57
CA ASN A 14 -65.33 -5.65 -76.96
C ASN A 14 -65.35 -4.42 -77.87
N GLY A 15 -64.30 -3.62 -77.78
CA GLY A 15 -64.19 -2.43 -78.59
C GLY A 15 -62.92 -1.68 -78.23
N VAL A 16 -62.72 -0.54 -78.88
CA VAL A 16 -61.54 0.29 -78.63
C VAL A 16 -61.90 1.77 -78.54
N VAL A 17 -60.92 2.58 -78.19
CA VAL A 17 -61.08 4.03 -78.12
C VAL A 17 -60.02 4.56 -79.06
N LEU A 18 -60.46 5.04 -80.22
CA LEU A 18 -59.55 5.56 -81.23
C LEU A 18 -58.86 6.88 -80.92
N GLU A 19 -57.62 7.01 -81.38
CA GLU A 19 -56.88 8.24 -81.17
C GLU A 19 -57.67 9.39 -81.77
N SER A 20 -58.34 9.14 -82.89
CA SER A 20 -59.12 10.18 -83.53
C SER A 20 -60.12 10.71 -82.53
N ASP A 21 -60.90 9.81 -81.94
CA ASP A 21 -61.91 10.16 -80.96
C ASP A 21 -61.35 10.92 -79.75
N VAL A 22 -60.10 10.65 -79.41
CA VAL A 22 -59.51 11.36 -78.28
C VAL A 22 -59.20 12.79 -78.68
N ASP A 23 -58.86 12.99 -79.95
CA ASP A 23 -58.57 14.31 -80.48
C ASP A 23 -59.86 15.13 -80.51
N GLY A 24 -60.93 14.48 -80.97
CA GLY A 24 -62.22 15.13 -81.07
C GLY A 24 -62.63 15.70 -79.72
N LEU A 25 -62.54 14.89 -78.68
CA LEU A 25 -62.93 15.34 -77.36
C LEU A 25 -61.94 16.38 -76.86
N MET A 26 -60.66 16.20 -77.15
CA MET A 26 -59.65 17.15 -76.73
C MET A 26 -60.02 18.50 -77.32
N GLN A 27 -60.27 18.51 -78.63
CA GLN A 27 -60.62 19.76 -79.28
C GLN A 27 -61.92 20.40 -78.80
N SER A 28 -62.92 19.57 -78.49
CA SER A 28 -64.17 20.10 -78.00
C SER A 28 -63.89 20.82 -76.68
N VAL A 29 -63.11 20.21 -75.80
CA VAL A 29 -62.82 20.86 -74.52
C VAL A 29 -62.00 22.12 -74.74
N LYS A 30 -61.02 22.05 -75.65
CA LYS A 30 -60.16 23.18 -75.96
C LYS A 30 -60.97 24.40 -76.37
N LEU A 31 -61.78 24.24 -77.41
CA LEU A 31 -62.62 25.33 -77.89
C LEU A 31 -63.48 25.83 -76.75
N ASN A 32 -64.43 25.02 -76.33
CA ASN A 32 -65.30 25.41 -75.25
C ASN A 32 -64.54 26.16 -74.13
N ALA A 33 -63.35 25.68 -73.80
CA ALA A 33 -62.55 26.31 -72.77
C ALA A 33 -62.26 27.76 -73.15
N ALA A 34 -61.78 27.96 -74.38
CA ALA A 34 -61.46 29.29 -74.87
C ALA A 34 -62.70 30.16 -74.91
N GLN A 35 -63.72 29.66 -75.60
CA GLN A 35 -65.01 30.32 -75.74
C GLN A 35 -65.62 30.67 -74.37
N ALA A 36 -64.88 30.38 -73.30
CA ALA A 36 -65.38 30.65 -71.96
C ALA A 36 -64.32 31.26 -71.07
N ARG A 37 -63.11 31.45 -71.61
CA ARG A 37 -62.02 32.03 -70.82
C ARG A 37 -61.77 31.11 -69.63
N GLN A 38 -61.46 29.84 -69.92
CA GLN A 38 -61.21 28.86 -68.86
C GLN A 38 -59.84 28.21 -68.95
N GLN A 39 -59.04 28.34 -67.89
CA GLN A 39 -57.72 27.75 -67.87
C GLN A 39 -57.87 26.23 -67.92
N LEU A 40 -56.95 25.58 -68.63
CA LEU A 40 -56.96 24.14 -68.77
C LEU A 40 -55.67 23.57 -68.24
N PRO A 41 -55.72 22.41 -67.56
CA PRO A 41 -54.45 21.88 -67.07
C PRO A 41 -53.64 21.42 -68.28
N ASP A 42 -52.39 21.02 -68.05
CA ASP A 42 -51.51 20.58 -69.16
C ASP A 42 -52.11 19.43 -69.96
N ASP A 43 -51.83 19.42 -71.25
CA ASP A 43 -52.39 18.39 -72.12
C ASP A 43 -52.27 16.96 -71.59
N ALA A 44 -51.31 16.73 -70.69
CA ALA A 44 -51.12 15.40 -70.12
C ALA A 44 -52.30 15.04 -69.25
N THR A 45 -52.54 15.85 -68.23
CA THR A 45 -53.65 15.60 -67.32
C THR A 45 -54.96 15.61 -68.10
N LEU A 46 -55.05 16.50 -69.07
CA LEU A 46 -56.25 16.61 -69.89
C LEU A 46 -56.52 15.30 -70.62
N ARG A 47 -55.53 14.83 -71.37
CA ARG A 47 -55.67 13.58 -72.10
C ARG A 47 -56.26 12.51 -71.20
N HIS A 48 -55.77 12.44 -69.96
CA HIS A 48 -56.25 11.44 -69.02
C HIS A 48 -57.74 11.52 -68.85
N GLN A 49 -58.21 12.71 -68.47
CA GLN A 49 -59.64 12.92 -68.28
C GLN A 49 -60.36 12.51 -69.56
N ILE A 50 -59.98 13.11 -70.68
CA ILE A 50 -60.59 12.74 -71.96
C ILE A 50 -60.67 11.20 -72.11
N MET A 51 -59.55 10.50 -71.86
CA MET A 51 -59.51 9.05 -71.92
C MET A 51 -60.61 8.43 -71.04
N GLU A 52 -60.54 8.73 -69.75
CA GLU A 52 -61.49 8.21 -68.80
C GLU A 52 -62.89 8.40 -69.33
N ARG A 53 -63.18 9.61 -69.80
CA ARG A 53 -64.49 9.91 -70.34
C ARG A 53 -64.81 9.02 -71.53
N LEU A 54 -63.86 8.89 -72.45
CA LEU A 54 -64.08 8.05 -73.62
C LEU A 54 -64.23 6.57 -73.27
N ILE A 55 -63.41 6.09 -72.33
CA ILE A 55 -63.44 4.70 -71.87
C ILE A 55 -64.83 4.36 -71.33
N MET A 56 -65.34 5.25 -70.49
CA MET A 56 -66.65 5.05 -69.91
C MET A 56 -67.73 5.11 -70.98
N ASP A 57 -67.69 6.12 -71.84
CA ASP A 57 -68.67 6.23 -72.91
C ASP A 57 -68.64 4.95 -73.74
N GLN A 58 -67.46 4.35 -73.83
CA GLN A 58 -67.29 3.12 -74.61
C GLN A 58 -68.02 1.97 -73.90
N ILE A 59 -67.68 1.75 -72.64
CA ILE A 59 -68.28 0.69 -71.84
C ILE A 59 -69.80 0.72 -71.92
N ILE A 60 -70.36 1.81 -71.43
CA ILE A 60 -71.80 1.96 -71.40
C ILE A 60 -72.40 1.89 -72.81
N LEU A 61 -71.60 2.11 -73.84
CA LEU A 61 -72.15 2.06 -75.20
C LEU A 61 -72.25 0.63 -75.73
N GLN A 62 -71.21 -0.18 -75.53
CA GLN A 62 -71.25 -1.56 -76.00
C GLN A 62 -72.40 -2.21 -75.23
N MET A 63 -72.55 -1.80 -73.99
CA MET A 63 -73.62 -2.31 -73.14
C MET A 63 -74.94 -2.08 -73.85
N GLY A 64 -75.10 -0.91 -74.44
CA GLY A 64 -76.34 -0.63 -75.14
C GLY A 64 -76.51 -1.60 -76.30
N GLN A 65 -75.40 -1.91 -76.96
CA GLN A 65 -75.42 -2.83 -78.09
C GLN A 65 -76.01 -4.17 -77.63
N LYS A 66 -75.33 -4.83 -76.71
CA LYS A 66 -75.75 -6.12 -76.18
C LYS A 66 -77.25 -6.17 -75.85
N MET A 67 -77.69 -5.33 -74.92
CA MET A 67 -79.10 -5.32 -74.56
C MET A 67 -79.92 -4.61 -75.64
N GLY A 68 -79.44 -4.74 -76.88
CA GLY A 68 -80.10 -4.14 -78.03
C GLY A 68 -80.87 -2.83 -77.90
N VAL A 69 -80.15 -1.73 -77.79
CA VAL A 69 -80.80 -0.43 -77.67
C VAL A 69 -80.74 0.24 -79.01
N LYS A 70 -81.91 0.55 -79.58
CA LYS A 70 -81.95 1.23 -80.87
C LYS A 70 -82.69 2.56 -80.76
N ILE A 71 -82.26 3.54 -81.54
CA ILE A 71 -82.86 4.86 -81.53
C ILE A 71 -83.45 5.13 -82.90
N SER A 72 -84.78 5.19 -82.98
CA SER A 72 -85.48 5.44 -84.23
C SER A 72 -85.17 6.83 -84.78
N ASP A 73 -85.06 6.93 -86.10
CA ASP A 73 -84.78 8.21 -86.74
C ASP A 73 -85.79 9.25 -86.28
N GLU A 74 -87.01 8.80 -86.00
CA GLU A 74 -88.05 9.71 -85.55
C GLU A 74 -87.68 10.39 -84.23
N GLN A 75 -87.22 9.63 -83.25
CA GLN A 75 -86.84 10.20 -81.96
C GLN A 75 -85.58 11.02 -82.07
N LEU A 76 -84.67 10.60 -82.95
CA LEU A 76 -83.41 11.31 -83.15
C LEU A 76 -83.72 12.72 -83.60
N ASP A 77 -84.59 12.83 -84.59
CA ASP A 77 -84.97 14.14 -85.13
C ASP A 77 -85.49 15.01 -84.01
N GLN A 78 -86.35 14.43 -83.18
CA GLN A 78 -86.90 15.18 -82.07
C GLN A 78 -85.78 15.76 -81.20
N ALA A 79 -84.76 14.95 -80.93
CA ALA A 79 -83.64 15.37 -80.10
C ALA A 79 -82.87 16.52 -80.76
N ILE A 80 -82.50 16.35 -82.02
CA ILE A 80 -81.74 17.37 -82.74
C ILE A 80 -82.54 18.66 -82.72
N ALA A 81 -83.85 18.52 -82.91
CA ALA A 81 -84.81 19.63 -82.90
C ALA A 81 -84.75 20.36 -81.57
N ASN A 82 -84.60 19.60 -80.49
CA ASN A 82 -84.53 20.17 -79.15
C ASN A 82 -83.23 20.92 -78.95
N ILE A 83 -82.14 20.43 -79.56
CA ILE A 83 -80.85 21.12 -79.43
C ILE A 83 -81.00 22.44 -80.15
N ALA A 84 -81.69 22.39 -81.29
CA ALA A 84 -81.95 23.58 -82.10
C ALA A 84 -82.69 24.63 -81.25
N LYS A 85 -83.81 24.21 -80.66
CA LYS A 85 -84.61 25.08 -79.81
C LYS A 85 -83.80 25.57 -78.63
N GLN A 86 -83.11 24.63 -77.97
CA GLN A 86 -82.29 24.96 -76.82
C GLN A 86 -81.26 25.99 -77.26
N ASN A 87 -81.06 26.10 -78.57
CA ASN A 87 -80.09 27.03 -79.11
C ASN A 87 -80.68 28.14 -79.99
N ASN A 88 -81.97 28.37 -79.87
CA ASN A 88 -82.61 29.43 -80.65
C ASN A 88 -82.51 29.26 -82.16
N MET A 89 -83.03 28.16 -82.69
CA MET A 89 -83.01 27.90 -84.12
C MET A 89 -84.12 26.94 -84.48
N THR A 90 -84.36 26.77 -85.79
CA THR A 90 -85.36 25.82 -86.25
C THR A 90 -84.54 24.63 -86.78
N LEU A 91 -85.18 23.47 -86.93
CA LEU A 91 -84.46 22.30 -87.44
C LEU A 91 -83.67 22.71 -88.66
N ASP A 92 -84.34 23.37 -89.59
CA ASP A 92 -83.72 23.82 -90.82
C ASP A 92 -82.62 24.84 -90.53
N GLN A 93 -82.96 25.82 -89.70
CA GLN A 93 -82.02 26.87 -89.34
C GLN A 93 -80.70 26.39 -88.71
N MET A 94 -80.72 25.21 -88.10
CA MET A 94 -79.51 24.66 -87.50
C MET A 94 -78.85 23.73 -88.49
N ARG A 95 -79.67 23.00 -89.23
CA ARG A 95 -79.19 22.06 -90.23
C ARG A 95 -78.28 22.82 -91.20
N SER A 96 -78.64 24.08 -91.44
CA SER A 96 -77.89 24.95 -92.33
C SER A 96 -76.62 25.44 -91.66
N ARG A 97 -76.73 25.85 -90.41
CA ARG A 97 -75.55 26.30 -89.68
C ARG A 97 -74.51 25.19 -89.73
N LEU A 98 -74.99 23.95 -89.57
CA LEU A 98 -74.12 22.78 -89.61
C LEU A 98 -73.48 22.69 -90.98
N ALA A 99 -74.31 22.80 -92.01
CA ALA A 99 -73.82 22.76 -93.40
C ALA A 99 -72.75 23.83 -93.61
N TYR A 100 -72.99 25.03 -93.12
CA TYR A 100 -72.04 26.12 -93.25
C TYR A 100 -70.73 25.79 -92.53
N ASP A 101 -70.82 25.22 -91.34
CA ASP A 101 -69.63 24.87 -90.59
C ASP A 101 -68.82 23.72 -91.22
N GLY A 102 -69.39 23.09 -92.26
CA GLY A 102 -68.71 22.00 -92.95
C GLY A 102 -69.00 20.56 -92.51
N LEU A 103 -69.96 20.34 -91.63
CA LEU A 103 -70.25 18.98 -91.16
C LEU A 103 -71.22 18.21 -92.00
N ASN A 104 -71.02 16.89 -92.03
CA ASN A 104 -71.89 15.96 -92.74
C ASN A 104 -73.06 15.71 -91.80
N TYR A 105 -74.26 16.07 -92.24
CA TYR A 105 -75.44 15.89 -91.40
C TYR A 105 -75.60 14.50 -90.83
N ASN A 106 -75.35 13.47 -91.61
CA ASN A 106 -75.50 12.12 -91.09
C ASN A 106 -74.49 11.88 -89.97
N THR A 107 -73.22 12.19 -90.26
CA THR A 107 -72.15 12.05 -89.29
C THR A 107 -72.58 12.65 -87.97
N TYR A 108 -73.24 13.81 -88.04
CA TYR A 108 -73.70 14.50 -86.86
C TYR A 108 -74.81 13.72 -86.17
N ARG A 109 -75.83 13.32 -86.93
CA ARG A 109 -76.94 12.55 -86.37
C ARG A 109 -76.41 11.35 -85.59
N ASN A 110 -75.50 10.60 -86.24
CA ASN A 110 -74.85 9.42 -85.66
C ASN A 110 -74.21 9.77 -84.30
N GLN A 111 -73.62 10.96 -84.17
CA GLN A 111 -73.02 11.37 -82.93
C GLN A 111 -74.12 11.56 -81.90
N ILE A 112 -75.18 12.25 -82.31
CA ILE A 112 -76.31 12.48 -81.42
C ILE A 112 -76.89 11.14 -81.01
N ARG A 113 -76.87 10.19 -81.93
CA ARG A 113 -77.36 8.85 -81.64
C ARG A 113 -76.51 8.25 -80.51
N LYS A 114 -75.20 8.14 -80.73
CA LYS A 114 -74.30 7.59 -79.71
C LYS A 114 -74.59 8.25 -78.36
N GLU A 115 -74.78 9.57 -78.36
CA GLU A 115 -75.06 10.28 -77.12
C GLU A 115 -76.35 9.79 -76.49
N MET A 116 -77.36 9.54 -77.32
CA MET A 116 -78.65 9.07 -76.85
C MET A 116 -78.73 7.65 -76.32
N ILE A 117 -78.06 6.69 -76.96
CA ILE A 117 -78.13 5.36 -76.42
C ILE A 117 -77.39 5.39 -75.09
N ILE A 118 -76.30 6.15 -75.00
CA ILE A 118 -75.55 6.23 -73.76
C ILE A 118 -76.42 6.76 -72.64
N SER A 119 -77.16 7.82 -72.93
CA SER A 119 -78.00 8.42 -71.90
C SER A 119 -79.07 7.41 -71.47
N GLU A 120 -79.68 6.73 -72.44
CA GLU A 120 -80.70 5.74 -72.14
C GLU A 120 -80.15 4.60 -71.29
N VAL A 121 -79.15 3.90 -71.82
CA VAL A 121 -78.54 2.81 -71.07
C VAL A 121 -78.24 3.26 -69.64
N ARG A 122 -77.50 4.35 -69.49
CA ARG A 122 -77.17 4.84 -68.14
C ARG A 122 -78.38 5.02 -67.25
N ASN A 123 -79.42 5.70 -67.76
CA ASN A 123 -80.62 5.91 -66.96
C ASN A 123 -81.30 4.60 -66.60
N ASN A 124 -81.50 3.76 -67.61
CA ASN A 124 -82.16 2.49 -67.37
C ASN A 124 -81.42 1.67 -66.34
N GLU A 125 -80.12 1.48 -66.53
CA GLU A 125 -79.32 0.72 -65.59
C GLU A 125 -79.37 1.33 -64.20
N VAL A 126 -79.27 2.65 -64.12
CA VAL A 126 -79.29 3.29 -62.82
C VAL A 126 -80.60 3.06 -62.11
N ARG A 127 -81.70 3.51 -62.70
CA ARG A 127 -83.01 3.32 -62.07
C ARG A 127 -83.17 1.89 -61.53
N ARG A 128 -82.86 0.90 -62.37
CA ARG A 128 -82.93 -0.52 -61.99
C ARG A 128 -82.27 -0.76 -60.62
N ARG A 129 -81.06 -0.24 -60.44
CA ARG A 129 -80.33 -0.43 -59.17
C ARG A 129 -80.71 0.47 -58.00
N ILE A 130 -81.74 1.30 -58.12
CA ILE A 130 -82.10 2.15 -56.97
C ILE A 130 -82.84 1.33 -55.93
N THR A 131 -82.42 1.45 -54.69
CA THR A 131 -83.04 0.70 -53.63
C THR A 131 -83.70 1.60 -52.56
N ILE A 132 -84.81 1.14 -51.99
CA ILE A 132 -85.50 1.90 -50.95
C ILE A 132 -85.48 1.14 -49.62
N LEU A 133 -84.66 1.62 -48.68
CA LEU A 133 -84.54 0.99 -47.37
C LEU A 133 -85.84 0.96 -46.60
N PRO A 134 -86.03 -0.06 -45.75
CA PRO A 134 -87.21 -0.27 -44.90
C PRO A 134 -87.55 0.98 -44.08
N GLN A 135 -88.79 1.44 -44.16
CA GLN A 135 -89.23 2.63 -43.40
C GLN A 135 -88.64 3.95 -43.90
N GLU A 136 -87.74 3.89 -44.87
CA GLU A 136 -87.10 5.10 -45.40
C GLU A 136 -88.05 6.20 -45.79
N VAL A 137 -89.05 5.85 -46.59
CA VAL A 137 -90.01 6.85 -47.03
C VAL A 137 -90.93 7.39 -45.95
N GLU A 138 -91.54 6.52 -45.15
CA GLU A 138 -92.42 6.96 -44.06
C GLU A 138 -91.60 7.86 -43.15
N SER A 139 -90.41 7.40 -42.80
CA SER A 139 -89.52 8.14 -41.93
C SER A 139 -89.28 9.57 -42.46
N LEU A 140 -89.24 9.74 -43.78
CA LEU A 140 -89.03 11.06 -44.35
C LEU A 140 -90.32 11.85 -44.15
N ALA A 141 -91.43 11.26 -44.60
CA ALA A 141 -92.73 11.89 -44.49
C ALA A 141 -92.99 12.39 -43.06
N GLN A 142 -92.24 11.82 -42.13
CA GLN A 142 -92.35 12.17 -40.73
C GLN A 142 -91.64 13.48 -40.42
N GLN A 143 -90.41 13.61 -40.90
CA GLN A 143 -89.56 14.78 -40.68
C GLN A 143 -90.19 16.16 -40.83
N VAL A 144 -89.56 17.18 -40.21
CA VAL A 144 -90.09 18.54 -40.32
C VAL A 144 -89.39 19.64 -41.12
N THR A 152 -82.81 30.12 -50.72
CA THR A 152 -81.75 30.90 -51.34
C THR A 152 -81.07 30.04 -52.41
N GLU A 153 -81.43 30.26 -53.67
CA GLU A 153 -80.83 29.51 -54.77
C GLU A 153 -79.31 29.63 -54.67
N LEU A 154 -78.60 28.61 -55.15
CA LEU A 154 -77.13 28.60 -55.10
C LEU A 154 -76.48 28.08 -56.36
N ASN A 155 -75.40 28.72 -56.79
CA ASN A 155 -74.68 28.23 -57.95
C ASN A 155 -73.33 27.75 -57.46
N LEU A 156 -73.02 26.50 -57.77
CA LEU A 156 -71.77 25.92 -57.30
C LEU A 156 -71.15 24.91 -58.25
N SER A 157 -69.83 24.85 -58.22
CA SER A 157 -69.09 23.90 -59.02
C SER A 157 -68.78 22.75 -58.07
N HIS A 158 -68.62 21.57 -58.64
CA HIS A 158 -68.36 20.37 -57.86
C HIS A 158 -67.12 19.54 -58.27
N ILE A 159 -66.45 18.95 -57.29
CA ILE A 159 -65.32 18.08 -57.60
C ILE A 159 -65.41 16.83 -56.78
N LEU A 160 -65.30 15.69 -57.44
CA LEU A 160 -65.36 14.42 -56.73
C LEU A 160 -64.08 13.62 -56.84
N ILE A 161 -63.58 13.19 -55.70
CA ILE A 161 -62.41 12.33 -55.65
C ILE A 161 -63.04 10.98 -55.33
N PRO A 162 -63.10 10.09 -56.33
CA PRO A 162 -63.67 8.75 -56.32
C PRO A 162 -63.15 7.77 -55.27
N LEU A 163 -64.03 6.84 -54.89
CA LEU A 163 -63.73 5.80 -53.93
C LEU A 163 -64.71 4.66 -54.11
N PRO A 164 -64.20 3.40 -54.15
CA PRO A 164 -65.04 2.20 -54.33
C PRO A 164 -66.03 1.99 -53.20
N GLU A 165 -67.09 1.23 -53.48
CA GLU A 165 -68.14 0.99 -52.48
C GLU A 165 -67.60 0.61 -51.11
N ASN A 166 -66.68 -0.36 -51.10
CA ASN A 166 -66.04 -0.84 -49.88
C ASN A 166 -64.55 -0.69 -50.12
N PRO A 167 -64.00 0.50 -49.87
CA PRO A 167 -62.58 0.79 -50.08
C PRO A 167 -61.78 0.40 -48.85
N THR A 168 -60.47 0.44 -48.98
CA THR A 168 -59.56 0.08 -47.89
C THR A 168 -59.02 1.33 -47.23
N SER A 169 -58.50 1.19 -46.02
CA SER A 169 -57.93 2.34 -45.28
C SER A 169 -56.99 3.09 -46.22
N ASP A 170 -56.16 2.34 -46.92
CA ASP A 170 -55.22 2.94 -47.86
C ASP A 170 -55.93 3.79 -48.89
N GLN A 171 -56.93 3.20 -49.56
CA GLN A 171 -57.69 3.92 -50.57
C GLN A 171 -58.34 5.18 -49.98
N VAL A 172 -58.99 5.01 -48.84
CA VAL A 172 -59.68 6.10 -48.20
C VAL A 172 -58.74 7.21 -47.82
N ASN A 173 -57.51 6.86 -47.47
CA ASN A 173 -56.53 7.88 -47.07
C ASN A 173 -56.02 8.62 -48.27
N GLU A 174 -55.68 7.88 -49.32
CA GLU A 174 -55.18 8.48 -50.55
C GLU A 174 -56.24 9.49 -51.03
N ALA A 175 -57.49 9.05 -51.03
CA ALA A 175 -58.59 9.88 -51.45
C ALA A 175 -58.71 11.07 -50.52
N GLU A 176 -58.79 10.84 -49.21
CA GLU A 176 -58.93 11.95 -48.24
C GLU A 176 -57.78 12.93 -48.37
N SER A 177 -56.56 12.42 -48.53
CA SER A 177 -55.38 13.25 -48.68
C SER A 177 -55.46 14.09 -49.97
N GLN A 178 -55.68 13.43 -51.11
CA GLN A 178 -55.77 14.14 -52.38
C GLN A 178 -56.84 15.23 -52.32
N ALA A 179 -57.98 14.91 -51.72
CA ALA A 179 -59.07 15.87 -51.62
C ALA A 179 -58.64 17.08 -50.80
N ARG A 180 -58.11 16.83 -49.61
CA ARG A 180 -57.66 17.92 -48.72
C ARG A 180 -56.73 18.85 -49.48
N ALA A 181 -55.75 18.28 -50.17
CA ALA A 181 -54.82 19.07 -50.94
C ALA A 181 -55.53 20.00 -51.93
N ILE A 182 -56.63 19.52 -52.51
CA ILE A 182 -57.36 20.31 -53.48
C ILE A 182 -58.13 21.42 -52.79
N VAL A 183 -58.76 21.13 -51.65
CA VAL A 183 -59.49 22.16 -50.94
C VAL A 183 -58.52 23.24 -50.50
N ASP A 184 -57.28 22.84 -50.24
CA ASP A 184 -56.27 23.81 -49.83
C ASP A 184 -56.05 24.77 -50.99
N GLN A 185 -55.51 24.28 -52.10
CA GLN A 185 -55.29 25.10 -53.30
C GLN A 185 -56.55 25.90 -53.68
N ALA A 186 -57.72 25.32 -53.41
CA ALA A 186 -58.98 25.97 -53.71
C ALA A 186 -59.05 27.26 -52.91
N ARG A 187 -58.70 27.18 -51.63
CA ARG A 187 -58.74 28.33 -50.74
C ARG A 187 -57.57 29.30 -50.89
N ASN A 188 -56.47 28.84 -51.45
CA ASN A 188 -55.34 29.74 -51.67
C ASN A 188 -55.57 30.42 -53.01
N GLY A 189 -56.83 30.38 -53.47
CA GLY A 189 -57.24 31.01 -54.71
C GLY A 189 -57.05 30.33 -56.04
N ALA A 190 -56.62 29.08 -56.08
CA ALA A 190 -56.42 28.39 -57.35
C ALA A 190 -57.72 28.35 -58.16
N ASP A 191 -57.61 28.17 -59.48
CA ASP A 191 -58.79 28.10 -60.33
C ASP A 191 -59.53 26.77 -60.06
N PHE A 192 -60.72 26.86 -59.46
CA PHE A 192 -61.49 25.68 -59.12
C PHE A 192 -61.92 24.88 -60.35
N GLY A 193 -62.29 25.59 -61.41
CA GLY A 193 -62.70 24.95 -62.65
C GLY A 193 -61.57 24.16 -63.30
N LYS A 194 -60.34 24.64 -63.10
CA LYS A 194 -59.14 24.01 -63.63
C LYS A 194 -58.96 22.71 -62.81
N LEU A 195 -59.08 22.84 -61.49
CA LEU A 195 -58.94 21.69 -60.60
C LEU A 195 -59.98 20.64 -60.95
N ALA A 196 -61.20 21.09 -61.22
CA ALA A 196 -62.28 20.19 -61.56
C ALA A 196 -61.91 19.40 -62.81
N ILE A 197 -61.50 20.10 -63.87
CA ILE A 197 -61.12 19.40 -65.10
C ILE A 197 -59.93 18.51 -64.88
N ALA A 198 -59.08 18.85 -63.93
CA ALA A 198 -57.91 18.03 -63.66
C ALA A 198 -58.13 16.83 -62.72
N HIS A 199 -59.05 16.93 -61.76
CA HIS A 199 -59.25 15.81 -60.83
C HIS A 199 -60.65 15.26 -60.63
N SER A 200 -61.68 16.08 -60.88
CA SER A 200 -63.05 15.63 -60.66
C SER A 200 -63.32 14.39 -61.48
N ALA A 201 -64.11 13.50 -60.91
CA ALA A 201 -64.47 12.27 -61.58
C ALA A 201 -65.94 12.25 -61.90
N ASP A 202 -66.67 13.32 -61.53
CA ASP A 202 -68.11 13.40 -61.83
C ASP A 202 -68.30 13.60 -63.33
N GLN A 203 -69.55 13.60 -63.78
CA GLN A 203 -69.87 13.80 -65.20
C GLN A 203 -69.52 15.20 -65.67
N GLN A 204 -69.70 16.17 -64.77
CA GLN A 204 -69.44 17.57 -65.07
C GLN A 204 -67.97 18.01 -65.04
N ALA A 205 -67.07 17.11 -64.66
CA ALA A 205 -65.66 17.45 -64.58
C ALA A 205 -65.13 18.25 -65.77
N LEU A 206 -65.15 17.66 -66.96
CA LEU A 206 -64.63 18.32 -68.15
C LEU A 206 -65.27 19.66 -68.46
N ASN A 207 -66.28 20.01 -67.68
CA ASN A 207 -67.00 21.27 -67.86
C ASN A 207 -66.84 22.12 -66.59
N GLY A 208 -65.61 22.21 -66.09
CA GLY A 208 -65.35 22.99 -64.90
C GLY A 208 -66.00 22.47 -63.62
N GLY A 209 -66.77 21.38 -63.75
CA GLY A 209 -67.44 20.79 -62.60
C GLY A 209 -68.61 21.66 -62.20
N GLN A 210 -69.12 22.38 -63.20
CA GLN A 210 -70.24 23.29 -62.98
C GLN A 210 -71.57 22.58 -62.86
N MET A 211 -72.32 22.92 -61.82
CA MET A 211 -73.63 22.32 -61.64
C MET A 211 -74.67 23.38 -61.97
N GLY A 212 -74.32 24.63 -61.74
CA GLY A 212 -75.25 25.71 -62.02
C GLY A 212 -76.06 26.13 -60.80
N TRP A 213 -77.17 26.81 -61.04
CA TRP A 213 -78.03 27.27 -59.96
C TRP A 213 -78.94 26.16 -59.48
N GLY A 214 -79.27 26.17 -58.20
CA GLY A 214 -80.13 25.15 -57.64
C GLY A 214 -80.51 25.46 -56.20
N ARG A 215 -81.65 24.91 -55.77
CA ARG A 215 -82.12 25.12 -54.41
C ARG A 215 -81.25 24.31 -53.46
N ILE A 216 -80.95 24.86 -52.29
CA ILE A 216 -80.12 24.13 -51.32
C ILE A 216 -80.84 22.84 -50.96
N GLN A 217 -82.16 22.87 -51.08
CA GLN A 217 -83.00 21.73 -50.76
C GLN A 217 -82.87 20.55 -51.71
N GLU A 218 -82.69 20.81 -53.00
CA GLU A 218 -82.56 19.74 -54.00
C GLU A 218 -81.22 19.02 -53.95
N LEU A 219 -80.41 19.30 -52.94
CA LEU A 219 -79.13 18.65 -52.84
C LEU A 219 -79.10 17.61 -51.73
N PRO A 220 -78.18 16.65 -51.83
CA PRO A 220 -78.03 15.59 -50.83
C PRO A 220 -77.89 16.24 -49.46
N GLY A 221 -78.40 15.57 -48.44
CA GLY A 221 -78.33 16.12 -47.09
C GLY A 221 -76.94 16.31 -46.51
N ILE A 222 -75.98 15.52 -46.99
CA ILE A 222 -74.61 15.64 -46.46
C ILE A 222 -73.96 16.93 -46.93
N PHE A 223 -74.65 17.67 -47.76
CA PHE A 223 -74.16 18.95 -48.26
C PHE A 223 -74.95 20.07 -47.62
N ALA A 224 -76.28 19.92 -47.66
CA ALA A 224 -77.23 20.87 -47.09
C ALA A 224 -76.70 21.47 -45.80
N GLN A 225 -76.16 20.63 -44.93
CA GLN A 225 -75.59 21.07 -43.67
C GLN A 225 -74.58 22.23 -43.81
N ALA A 226 -73.48 21.98 -44.53
CA ALA A 226 -72.44 22.97 -44.72
C ALA A 226 -72.86 24.15 -45.59
N LEU A 227 -73.73 23.89 -46.55
CA LEU A 227 -74.18 24.94 -47.45
C LEU A 227 -75.18 25.92 -46.85
N SER A 228 -75.42 25.84 -45.56
CA SER A 228 -76.37 26.76 -44.93
C SER A 228 -75.65 27.98 -44.39
N THR A 229 -74.39 27.78 -44.00
CA THR A 229 -73.56 28.85 -43.45
C THR A 229 -72.68 29.40 -44.58
N ALA A 230 -72.60 28.64 -45.66
CA ALA A 230 -71.78 28.99 -46.81
C ALA A 230 -71.95 30.42 -47.34
N LYS A 231 -70.83 31.14 -47.36
CA LYS A 231 -70.79 32.50 -47.86
C LYS A 231 -70.29 32.40 -49.30
N LYS A 232 -70.66 33.35 -50.14
CA LYS A 232 -70.22 33.29 -51.52
C LYS A 232 -68.71 33.29 -51.69
N GLY A 233 -68.24 32.38 -52.55
CA GLY A 233 -66.83 32.26 -52.83
C GLY A 233 -66.18 31.14 -52.04
N ASP A 234 -66.91 30.63 -51.05
CA ASP A 234 -66.43 29.57 -50.16
C ASP A 234 -66.16 28.19 -50.78
N ILE A 235 -65.33 27.42 -50.10
CA ILE A 235 -64.99 26.07 -50.52
C ILE A 235 -65.47 25.19 -49.38
N VAL A 236 -66.42 24.31 -49.66
CA VAL A 236 -66.94 23.44 -48.61
C VAL A 236 -66.10 22.17 -48.44
N GLY A 237 -65.45 22.09 -47.27
CA GLY A 237 -64.57 20.99 -46.91
C GLY A 237 -64.91 19.67 -47.54
N PRO A 238 -63.92 18.77 -47.71
CA PRO A 238 -64.16 17.46 -48.33
C PRO A 238 -65.20 16.59 -47.59
N ILE A 239 -66.40 16.54 -48.14
CA ILE A 239 -67.47 15.75 -47.53
C ILE A 239 -67.35 14.32 -48.04
N ARG A 240 -67.47 13.35 -47.13
CA ARG A 240 -67.36 11.93 -47.48
C ARG A 240 -68.70 11.27 -47.77
N SER A 241 -68.83 10.66 -48.94
CA SER A 241 -70.04 9.95 -49.31
C SER A 241 -69.66 8.51 -49.70
N GLY A 242 -70.65 7.72 -50.08
CA GLY A 242 -70.39 6.36 -50.47
C GLY A 242 -69.60 6.32 -51.76
N VAL A 243 -69.61 7.42 -52.50
CA VAL A 243 -68.90 7.47 -53.77
C VAL A 243 -67.48 8.04 -53.67
N GLY A 244 -67.17 8.61 -52.51
CA GLY A 244 -65.85 9.20 -52.32
C GLY A 244 -65.90 10.55 -51.62
N PHE A 245 -64.94 11.42 -51.91
CA PHE A 245 -64.90 12.74 -51.30
C PHE A 245 -65.38 13.83 -52.23
N HIS A 246 -66.27 14.67 -51.71
CA HIS A 246 -66.86 15.77 -52.49
C HIS A 246 -66.35 17.12 -52.03
N ILE A 247 -66.23 18.03 -52.98
CA ILE A 247 -65.80 19.38 -52.69
C ILE A 247 -66.66 20.32 -53.52
N LEU A 248 -67.15 21.38 -52.90
CA LEU A 248 -67.98 22.34 -53.62
C LEU A 248 -67.44 23.73 -53.44
N LYS A 249 -67.54 24.52 -54.51
CA LYS A 249 -67.14 25.92 -54.44
C LYS A 249 -68.45 26.67 -54.60
N VAL A 250 -68.73 27.56 -53.67
CA VAL A 250 -69.94 28.36 -53.74
C VAL A 250 -69.61 29.48 -54.75
N ASN A 251 -70.01 29.27 -56.00
CA ASN A 251 -69.76 30.24 -57.06
C ASN A 251 -70.44 31.58 -56.79
N ASP A 252 -71.75 31.58 -56.95
CA ASP A 252 -72.55 32.78 -56.71
C ASP A 252 -73.70 32.38 -55.79
N LEU A 253 -74.31 33.37 -55.16
CA LEU A 253 -75.40 33.10 -54.23
C LEU A 253 -76.46 34.18 -54.37
N ARG A 254 -77.66 33.78 -54.77
CA ARG A 254 -78.74 34.74 -54.94
C ARG A 254 -80.00 34.49 -54.11
N GLY A 255 -80.96 35.41 -54.22
CA GLY A 255 -82.20 35.31 -53.48
C GLY A 255 -83.17 34.28 -54.02
N GLU A 256 -84.11 33.89 -53.15
CA GLU A 256 -85.14 32.90 -53.47
C GLU A 256 -86.35 33.61 -54.09
N SER A 257 -86.59 33.37 -55.38
CA SER A 257 -87.71 33.99 -56.10
C SER A 257 -89.05 33.87 -55.39
N LYS A 258 -89.69 35.01 -55.16
CA LYS A 258 -90.98 35.07 -54.46
C LYS A 258 -91.95 33.99 -54.98
N ASN A 259 -92.89 33.60 -54.13
CA ASN A 259 -93.88 32.59 -54.48
C ASN A 259 -94.87 33.11 -55.53
N ILE A 260 -96.15 32.83 -55.31
CA ILE A 260 -97.22 33.24 -56.21
C ILE A 260 -98.42 33.68 -55.39
N SER A 261 -98.69 34.98 -55.37
CA SER A 261 -99.81 35.52 -54.58
C SER A 261 -101.14 35.68 -55.29
N VAL A 262 -101.73 34.58 -55.74
CA VAL A 262 -103.04 34.62 -56.40
C VAL A 262 -104.08 34.91 -55.31
N THR A 263 -104.79 36.03 -55.41
CA THR A 263 -105.79 36.35 -54.40
C THR A 263 -107.21 36.00 -54.83
N GLU A 264 -107.90 35.19 -54.02
CA GLU A 264 -109.28 34.77 -54.32
C GLU A 264 -110.30 35.47 -53.40
N VAL A 265 -111.55 35.51 -53.83
CA VAL A 265 -112.62 36.15 -53.04
C VAL A 265 -113.83 35.24 -52.90
N HIS A 266 -114.47 35.28 -51.73
CA HIS A 266 -115.65 34.48 -51.48
C HIS A 266 -116.87 35.43 -51.54
N ALA A 267 -117.71 35.25 -52.56
CA ALA A 267 -118.85 36.14 -52.67
C ALA A 267 -120.18 35.45 -52.93
N ARG A 268 -121.25 36.21 -52.75
CA ARG A 268 -122.61 35.74 -52.96
C ARG A 268 -123.30 36.80 -53.79
N HIS A 269 -124.34 36.39 -54.51
CA HIS A 269 -125.09 37.33 -55.32
C HIS A 269 -126.47 36.77 -55.62
N ILE A 270 -127.39 37.67 -55.90
CA ILE A 270 -128.74 37.28 -56.24
C ILE A 270 -128.86 37.85 -57.65
N LEU A 271 -129.04 36.96 -58.62
CA LEU A 271 -129.13 37.39 -60.01
C LEU A 271 -130.54 37.64 -60.53
N LEU A 272 -130.73 38.78 -61.16
CA LEU A 272 -132.01 39.16 -61.74
C LEU A 272 -131.83 39.64 -63.18
N LYS A 273 -131.53 38.71 -64.07
CA LYS A 273 -131.33 39.03 -65.48
C LYS A 273 -132.65 39.55 -66.05
N PRO A 274 -132.65 40.77 -66.60
CA PRO A 274 -133.89 41.31 -67.18
C PRO A 274 -134.34 40.48 -68.36
N SER A 275 -135.50 40.80 -68.92
CA SER A 275 -136.03 40.04 -70.05
C SER A 275 -137.18 40.79 -70.72
N PRO A 276 -137.84 40.17 -71.71
CA PRO A 276 -138.96 40.82 -72.41
C PRO A 276 -140.05 41.31 -71.44
N ILE A 277 -140.15 40.65 -70.29
CA ILE A 277 -141.15 41.00 -69.28
C ILE A 277 -140.66 42.11 -68.34
N MET A 278 -139.56 41.86 -67.66
CA MET A 278 -139.00 42.85 -66.73
C MET A 278 -137.92 43.69 -67.39
N THR A 279 -138.08 45.01 -67.33
CA THR A 279 -137.11 45.92 -67.92
C THR A 279 -135.96 46.10 -66.95
N ASP A 280 -134.98 46.92 -67.33
CA ASP A 280 -133.84 47.17 -66.46
C ASP A 280 -134.25 47.96 -65.23
N GLU A 281 -135.13 48.94 -65.40
CA GLU A 281 -135.59 49.74 -64.27
C GLU A 281 -136.43 48.87 -63.34
N GLN A 282 -137.00 47.81 -63.91
CA GLN A 282 -137.81 46.86 -63.16
C GLN A 282 -136.93 45.84 -62.46
N ALA A 283 -135.92 45.36 -63.18
CA ALA A 283 -134.99 44.37 -62.63
C ALA A 283 -134.07 45.02 -61.60
N ARG A 284 -134.00 46.35 -61.63
CA ARG A 284 -133.17 47.09 -60.70
C ARG A 284 -133.93 47.39 -59.42
N VAL A 285 -135.02 48.15 -59.57
CA VAL A 285 -135.85 48.50 -58.42
C VAL A 285 -136.27 47.27 -57.64
N LYS A 286 -136.52 46.16 -58.35
CA LYS A 286 -136.92 44.93 -57.67
C LYS A 286 -135.82 44.59 -56.65
N LEU A 287 -134.57 44.72 -57.07
CA LEU A 287 -133.44 44.44 -56.20
C LEU A 287 -133.44 45.37 -55.00
N GLU A 288 -133.36 46.68 -55.27
CA GLU A 288 -133.35 47.68 -54.21
C GLU A 288 -134.28 47.27 -53.06
N GLN A 289 -135.42 46.67 -53.40
CA GLN A 289 -136.37 46.22 -52.38
C GLN A 289 -135.88 44.90 -51.79
N ILE A 290 -135.59 43.93 -52.66
CA ILE A 290 -135.11 42.62 -52.23
C ILE A 290 -133.83 42.77 -51.39
N ALA A 291 -133.29 43.97 -51.37
CA ALA A 291 -132.08 44.28 -50.64
C ALA A 291 -132.39 44.88 -49.28
N ALA A 292 -133.20 45.94 -49.29
CA ALA A 292 -133.58 46.65 -48.06
C ALA A 292 -134.28 45.70 -47.07
N ASP A 293 -134.87 44.64 -47.60
CA ASP A 293 -135.55 43.65 -46.76
C ASP A 293 -134.49 42.80 -46.05
N ILE A 294 -133.35 42.59 -46.73
CA ILE A 294 -132.25 41.80 -46.17
C ILE A 294 -131.60 42.58 -45.03
N LYS A 295 -131.42 43.89 -45.26
CA LYS A 295 -130.81 44.76 -44.27
C LYS A 295 -131.76 44.97 -43.09
N SER A 296 -133.06 45.05 -43.36
CA SER A 296 -134.08 45.29 -42.34
C SER A 296 -134.70 44.02 -41.76
N GLY A 297 -133.90 42.96 -41.66
CA GLY A 297 -134.38 41.70 -41.09
C GLY A 297 -135.64 41.09 -41.70
N LYS A 298 -136.31 41.83 -42.58
CA LYS A 298 -137.53 41.35 -43.22
C LYS A 298 -137.30 39.96 -43.81
N THR A 299 -136.07 39.71 -44.24
CA THR A 299 -135.68 38.42 -44.82
C THR A 299 -134.17 38.33 -44.95
N THR A 300 -133.67 37.10 -45.03
CA THR A 300 -132.24 36.88 -45.16
C THR A 300 -131.80 36.96 -46.63
N PHE A 301 -130.52 37.19 -46.86
CA PHE A 301 -129.96 37.30 -48.20
C PHE A 301 -130.01 35.93 -48.88
N ALA A 302 -129.56 34.91 -48.17
CA ALA A 302 -129.57 33.57 -48.72
C ALA A 302 -131.02 33.16 -49.04
N ALA A 303 -131.97 33.78 -48.35
CA ALA A 303 -133.38 33.50 -48.56
C ALA A 303 -133.76 34.07 -49.90
N ALA A 304 -133.43 35.34 -50.12
CA ALA A 304 -133.72 36.02 -51.38
C ALA A 304 -132.91 35.36 -52.50
N ALA A 305 -131.83 34.68 -52.15
CA ALA A 305 -131.02 34.03 -53.15
C ALA A 305 -131.80 32.88 -53.75
N LYS A 306 -132.01 31.85 -52.94
CA LYS A 306 -132.76 30.66 -53.36
C LYS A 306 -134.18 31.06 -53.75
N GLU A 307 -134.46 32.36 -53.69
CA GLU A 307 -135.79 32.88 -54.00
C GLU A 307 -135.90 33.66 -55.31
N PHE A 308 -134.93 34.50 -55.62
CA PHE A 308 -135.00 35.29 -56.85
C PHE A 308 -133.78 35.10 -57.77
N SER A 309 -132.65 34.67 -57.21
CA SER A 309 -131.44 34.47 -58.00
C SER A 309 -131.74 33.61 -59.22
N GLN A 310 -131.38 34.13 -60.38
CA GLN A 310 -131.59 33.43 -61.64
C GLN A 310 -130.31 32.75 -62.10
N ASP A 311 -129.51 32.31 -61.14
CA ASP A 311 -128.26 31.62 -61.45
C ASP A 311 -128.16 30.28 -60.74
N PRO A 312 -128.74 29.23 -61.32
CA PRO A 312 -128.63 27.94 -60.65
C PRO A 312 -127.13 27.67 -60.43
N GLY A 313 -126.80 26.83 -59.47
CA GLY A 313 -125.39 26.59 -59.19
C GLY A 313 -124.97 27.65 -58.18
N SER A 314 -125.85 28.62 -58.01
CA SER A 314 -125.68 29.73 -57.08
C SER A 314 -126.94 29.87 -56.22
N ALA A 315 -128.08 30.10 -56.87
CA ALA A 315 -129.35 30.27 -56.17
C ALA A 315 -129.68 29.09 -55.25
N ASN A 316 -129.31 27.88 -55.64
CA ASN A 316 -129.56 26.72 -54.81
C ASN A 316 -128.56 26.62 -53.68
N GLN A 317 -127.53 27.47 -53.73
CA GLN A 317 -126.50 27.47 -52.70
C GLN A 317 -126.62 28.72 -51.82
N GLY A 318 -127.74 29.42 -51.94
CA GLY A 318 -127.94 30.61 -51.14
C GLY A 318 -127.28 31.81 -51.78
N GLY A 319 -126.74 31.62 -52.98
CA GLY A 319 -126.08 32.69 -53.69
C GLY A 319 -124.58 32.59 -53.59
N ASP A 320 -124.12 31.49 -52.99
CA ASP A 320 -122.68 31.25 -52.80
C ASP A 320 -121.99 30.98 -54.14
N LEU A 321 -121.03 31.82 -54.51
CA LEU A 321 -120.30 31.61 -55.74
C LEU A 321 -119.05 30.79 -55.45
N GLY A 322 -118.88 30.40 -54.20
CA GLY A 322 -117.72 29.62 -53.79
C GLY A 322 -116.49 30.50 -53.84
N TRP A 323 -115.30 29.89 -53.73
CA TRP A 323 -114.08 30.69 -53.80
C TRP A 323 -113.67 30.77 -55.27
N ALA A 324 -113.28 31.97 -55.67
CA ALA A 324 -112.86 32.21 -57.03
C ALA A 324 -111.88 33.37 -57.09
N THR A 325 -111.19 33.51 -58.22
CA THR A 325 -110.29 34.62 -58.42
C THR A 325 -111.15 35.70 -59.10
N PRO A 326 -111.15 36.92 -58.54
CA PRO A 326 -111.94 38.01 -59.10
C PRO A 326 -111.93 38.17 -60.63
N ASP A 327 -110.81 37.90 -61.27
CA ASP A 327 -110.76 38.06 -62.71
C ASP A 327 -111.77 37.21 -63.48
N ILE A 328 -112.16 36.08 -62.91
CA ILE A 328 -113.14 35.17 -63.53
C ILE A 328 -114.53 35.81 -63.72
N PHE A 329 -114.80 36.88 -62.98
CA PHE A 329 -116.09 37.53 -63.07
C PHE A 329 -116.14 38.62 -64.14
N ASP A 330 -117.36 39.05 -64.41
CA ASP A 330 -117.63 40.12 -65.36
C ASP A 330 -116.91 41.34 -64.77
N PRO A 331 -116.47 42.29 -65.62
CA PRO A 331 -115.77 43.48 -65.13
C PRO A 331 -116.59 44.37 -64.17
N ALA A 332 -117.87 44.56 -64.49
CA ALA A 332 -118.74 45.37 -63.64
C ALA A 332 -118.82 44.74 -62.27
N PHE A 333 -119.01 43.43 -62.26
CA PHE A 333 -119.10 42.65 -61.04
C PHE A 333 -117.77 42.79 -60.32
N ARG A 334 -116.69 42.38 -60.99
CA ARG A 334 -115.36 42.48 -60.42
C ARG A 334 -115.13 43.86 -59.81
N ASP A 335 -115.61 44.91 -60.46
CA ASP A 335 -115.42 46.27 -59.95
C ASP A 335 -116.08 46.54 -58.60
N ALA A 336 -117.40 46.37 -58.52
CA ALA A 336 -118.13 46.59 -57.28
C ALA A 336 -117.43 45.79 -56.20
N LEU A 337 -117.00 44.59 -56.58
CA LEU A 337 -116.33 43.68 -55.69
C LEU A 337 -115.11 44.39 -55.09
N THR A 338 -114.44 45.23 -55.88
CA THR A 338 -113.29 45.97 -55.38
C THR A 338 -113.65 47.06 -54.37
N ARG A 339 -114.74 47.76 -54.61
CA ARG A 339 -115.17 48.83 -53.72
C ARG A 339 -116.06 48.36 -52.56
N LEU A 340 -115.80 47.15 -52.05
CA LEU A 340 -116.57 46.62 -50.94
C LEU A 340 -115.75 46.17 -49.74
N ASN A 341 -116.35 46.27 -48.55
CA ASN A 341 -115.72 45.85 -47.32
C ASN A 341 -116.23 44.44 -47.00
N LYS A 342 -115.42 43.63 -46.35
CA LYS A 342 -115.86 42.28 -46.02
C LYS A 342 -117.24 42.30 -45.38
N GLY A 343 -118.10 41.39 -45.85
CA GLY A 343 -119.45 41.28 -45.32
C GLY A 343 -120.42 42.34 -45.81
N GLN A 344 -119.89 43.38 -46.44
CA GLN A 344 -120.72 44.49 -46.95
C GLN A 344 -121.50 44.07 -48.20
N MET A 345 -122.59 44.78 -48.48
CA MET A 345 -123.40 44.46 -49.64
C MET A 345 -123.34 45.62 -50.63
N SER A 346 -123.52 45.28 -51.91
CA SER A 346 -123.47 46.27 -52.97
C SER A 346 -124.87 46.69 -53.39
N ALA A 347 -124.94 47.78 -54.13
CA ALA A 347 -126.21 48.26 -54.64
C ALA A 347 -126.46 47.40 -55.87
N PRO A 348 -127.61 47.56 -56.54
CA PRO A 348 -127.78 46.70 -57.71
C PRO A 348 -126.64 46.96 -58.69
N VAL A 349 -125.99 45.89 -59.16
CA VAL A 349 -124.89 46.04 -60.11
C VAL A 349 -125.21 45.36 -61.42
N HIS A 350 -125.25 46.18 -62.46
CA HIS A 350 -125.56 45.76 -63.83
C HIS A 350 -124.31 45.22 -64.56
N SER A 351 -124.40 44.00 -65.06
CA SER A 351 -123.30 43.37 -65.76
C SER A 351 -123.76 42.81 -67.10
N SER A 352 -122.96 41.92 -67.69
CA SER A 352 -123.28 41.31 -68.98
C SER A 352 -124.28 40.16 -68.90
N PHE A 353 -124.66 39.77 -67.68
CA PHE A 353 -125.60 38.67 -67.51
C PHE A 353 -126.91 39.13 -66.88
N GLY A 354 -126.93 40.39 -66.44
CA GLY A 354 -128.14 40.91 -65.82
C GLY A 354 -127.81 41.81 -64.64
N TRP A 355 -128.75 41.90 -63.69
CA TRP A 355 -128.56 42.71 -62.49
C TRP A 355 -128.45 41.81 -61.27
N HIS A 356 -127.63 42.21 -60.31
CA HIS A 356 -127.47 41.45 -59.08
C HIS A 356 -126.91 42.26 -57.94
N LEU A 357 -127.15 41.73 -56.72
CA LEU A 357 -126.64 42.31 -55.48
C LEU A 357 -125.44 41.44 -55.13
N ILE A 358 -124.31 42.07 -54.83
CA ILE A 358 -123.10 41.33 -54.53
C ILE A 358 -122.63 41.57 -53.12
N GLU A 359 -122.44 40.49 -52.38
CA GLU A 359 -121.94 40.60 -51.03
C GLU A 359 -120.54 39.97 -51.05
N LEU A 360 -119.56 40.73 -50.58
CA LEU A 360 -118.19 40.26 -50.51
C LEU A 360 -118.05 39.61 -49.15
N LEU A 361 -117.98 38.28 -49.12
CA LEU A 361 -117.88 37.59 -47.83
C LEU A 361 -116.49 37.55 -47.25
N ASP A 362 -115.52 37.07 -48.03
CA ASP A 362 -114.16 37.00 -47.54
C ASP A 362 -113.10 37.10 -48.63
N THR A 363 -111.85 37.22 -48.19
CA THR A 363 -110.71 37.33 -49.09
C THR A 363 -109.59 36.47 -48.55
N ARG A 364 -108.76 35.94 -49.45
CA ARG A 364 -107.63 35.13 -49.01
C ARG A 364 -106.59 35.08 -50.12
N ASN A 365 -105.35 34.80 -49.73
CA ASN A 365 -104.26 34.69 -50.68
C ASN A 365 -103.79 33.24 -50.71
N VAL A 366 -103.40 32.78 -51.90
CA VAL A 366 -102.92 31.42 -52.08
C VAL A 366 -101.61 31.44 -52.87
N ASP A 375 -95.52 16.43 -53.09
CA ASP A 375 -94.85 15.51 -53.95
C ASP A 375 -93.36 15.79 -54.03
N ARG A 376 -93.04 17.06 -54.21
CA ARG A 376 -91.65 17.53 -54.32
C ARG A 376 -90.68 16.92 -53.29
N ALA A 377 -91.10 16.78 -52.05
CA ALA A 377 -90.22 16.21 -51.03
C ALA A 377 -89.80 14.80 -51.40
N TYR A 378 -90.70 14.05 -52.04
CA TYR A 378 -90.38 12.69 -52.44
C TYR A 378 -89.58 12.68 -53.73
N ARG A 379 -89.87 13.62 -54.61
CA ARG A 379 -89.13 13.70 -55.87
C ARG A 379 -87.69 14.03 -55.48
N MET A 380 -87.52 14.92 -54.51
CA MET A 380 -86.19 15.30 -54.02
C MET A 380 -85.44 14.09 -53.46
N LEU A 381 -86.15 13.20 -52.80
CA LEU A 381 -85.52 12.00 -52.26
C LEU A 381 -85.06 11.10 -53.42
N MET A 382 -86.00 10.73 -54.27
CA MET A 382 -85.66 9.87 -55.39
C MET A 382 -84.55 10.45 -56.26
N ASN A 383 -84.51 11.78 -56.37
CA ASN A 383 -83.49 12.38 -57.16
C ASN A 383 -82.19 12.16 -56.48
N ARG A 384 -82.17 12.36 -55.16
CA ARG A 384 -80.93 12.15 -54.41
C ARG A 384 -80.45 10.72 -54.62
N LYS A 385 -81.37 9.77 -54.60
CA LYS A 385 -80.99 8.37 -54.81
C LYS A 385 -80.35 8.14 -56.18
N PHE A 386 -81.06 8.50 -57.25
CA PHE A 386 -80.56 8.35 -58.60
C PHE A 386 -79.14 8.89 -58.65
N SER A 387 -78.93 10.00 -57.95
CA SER A 387 -77.63 10.63 -57.88
C SER A 387 -76.54 9.67 -57.41
N GLU A 388 -76.66 9.19 -56.19
CA GLU A 388 -75.67 8.28 -55.65
C GLU A 388 -75.53 7.04 -56.53
N GLU A 389 -76.65 6.41 -56.87
CA GLU A 389 -76.61 5.21 -57.70
C GLU A 389 -75.81 5.38 -58.99
N ALA A 390 -76.17 6.40 -59.74
CA ALA A 390 -75.50 6.69 -60.99
C ALA A 390 -74.00 6.72 -60.78
N ALA A 391 -73.56 7.35 -59.70
CA ALA A 391 -72.14 7.45 -59.42
C ALA A 391 -71.49 6.09 -59.17
N SER A 392 -71.97 5.35 -58.17
CA SER A 392 -71.38 4.04 -57.91
C SER A 392 -71.50 3.11 -59.13
N TRP A 393 -72.63 3.19 -59.85
CA TRP A 393 -72.81 2.35 -61.02
C TRP A 393 -71.63 2.48 -61.95
N MET A 394 -71.28 3.72 -62.29
CA MET A 394 -70.14 3.92 -63.17
C MET A 394 -68.90 3.47 -62.41
N GLN A 395 -68.75 3.93 -61.17
CA GLN A 395 -67.60 3.49 -60.39
C GLN A 395 -67.42 1.97 -60.66
N GLU A 396 -68.49 1.19 -60.50
CA GLU A 396 -68.43 -0.26 -60.72
C GLU A 396 -68.18 -0.66 -62.17
N GLN A 397 -69.00 -0.17 -63.10
CA GLN A 397 -68.78 -0.51 -64.49
C GLN A 397 -67.32 -0.31 -64.87
N ARG A 398 -66.81 0.89 -64.65
CA ARG A 398 -65.42 1.17 -64.98
C ARG A 398 -64.48 0.20 -64.27
N ALA A 399 -64.65 0.03 -62.98
CA ALA A 399 -63.77 -0.85 -62.20
C ALA A 399 -63.63 -2.28 -62.69
N SER A 400 -64.76 -2.87 -63.08
CA SER A 400 -64.79 -4.24 -63.53
C SER A 400 -64.53 -4.43 -65.01
N ALA A 401 -64.50 -3.36 -65.78
CA ALA A 401 -64.32 -3.52 -67.22
C ALA A 401 -62.93 -3.95 -67.66
N TYR A 402 -62.86 -4.52 -68.86
CA TYR A 402 -61.57 -4.91 -69.44
C TYR A 402 -61.00 -3.64 -70.12
N VAL A 403 -60.05 -2.97 -69.49
CA VAL A 403 -59.51 -1.76 -70.12
C VAL A 403 -57.99 -1.87 -70.27
N LYS A 404 -57.51 -1.42 -71.43
CA LYS A 404 -56.08 -1.46 -71.76
C LYS A 404 -55.66 -0.17 -72.42
N ILE A 405 -54.93 0.67 -71.69
CA ILE A 405 -54.49 1.94 -72.26
C ILE A 405 -53.14 1.80 -72.95
N LEU A 406 -53.12 1.98 -74.27
CA LEU A 406 -51.88 1.85 -75.01
C LEU A 406 -50.94 3.04 -74.78
N SER A 407 -49.70 2.69 -74.42
CA SER A 407 -48.63 3.62 -74.12
C SER A 407 -48.11 4.11 -75.46
N VAL B 5 -47.74 0.79 21.12
CA VAL B 5 -46.37 1.12 21.61
C VAL B 5 -45.24 0.42 20.81
N ASP B 6 -45.08 0.83 19.55
CA ASP B 6 -44.08 0.29 18.64
C ASP B 6 -42.79 1.12 18.72
N LYS B 7 -41.85 0.65 19.54
CA LYS B 7 -40.57 1.31 19.74
C LYS B 7 -39.85 1.59 18.44
N VAL B 8 -38.86 2.47 18.50
CA VAL B 8 -38.05 2.77 17.34
C VAL B 8 -36.68 2.07 17.52
N ALA B 9 -36.26 1.31 16.52
CA ALA B 9 -34.99 0.62 16.60
C ALA B 9 -33.85 1.51 16.13
N ALA B 10 -34.17 2.43 15.22
CA ALA B 10 -33.17 3.35 14.71
C ALA B 10 -33.76 4.55 13.95
N VAL B 11 -33.06 5.67 13.99
CA VAL B 11 -33.51 6.86 13.28
C VAL B 11 -32.67 6.92 12.00
N VAL B 12 -33.32 7.20 10.89
CA VAL B 12 -32.66 7.24 9.59
C VAL B 12 -33.10 8.50 8.88
N ASN B 13 -32.28 9.56 8.96
CA ASN B 13 -32.57 10.85 8.30
C ASN B 13 -33.97 11.35 8.66
N ASN B 14 -34.83 11.47 7.67
CA ASN B 14 -36.20 11.93 7.89
C ASN B 14 -37.12 10.72 8.07
N GLY B 15 -36.86 9.95 9.12
CA GLY B 15 -37.66 8.78 9.38
C GLY B 15 -37.01 7.85 10.40
N VAL B 16 -37.64 6.69 10.60
CA VAL B 16 -37.13 5.71 11.55
C VAL B 16 -37.31 4.26 11.10
N VAL B 17 -36.69 3.36 11.85
CA VAL B 17 -36.79 1.93 11.60
C VAL B 17 -37.51 1.36 12.81
N LEU B 18 -38.77 0.98 12.62
CA LEU B 18 -39.57 0.46 13.72
C LEU B 18 -39.24 -0.92 14.23
N GLU B 19 -39.41 -1.09 15.53
CA GLU B 19 -39.14 -2.36 16.16
C GLU B 19 -39.94 -3.45 15.44
N SER B 20 -41.16 -3.12 15.05
CA SER B 20 -42.01 -4.09 14.35
C SER B 20 -41.35 -4.52 13.05
N ASP B 21 -40.93 -3.56 12.24
CA ASP B 21 -40.27 -3.84 10.96
C ASP B 21 -39.09 -4.79 11.12
N VAL B 22 -38.36 -4.65 12.23
CA VAL B 22 -37.21 -5.50 12.52
C VAL B 22 -37.67 -6.92 12.78
N ASP B 23 -38.78 -7.06 13.49
CA ASP B 23 -39.33 -8.38 13.82
C ASP B 23 -39.79 -9.08 12.56
N GLY B 24 -40.42 -8.33 11.67
CA GLY B 24 -40.90 -8.92 10.44
C GLY B 24 -39.79 -9.53 9.60
N LEU B 25 -38.68 -8.82 9.47
CA LEU B 25 -37.58 -9.32 8.67
C LEU B 25 -36.91 -10.45 9.40
N MET B 26 -36.87 -10.33 10.72
CA MET B 26 -36.27 -11.37 11.53
C MET B 26 -37.02 -12.67 11.26
N GLN B 27 -38.34 -12.62 11.39
CA GLN B 27 -39.19 -13.78 11.17
C GLN B 27 -39.15 -14.32 9.75
N SER B 28 -38.96 -13.41 8.79
CA SER B 28 -38.87 -13.82 7.41
C SER B 28 -37.63 -14.68 7.24
N VAL B 29 -36.49 -14.18 7.69
CA VAL B 29 -35.24 -14.93 7.59
C VAL B 29 -35.33 -16.24 8.36
N LYS B 30 -35.92 -16.19 9.55
CA LYS B 30 -36.06 -17.38 10.37
C LYS B 30 -36.83 -18.48 9.62
N LEU B 31 -38.04 -18.18 9.18
CA LEU B 31 -38.84 -19.15 8.44
C LEU B 31 -38.09 -19.68 7.23
N ASN B 32 -37.70 -18.77 6.35
CA ASN B 32 -36.98 -19.15 5.15
C ASN B 32 -35.75 -19.95 5.48
N ALA B 33 -35.14 -19.66 6.61
CA ALA B 33 -33.95 -20.41 7.00
C ALA B 33 -34.36 -21.85 7.34
N ALA B 34 -35.41 -21.98 8.14
CA ALA B 34 -35.90 -23.28 8.54
C ALA B 34 -36.37 -24.09 7.34
N GLN B 35 -37.29 -23.49 6.58
CA GLN B 35 -37.86 -24.11 5.39
C GLN B 35 -36.79 -24.46 4.34
N ALA B 36 -35.52 -24.35 4.73
CA ALA B 36 -34.41 -24.62 3.84
C ALA B 36 -33.25 -25.31 4.56
N ARG B 37 -33.47 -25.71 5.81
CA ARG B 37 -32.43 -26.36 6.59
C ARG B 37 -31.14 -25.55 6.51
N GLN B 38 -31.17 -24.32 7.04
CA GLN B 38 -30.00 -23.44 7.01
C GLN B 38 -29.68 -22.86 8.37
N GLN B 39 -28.48 -23.13 8.87
CA GLN B 39 -28.06 -22.60 10.17
C GLN B 39 -28.01 -21.07 10.16
N LEU B 40 -28.43 -20.46 11.26
CA LEU B 40 -28.43 -19.01 11.39
C LEU B 40 -27.53 -18.57 12.51
N PRO B 41 -26.85 -17.43 12.35
CA PRO B 41 -26.00 -17.06 13.49
C PRO B 41 -26.89 -16.59 14.66
N ASP B 42 -26.31 -16.43 15.84
CA ASP B 42 -27.07 -16.01 17.02
C ASP B 42 -27.88 -14.75 16.74
N ASP B 43 -29.04 -14.66 17.37
CA ASP B 43 -29.95 -13.53 17.18
C ASP B 43 -29.33 -12.16 17.29
N ALA B 44 -28.14 -12.08 17.87
CA ALA B 44 -27.47 -10.79 18.01
C ALA B 44 -26.97 -10.36 16.64
N THR B 45 -26.12 -11.19 16.07
CA THR B 45 -25.53 -10.98 14.75
C THR B 45 -26.65 -10.74 13.76
N LEU B 46 -27.63 -11.63 13.81
CA LEU B 46 -28.77 -11.58 12.92
C LEU B 46 -29.49 -10.25 12.95
N ARG B 47 -29.79 -9.76 14.15
CA ARG B 47 -30.47 -8.48 14.25
C ARG B 47 -29.63 -7.43 13.56
N HIS B 48 -28.32 -7.46 13.79
CA HIS B 48 -27.44 -6.48 13.18
C HIS B 48 -27.64 -6.41 11.66
N GLN B 49 -27.52 -7.56 11.01
CA GLN B 49 -27.69 -7.67 9.57
C GLN B 49 -29.04 -7.16 9.14
N ILE B 50 -30.08 -7.58 9.86
CA ILE B 50 -31.43 -7.14 9.55
C ILE B 50 -31.53 -5.62 9.67
N MET B 51 -30.84 -5.07 10.66
CA MET B 51 -30.83 -3.63 10.87
C MET B 51 -30.21 -2.96 9.65
N GLU B 52 -28.99 -3.38 9.32
CA GLU B 52 -28.30 -2.81 8.19
C GLU B 52 -29.16 -2.79 6.95
N ARG B 53 -29.90 -3.88 6.72
CA ARG B 53 -30.80 -3.97 5.56
C ARG B 53 -31.91 -2.95 5.72
N LEU B 54 -32.57 -2.96 6.88
CA LEU B 54 -33.68 -2.04 7.11
C LEU B 54 -33.29 -0.57 7.01
N ILE B 55 -32.19 -0.20 7.67
CA ILE B 55 -31.71 1.18 7.65
C ILE B 55 -31.53 1.59 6.20
N MET B 56 -30.95 0.69 5.40
CA MET B 56 -30.71 0.98 4.01
C MET B 56 -32.03 1.10 3.27
N ASP B 57 -32.89 0.09 3.41
CA ASP B 57 -34.17 0.16 2.74
C ASP B 57 -34.79 1.52 3.03
N GLN B 58 -34.60 2.01 4.27
CA GLN B 58 -35.17 3.30 4.68
C GLN B 58 -34.60 4.46 3.89
N ILE B 59 -33.27 4.59 3.91
CA ILE B 59 -32.58 5.66 3.17
C ILE B 59 -33.03 5.70 1.70
N ILE B 60 -32.84 4.62 0.98
CA ILE B 60 -33.21 4.63 -0.41
C ILE B 60 -34.72 4.79 -0.59
N LEU B 61 -35.50 4.59 0.48
CA LEU B 61 -36.95 4.75 0.35
C LEU B 61 -37.36 6.23 0.50
N GLN B 62 -36.73 6.93 1.43
CA GLN B 62 -37.02 8.35 1.63
C GLN B 62 -36.59 9.05 0.36
N MET B 63 -35.44 8.62 -0.14
CA MET B 63 -34.88 9.15 -1.37
C MET B 63 -36.02 9.14 -2.38
N GLY B 64 -36.59 7.96 -2.63
CA GLY B 64 -37.68 7.83 -3.58
C GLY B 64 -38.79 8.83 -3.34
N GLN B 65 -39.06 9.13 -2.08
CA GLN B 65 -40.10 10.09 -1.74
C GLN B 65 -39.73 11.47 -2.30
N LYS B 66 -38.61 12.01 -1.84
CA LYS B 66 -38.14 13.31 -2.31
C LYS B 66 -38.21 13.42 -3.84
N MET B 67 -37.48 12.57 -4.55
CA MET B 67 -37.50 12.62 -6.00
C MET B 67 -38.83 12.13 -6.59
N GLY B 68 -39.89 12.27 -5.79
CA GLY B 68 -41.23 11.88 -6.20
C GLY B 68 -41.41 10.63 -7.04
N VAL B 69 -41.25 9.47 -6.42
CA VAL B 69 -41.42 8.22 -7.13
C VAL B 69 -42.74 7.60 -6.72
N LYS B 70 -43.62 7.37 -7.68
CA LYS B 70 -44.93 6.78 -7.42
C LYS B 70 -45.12 5.51 -8.25
N ILE B 71 -45.86 4.56 -7.71
CA ILE B 71 -46.12 3.33 -8.43
C ILE B 71 -47.63 3.17 -8.61
N SER B 72 -48.08 3.31 -9.85
CA SER B 72 -49.50 3.20 -10.18
C SER B 72 -50.02 1.80 -9.89
N ASP B 73 -51.25 1.72 -9.40
CA ASP B 73 -51.85 0.43 -9.09
C ASP B 73 -51.74 -0.52 -10.27
N GLU B 74 -51.81 0.03 -11.48
CA GLU B 74 -51.73 -0.77 -12.69
C GLU B 74 -50.42 -1.56 -12.75
N GLN B 75 -49.31 -0.90 -12.42
CA GLN B 75 -48.00 -1.54 -12.44
C GLN B 75 -47.92 -2.54 -11.29
N LEU B 76 -48.37 -2.12 -10.12
CA LEU B 76 -48.37 -2.97 -8.93
C LEU B 76 -48.94 -4.32 -9.28
N ASP B 77 -50.18 -4.31 -9.78
CA ASP B 77 -50.89 -5.52 -10.15
C ASP B 77 -50.05 -6.41 -11.03
N GLN B 78 -49.38 -5.80 -11.99
CA GLN B 78 -48.52 -6.56 -12.89
C GLN B 78 -47.41 -7.26 -12.09
N ALA B 79 -46.87 -6.53 -11.11
CA ALA B 79 -45.81 -7.06 -10.26
C ALA B 79 -46.30 -8.27 -9.50
N ILE B 80 -47.37 -8.08 -8.74
CA ILE B 80 -47.97 -9.16 -7.96
C ILE B 80 -48.26 -10.33 -8.88
N ALA B 81 -48.78 -9.99 -10.05
CA ALA B 81 -49.11 -10.97 -11.07
C ALA B 81 -47.88 -11.83 -11.36
N ASN B 82 -46.76 -11.17 -11.63
CA ASN B 82 -45.50 -11.86 -11.93
C ASN B 82 -45.05 -12.74 -10.80
N ILE B 83 -45.25 -12.28 -9.57
CA ILE B 83 -44.84 -13.06 -8.41
C ILE B 83 -45.70 -14.34 -8.38
N ALA B 84 -46.96 -14.19 -8.76
CA ALA B 84 -47.91 -15.30 -8.79
C ALA B 84 -47.46 -16.30 -9.85
N LYS B 85 -47.07 -15.78 -11.01
CA LYS B 85 -46.61 -16.60 -12.12
C LYS B 85 -45.30 -17.24 -11.75
N GLN B 86 -44.41 -16.44 -11.17
CA GLN B 86 -43.10 -16.93 -10.74
C GLN B 86 -43.31 -18.05 -9.71
N ASN B 87 -44.52 -18.13 -9.15
CA ASN B 87 -44.82 -19.15 -8.16
C ASN B 87 -45.93 -20.14 -8.50
N ASN B 88 -46.23 -20.27 -9.78
CA ASN B 88 -47.23 -21.22 -10.25
C ASN B 88 -48.68 -20.95 -9.86
N MET B 89 -49.17 -19.76 -10.12
CA MET B 89 -50.55 -19.45 -9.78
C MET B 89 -51.09 -18.26 -10.54
N THR B 90 -52.41 -18.04 -10.45
CA THR B 90 -53.05 -16.92 -11.14
C THR B 90 -53.23 -15.82 -10.10
N LEU B 91 -53.48 -14.59 -10.53
CA LEU B 91 -53.64 -13.52 -9.55
C LEU B 91 -54.65 -13.94 -8.48
N ASP B 92 -55.81 -14.44 -8.90
CA ASP B 92 -56.84 -14.90 -7.95
C ASP B 92 -56.25 -16.00 -7.09
N GLN B 93 -55.64 -16.97 -7.78
CA GLN B 93 -55.03 -18.14 -7.17
C GLN B 93 -54.05 -17.81 -6.06
N MET B 94 -53.44 -16.64 -6.14
CA MET B 94 -52.48 -16.17 -5.15
C MET B 94 -53.21 -15.30 -4.14
N ARG B 95 -54.12 -14.46 -4.63
CA ARG B 95 -54.89 -13.58 -3.78
C ARG B 95 -55.63 -14.36 -2.70
N SER B 96 -56.09 -15.56 -3.09
CA SER B 96 -56.81 -16.41 -2.17
C SER B 96 -55.86 -17.01 -1.15
N ARG B 97 -54.72 -17.51 -1.62
CA ARG B 97 -53.73 -18.09 -0.71
C ARG B 97 -53.38 -17.09 0.38
N LEU B 98 -53.20 -15.83 -0.02
CA LEU B 98 -52.88 -14.78 0.93
C LEU B 98 -54.04 -14.68 1.90
N ALA B 99 -55.25 -14.66 1.36
CA ALA B 99 -56.45 -14.58 2.17
C ALA B 99 -56.43 -15.72 3.18
N TYR B 100 -56.21 -16.92 2.65
CA TYR B 100 -56.15 -18.14 3.45
C TYR B 100 -55.05 -18.03 4.51
N ASP B 101 -53.95 -17.36 4.17
CA ASP B 101 -52.87 -17.21 5.13
C ASP B 101 -53.18 -16.18 6.19
N GLY B 102 -54.23 -15.39 5.94
CA GLY B 102 -54.66 -14.38 6.90
C GLY B 102 -54.20 -12.94 6.65
N LEU B 103 -53.67 -12.69 5.45
CA LEU B 103 -53.15 -11.37 5.08
C LEU B 103 -54.14 -10.38 4.47
N ASN B 104 -54.05 -9.14 4.93
CA ASN B 104 -54.90 -8.10 4.39
C ASN B 104 -54.27 -7.78 3.05
N TYR B 105 -55.04 -7.95 1.97
CA TYR B 105 -54.52 -7.69 0.63
C TYR B 105 -53.82 -6.35 0.42
N ASN B 106 -54.40 -5.27 0.93
CA ASN B 106 -53.81 -3.95 0.78
C ASN B 106 -52.47 -3.83 1.50
N THR B 107 -52.43 -4.30 2.74
CA THR B 107 -51.19 -4.29 3.53
C THR B 107 -50.10 -4.94 2.69
N TYR B 108 -50.48 -5.99 1.97
CA TYR B 108 -49.57 -6.73 1.12
C TYR B 108 -49.13 -5.86 -0.05
N ARG B 109 -50.08 -5.38 -0.84
CA ARG B 109 -49.74 -4.53 -1.98
C ARG B 109 -48.78 -3.42 -1.54
N ASN B 110 -49.09 -2.80 -0.42
CA ASN B 110 -48.27 -1.72 0.12
C ASN B 110 -46.83 -2.16 0.39
N GLN B 111 -46.66 -3.43 0.74
CA GLN B 111 -45.33 -3.97 0.96
C GLN B 111 -44.65 -4.13 -0.40
N ILE B 112 -45.40 -4.65 -1.36
CA ILE B 112 -44.89 -4.85 -2.70
C ILE B 112 -44.58 -3.49 -3.30
N ARG B 113 -45.31 -2.46 -2.90
CA ARG B 113 -45.06 -1.12 -3.41
C ARG B 113 -43.70 -0.64 -2.89
N LYS B 114 -43.52 -0.66 -1.58
CA LYS B 114 -42.25 -0.25 -0.99
C LYS B 114 -41.06 -0.96 -1.64
N GLU B 115 -41.22 -2.24 -1.92
CA GLU B 115 -40.15 -2.98 -2.56
C GLU B 115 -39.86 -2.38 -3.92
N MET B 116 -40.93 -2.05 -4.64
CA MET B 116 -40.83 -1.47 -5.98
C MET B 116 -40.17 -0.11 -6.04
N ILE B 117 -40.64 0.83 -5.25
CA ILE B 117 -40.01 2.14 -5.29
C ILE B 117 -38.52 2.00 -4.94
N ILE B 118 -38.18 1.14 -3.98
CA ILE B 118 -36.77 0.97 -3.64
C ILE B 118 -36.02 0.42 -4.84
N SER B 119 -36.57 -0.60 -5.47
CA SER B 119 -35.94 -1.22 -6.62
C SER B 119 -35.73 -0.16 -7.69
N GLU B 120 -36.72 0.70 -7.87
CA GLU B 120 -36.62 1.77 -8.86
C GLU B 120 -35.57 2.77 -8.50
N VAL B 121 -35.70 3.40 -7.35
CA VAL B 121 -34.70 4.36 -6.94
C VAL B 121 -33.28 3.80 -7.05
N ARG B 122 -33.06 2.58 -6.57
CA ARG B 122 -31.72 2.02 -6.63
C ARG B 122 -31.25 1.94 -8.08
N ASN B 123 -32.07 1.36 -8.94
CA ASN B 123 -31.69 1.23 -10.33
C ASN B 123 -31.36 2.59 -10.93
N ASN B 124 -32.33 3.51 -10.88
CA ASN B 124 -32.18 4.85 -11.43
C ASN B 124 -30.90 5.55 -10.98
N GLU B 125 -30.67 5.63 -9.68
CA GLU B 125 -29.47 6.27 -9.15
C GLU B 125 -28.19 5.59 -9.65
N VAL B 126 -28.16 4.26 -9.60
CA VAL B 126 -26.97 3.54 -10.05
C VAL B 126 -26.77 3.87 -11.51
N ARG B 127 -27.86 4.02 -12.26
CA ARG B 127 -27.77 4.39 -13.67
C ARG B 127 -27.04 5.74 -13.74
N ARG B 128 -27.62 6.74 -13.09
CA ARG B 128 -27.05 8.08 -13.04
C ARG B 128 -25.67 8.04 -12.40
N ARG B 129 -25.01 6.89 -12.36
CA ARG B 129 -23.69 6.85 -11.74
C ARG B 129 -22.71 5.94 -12.46
N ILE B 130 -23.23 4.88 -13.08
CA ILE B 130 -22.37 3.95 -13.79
C ILE B 130 -21.54 4.78 -14.75
N THR B 131 -20.30 4.36 -14.96
CA THR B 131 -19.41 5.10 -15.84
C THR B 131 -18.82 4.21 -16.93
N ILE B 132 -18.93 4.67 -18.17
CA ILE B 132 -18.42 3.94 -19.35
C ILE B 132 -17.11 4.53 -19.89
N LEU B 133 -15.99 3.85 -19.71
CA LEU B 133 -14.69 4.37 -20.18
C LEU B 133 -14.60 4.46 -21.70
N PRO B 134 -13.90 5.47 -22.21
CA PRO B 134 -13.76 5.63 -23.67
C PRO B 134 -13.25 4.38 -24.37
N GLN B 135 -13.99 3.91 -25.38
CA GLN B 135 -13.60 2.71 -26.13
C GLN B 135 -13.76 1.39 -25.35
N GLU B 136 -14.34 1.45 -24.17
CA GLU B 136 -14.52 0.26 -23.37
C GLU B 136 -15.41 -0.72 -24.11
N VAL B 137 -16.61 -0.26 -24.48
CA VAL B 137 -17.54 -1.14 -25.16
C VAL B 137 -16.97 -1.71 -26.45
N GLU B 138 -16.47 -0.84 -27.32
CA GLU B 138 -15.91 -1.32 -28.58
C GLU B 138 -14.74 -2.25 -28.36
N SER B 139 -14.04 -2.07 -27.25
CA SER B 139 -12.89 -2.91 -26.96
C SER B 139 -13.38 -4.29 -26.55
N LEU B 140 -14.33 -4.32 -25.62
CA LEU B 140 -14.88 -5.59 -25.18
C LEU B 140 -15.50 -6.31 -26.37
N ALA B 141 -16.21 -5.55 -27.20
CA ALA B 141 -16.86 -6.10 -28.38
C ALA B 141 -15.90 -6.83 -29.30
N GLN B 142 -14.73 -6.24 -29.51
CA GLN B 142 -13.76 -6.84 -30.42
C GLN B 142 -13.13 -8.14 -29.91
N GLN B 143 -13.06 -8.33 -28.60
CA GLN B 143 -12.47 -9.54 -28.06
C GLN B 143 -13.50 -10.66 -27.84
N THR B 152 -18.84 -23.89 -18.79
CA THR B 152 -19.04 -24.69 -17.60
C THR B 152 -19.83 -23.87 -16.58
N GLU B 153 -21.14 -24.02 -16.60
CA GLU B 153 -22.00 -23.31 -15.67
C GLU B 153 -21.53 -23.57 -14.24
N LEU B 154 -21.68 -22.58 -13.36
CA LEU B 154 -21.25 -22.74 -11.98
C LEU B 154 -22.23 -22.14 -10.97
N ASN B 155 -22.31 -22.79 -9.82
CA ASN B 155 -23.18 -22.37 -8.72
C ASN B 155 -22.31 -22.01 -7.52
N LEU B 156 -22.42 -20.77 -7.05
CA LEU B 156 -21.62 -20.34 -5.92
C LEU B 156 -22.27 -19.31 -5.02
N SER B 157 -21.84 -19.32 -3.77
CA SER B 157 -22.31 -18.38 -2.77
C SER B 157 -21.24 -17.32 -2.67
N HIS B 158 -21.67 -16.13 -2.25
CA HIS B 158 -20.81 -14.95 -2.16
C HIS B 158 -20.83 -14.22 -0.81
N ILE B 159 -19.66 -13.83 -0.34
CA ILE B 159 -19.54 -13.06 0.90
C ILE B 159 -18.69 -11.84 0.64
N LEU B 160 -19.23 -10.66 0.96
CA LEU B 160 -18.50 -9.41 0.75
C LEU B 160 -18.08 -8.73 2.04
N ILE B 161 -16.80 -8.41 2.14
CA ILE B 161 -16.30 -7.68 3.29
C ILE B 161 -16.16 -6.31 2.66
N PRO B 162 -17.06 -5.39 3.01
CA PRO B 162 -17.12 -4.01 2.50
C PRO B 162 -15.87 -3.18 2.77
N LEU B 163 -15.62 -2.22 1.88
CA LEU B 163 -14.47 -1.32 1.98
C LEU B 163 -14.79 -0.03 1.21
N PRO B 164 -14.54 1.16 1.79
CA PRO B 164 -14.83 2.44 1.11
C PRO B 164 -14.13 2.58 -0.24
N GLU B 165 -14.50 3.61 -0.99
CA GLU B 165 -13.92 3.85 -2.32
C GLU B 165 -12.44 4.12 -2.18
N ASN B 166 -12.13 5.08 -1.32
CA ASN B 166 -10.75 5.45 -1.05
C ASN B 166 -10.59 5.16 0.43
N PRO B 167 -10.21 3.92 0.75
CA PRO B 167 -10.04 3.49 2.14
C PRO B 167 -8.62 3.74 2.61
N THR B 168 -8.38 3.54 3.90
CA THR B 168 -7.05 3.71 4.47
C THR B 168 -6.39 2.35 4.68
N SER B 169 -5.06 2.33 4.83
CA SER B 169 -4.34 1.09 5.05
C SER B 169 -4.98 0.39 6.22
N ASP B 170 -5.24 1.14 7.28
CA ASP B 170 -5.88 0.58 8.47
C ASP B 170 -7.14 -0.16 8.01
N GLN B 171 -8.01 0.54 7.27
CA GLN B 171 -9.27 -0.04 6.77
C GLN B 171 -9.04 -1.26 5.90
N VAL B 172 -8.11 -1.14 4.97
CA VAL B 172 -7.80 -2.25 4.07
C VAL B 172 -7.33 -3.46 4.83
N ASN B 173 -6.49 -3.26 5.84
CA ASN B 173 -6.00 -4.38 6.59
C ASN B 173 -7.11 -5.00 7.42
N GLU B 174 -7.88 -4.18 8.13
CA GLU B 174 -9.00 -4.69 8.92
C GLU B 174 -9.84 -5.57 7.99
N ALA B 175 -10.17 -5.05 6.82
CA ALA B 175 -10.97 -5.78 5.85
C ALA B 175 -10.27 -7.07 5.43
N GLU B 176 -9.02 -6.97 4.97
CA GLU B 176 -8.29 -8.17 4.54
C GLU B 176 -8.23 -9.19 5.68
N SER B 177 -7.85 -8.73 6.88
CA SER B 177 -7.78 -9.60 8.04
C SER B 177 -9.09 -10.36 8.22
N GLN B 178 -10.20 -9.61 8.31
CA GLN B 178 -11.54 -10.16 8.48
C GLN B 178 -11.85 -11.18 7.36
N ALA B 179 -11.54 -10.81 6.12
CA ALA B 179 -11.80 -11.71 4.99
C ALA B 179 -10.98 -12.98 5.12
N ARG B 180 -9.68 -12.83 5.40
CA ARG B 180 -8.80 -13.98 5.58
C ARG B 180 -9.39 -14.91 6.62
N ALA B 181 -9.72 -14.40 7.80
CA ALA B 181 -10.30 -15.23 8.86
C ALA B 181 -11.52 -16.04 8.40
N ILE B 182 -12.38 -15.40 7.62
CA ILE B 182 -13.57 -16.06 7.13
C ILE B 182 -13.19 -17.17 6.16
N VAL B 183 -12.27 -16.88 5.25
CA VAL B 183 -11.84 -17.88 4.29
C VAL B 183 -11.26 -19.08 5.02
N ASP B 184 -10.68 -18.84 6.18
CA ASP B 184 -10.12 -19.92 6.97
C ASP B 184 -11.27 -20.82 7.40
N GLN B 185 -12.13 -20.32 8.27
CA GLN B 185 -13.27 -21.07 8.74
C GLN B 185 -14.02 -21.72 7.59
N ALA B 186 -14.00 -21.06 6.44
CA ALA B 186 -14.69 -21.59 5.26
C ALA B 186 -14.10 -22.92 4.86
N ARG B 187 -12.78 -22.97 4.84
CA ARG B 187 -12.05 -24.17 4.46
C ARG B 187 -12.00 -25.24 5.56
N ASN B 188 -12.18 -24.82 6.81
CA ASN B 188 -12.19 -25.76 7.90
C ASN B 188 -13.59 -26.33 8.01
N GLY B 189 -14.36 -26.19 6.93
CA GLY B 189 -15.71 -26.72 6.86
C GLY B 189 -16.88 -25.96 7.45
N ALA B 190 -16.63 -24.77 8.00
CA ALA B 190 -17.71 -23.97 8.58
C ALA B 190 -18.82 -23.74 7.56
N ASP B 191 -20.05 -23.58 8.05
CA ASP B 191 -21.19 -23.35 7.17
C ASP B 191 -21.02 -21.99 6.51
N PHE B 192 -20.76 -22.00 5.21
CA PHE B 192 -20.54 -20.76 4.46
C PHE B 192 -21.78 -19.87 4.43
N GLY B 193 -22.94 -20.48 4.22
CA GLY B 193 -24.18 -19.73 4.19
C GLY B 193 -24.41 -19.02 5.50
N LYS B 194 -23.97 -19.64 6.58
CA LYS B 194 -24.10 -19.09 7.92
C LYS B 194 -23.21 -17.83 7.98
N LEU B 195 -21.96 -17.97 7.56
CA LEU B 195 -21.01 -16.88 7.54
C LEU B 195 -21.53 -15.72 6.71
N ALA B 196 -22.13 -16.04 5.56
CA ALA B 196 -22.65 -14.99 4.68
C ALA B 196 -23.72 -14.17 5.42
N ILE B 197 -24.63 -14.87 6.10
CA ILE B 197 -25.66 -14.19 6.85
C ILE B 197 -25.00 -13.36 7.93
N ALA B 198 -23.90 -13.84 8.48
CA ALA B 198 -23.22 -13.12 9.54
C ALA B 198 -22.30 -11.98 9.13
N HIS B 199 -21.62 -12.07 7.99
CA HIS B 199 -20.72 -10.99 7.63
C HIS B 199 -20.80 -10.43 6.24
N SER B 200 -21.53 -11.08 5.34
CA SER B 200 -21.58 -10.56 3.99
C SER B 200 -22.31 -9.25 4.00
N ALA B 201 -21.89 -8.37 3.10
CA ALA B 201 -22.49 -7.06 2.99
C ALA B 201 -23.24 -6.92 1.67
N ASP B 202 -23.18 -7.93 0.81
CA ASP B 202 -23.90 -7.83 -0.47
C ASP B 202 -25.41 -8.00 -0.23
N GLN B 203 -26.20 -7.74 -1.27
CA GLN B 203 -27.66 -7.87 -1.22
C GLN B 203 -28.10 -9.27 -0.78
N GLN B 204 -27.38 -10.26 -1.26
CA GLN B 204 -27.68 -11.66 -1.01
C GLN B 204 -27.27 -12.23 0.34
N ALA B 205 -26.61 -11.43 1.15
CA ALA B 205 -26.15 -11.90 2.46
C ALA B 205 -27.23 -12.64 3.24
N LEU B 206 -28.32 -11.94 3.54
CA LEU B 206 -29.40 -12.55 4.28
C LEU B 206 -29.90 -13.88 3.70
N ASN B 207 -29.65 -14.09 2.41
CA ASN B 207 -30.09 -15.34 1.79
C ASN B 207 -28.91 -16.30 1.57
N GLY B 208 -28.10 -16.46 2.62
CA GLY B 208 -26.95 -17.34 2.55
C GLY B 208 -25.86 -16.82 1.63
N GLY B 209 -26.16 -15.77 0.89
CA GLY B 209 -25.18 -15.22 -0.02
C GLY B 209 -25.14 -16.04 -1.28
N GLN B 210 -26.28 -16.65 -1.60
CA GLN B 210 -26.43 -17.48 -2.79
C GLN B 210 -26.63 -16.66 -4.06
N MET B 211 -25.79 -16.96 -5.05
CA MET B 211 -25.88 -16.27 -6.34
C MET B 211 -26.61 -17.20 -7.30
N GLY B 212 -26.48 -18.51 -7.08
CA GLY B 212 -27.13 -19.49 -7.94
C GLY B 212 -26.20 -19.97 -9.03
N TRP B 213 -26.76 -20.49 -10.14
CA TRP B 213 -25.93 -20.96 -11.24
C TRP B 213 -25.69 -19.85 -12.26
N GLY B 214 -24.56 -19.93 -12.94
CA GLY B 214 -24.24 -18.90 -13.92
C GLY B 214 -22.98 -19.18 -14.72
N ARG B 215 -22.87 -18.55 -15.87
CA ARG B 215 -21.72 -18.72 -16.74
C ARG B 215 -20.50 -18.04 -16.13
N ILE B 216 -19.37 -18.73 -16.13
CA ILE B 216 -18.15 -18.17 -15.58
C ILE B 216 -17.80 -16.89 -16.33
N GLN B 217 -18.34 -16.75 -17.54
CA GLN B 217 -18.09 -15.59 -18.37
C GLN B 217 -18.92 -14.37 -17.97
N GLU B 218 -20.06 -14.58 -17.31
CA GLU B 218 -20.90 -13.48 -16.87
C GLU B 218 -20.45 -12.88 -15.54
N LEU B 219 -19.30 -13.35 -15.05
CA LEU B 219 -18.78 -12.86 -13.79
C LEU B 219 -17.66 -11.88 -14.01
N PRO B 220 -17.42 -11.00 -13.03
CA PRO B 220 -16.31 -10.04 -13.20
C PRO B 220 -15.06 -10.84 -13.54
N GLY B 221 -14.12 -10.21 -14.25
CA GLY B 221 -12.90 -10.90 -14.62
C GLY B 221 -12.00 -11.11 -13.42
N ILE B 222 -12.17 -10.24 -12.42
CA ILE B 222 -11.38 -10.31 -11.20
C ILE B 222 -11.56 -11.69 -10.53
N PHE B 223 -12.58 -12.42 -10.96
CA PHE B 223 -12.88 -13.76 -10.43
C PHE B 223 -12.69 -14.85 -11.48
N ALA B 224 -13.04 -14.52 -12.72
CA ALA B 224 -12.92 -15.46 -13.83
C ALA B 224 -11.60 -16.20 -13.75
N GLN B 225 -10.56 -15.49 -13.32
CA GLN B 225 -9.21 -16.05 -13.18
C GLN B 225 -9.17 -17.25 -12.23
N ALA B 226 -9.56 -17.02 -10.98
CA ALA B 226 -9.54 -18.06 -9.96
C ALA B 226 -10.61 -19.14 -10.12
N LEU B 227 -11.70 -18.81 -10.79
CA LEU B 227 -12.76 -19.80 -10.97
C LEU B 227 -12.58 -20.72 -12.18
N SER B 228 -11.40 -20.64 -12.80
CA SER B 228 -11.10 -21.48 -13.96
C SER B 228 -10.56 -22.82 -13.48
N THR B 229 -9.76 -22.75 -12.44
CA THR B 229 -9.13 -23.92 -11.84
C THR B 229 -10.01 -24.47 -10.72
N ALA B 230 -10.99 -23.66 -10.32
CA ALA B 230 -11.91 -24.00 -9.24
C ALA B 230 -12.57 -25.38 -9.32
N LYS B 231 -12.33 -26.18 -8.28
CA LYS B 231 -12.91 -27.52 -8.17
C LYS B 231 -14.09 -27.39 -7.22
N LYS B 232 -15.09 -28.27 -7.36
CA LYS B 232 -16.29 -28.21 -6.52
C LYS B 232 -16.01 -28.32 -5.03
N GLY B 233 -16.58 -27.38 -4.27
CA GLY B 233 -16.40 -27.36 -2.83
C GLY B 233 -15.33 -26.36 -2.39
N ASP B 234 -14.62 -25.80 -3.36
CA ASP B 234 -13.55 -24.84 -3.07
C ASP B 234 -13.99 -23.46 -2.60
N ILE B 235 -13.09 -22.83 -1.85
CA ILE B 235 -13.29 -21.48 -1.34
C ILE B 235 -12.25 -20.63 -2.07
N VAL B 236 -12.71 -19.66 -2.85
CA VAL B 236 -11.81 -18.81 -3.60
C VAL B 236 -11.28 -17.62 -2.80
N GLY B 237 -9.98 -17.66 -2.50
CA GLY B 237 -9.30 -16.62 -1.73
C GLY B 237 -9.87 -15.22 -1.82
N PRO B 238 -9.65 -14.40 -0.78
CA PRO B 238 -10.14 -13.01 -0.71
C PRO B 238 -9.71 -12.15 -1.90
N ILE B 239 -10.61 -11.98 -2.87
CA ILE B 239 -10.34 -11.17 -4.04
C ILE B 239 -10.67 -9.70 -3.72
N ARG B 240 -9.77 -8.80 -4.09
CA ARG B 240 -9.96 -7.38 -3.82
C ARG B 240 -10.62 -6.65 -4.97
N SER B 241 -11.60 -5.82 -4.67
CA SER B 241 -12.27 -5.04 -5.69
C SER B 241 -12.49 -3.65 -5.11
N GLY B 242 -13.07 -2.74 -5.89
CA GLY B 242 -13.29 -1.39 -5.40
C GLY B 242 -14.30 -1.29 -4.28
N VAL B 243 -15.04 -2.37 -4.10
CA VAL B 243 -16.07 -2.38 -3.08
C VAL B 243 -15.62 -3.09 -1.82
N GLY B 244 -14.51 -3.81 -1.91
CA GLY B 244 -14.03 -4.53 -0.73
C GLY B 244 -13.46 -5.88 -1.09
N PHE B 245 -13.49 -6.81 -0.15
CA PHE B 245 -12.96 -8.14 -0.43
C PHE B 245 -14.07 -9.16 -0.64
N HIS B 246 -13.90 -9.93 -1.71
CA HIS B 246 -14.87 -10.96 -2.09
C HIS B 246 -14.40 -12.38 -1.77
N ILE B 247 -15.36 -13.21 -1.37
CA ILE B 247 -15.08 -14.61 -1.08
C ILE B 247 -16.20 -15.39 -1.74
N LEU B 248 -15.81 -16.36 -2.54
CA LEU B 248 -16.79 -17.20 -3.20
C LEU B 248 -16.56 -18.62 -2.78
N LYS B 249 -17.64 -19.39 -2.78
CA LYS B 249 -17.54 -20.80 -2.45
C LYS B 249 -18.13 -21.49 -3.67
N VAL B 250 -17.39 -22.43 -4.24
CA VAL B 250 -17.90 -23.18 -5.39
C VAL B 250 -18.82 -24.25 -4.80
N ASN B 251 -20.11 -24.00 -4.85
CA ASN B 251 -21.09 -24.92 -4.32
C ASN B 251 -21.26 -26.15 -5.17
N ASP B 252 -21.58 -25.94 -6.44
CA ASP B 252 -21.76 -27.05 -7.35
C ASP B 252 -21.23 -26.61 -8.70
N LEU B 253 -20.86 -27.57 -9.55
CA LEU B 253 -20.39 -27.24 -10.87
C LEU B 253 -20.81 -28.27 -11.91
N ARG B 254 -21.59 -27.80 -12.88
CA ARG B 254 -22.08 -28.64 -13.97
C ARG B 254 -21.60 -28.21 -15.35
N THR B 263 -33.47 -28.92 -35.05
CA THR B 263 -33.01 -28.79 -36.46
C THR B 263 -34.13 -28.42 -37.44
N GLU B 264 -33.78 -27.61 -38.43
CA GLU B 264 -34.71 -27.15 -39.47
C GLU B 264 -34.46 -27.90 -40.76
N VAL B 265 -35.25 -27.55 -41.78
CA VAL B 265 -35.10 -28.14 -43.12
C VAL B 265 -35.60 -27.21 -44.21
N HIS B 266 -34.96 -27.34 -45.35
CA HIS B 266 -35.32 -26.56 -46.51
C HIS B 266 -35.95 -27.56 -47.43
N ALA B 267 -37.16 -27.26 -47.87
CA ALA B 267 -37.86 -28.16 -48.78
C ALA B 267 -38.79 -27.38 -49.63
N ARG B 268 -39.22 -28.00 -50.71
CA ARG B 268 -40.15 -27.35 -51.58
C ARG B 268 -41.15 -28.39 -51.95
N HIS B 269 -42.37 -27.94 -52.17
CA HIS B 269 -43.45 -28.83 -52.53
C HIS B 269 -44.37 -28.14 -53.53
N ILE B 270 -44.89 -28.93 -54.45
CA ILE B 270 -45.83 -28.45 -55.42
C ILE B 270 -47.12 -29.13 -54.89
N LEU B 271 -48.10 -28.33 -54.50
CA LEU B 271 -49.34 -28.84 -53.91
C LEU B 271 -50.60 -28.80 -54.78
N LEU B 272 -51.46 -29.80 -54.61
CA LEU B 272 -52.72 -29.90 -55.34
C LEU B 272 -53.81 -30.18 -54.31
N LYS B 273 -54.84 -29.34 -54.32
CA LYS B 273 -55.94 -29.47 -53.38
C LYS B 273 -57.21 -29.95 -54.05
N PRO B 274 -57.71 -31.13 -53.65
CA PRO B 274 -58.93 -31.73 -54.20
C PRO B 274 -60.17 -30.90 -53.88
N SER B 275 -61.10 -30.87 -54.83
CA SER B 275 -62.34 -30.12 -54.68
C SER B 275 -63.13 -30.34 -55.95
N PRO B 276 -64.46 -30.17 -55.89
CA PRO B 276 -65.35 -30.35 -57.05
C PRO B 276 -64.81 -31.14 -58.26
N ILE B 277 -63.92 -30.53 -59.03
CA ILE B 277 -63.37 -31.19 -60.22
C ILE B 277 -62.38 -32.32 -59.94
N MET B 278 -61.26 -31.99 -59.29
CA MET B 278 -60.24 -32.99 -59.00
C MET B 278 -60.45 -33.75 -57.69
N THR B 279 -60.69 -35.04 -57.83
CA THR B 279 -60.89 -35.92 -56.68
C THR B 279 -59.50 -36.29 -56.17
N ASP B 280 -59.44 -36.98 -55.03
CA ASP B 280 -58.15 -37.38 -54.49
C ASP B 280 -57.35 -38.13 -55.55
N GLU B 281 -58.04 -38.86 -56.43
CA GLU B 281 -57.33 -39.60 -57.48
C GLU B 281 -57.02 -38.67 -58.63
N GLN B 282 -57.97 -37.83 -58.99
CA GLN B 282 -57.77 -36.86 -60.06
C GLN B 282 -56.44 -36.16 -59.77
N ALA B 283 -56.30 -35.74 -58.52
CA ALA B 283 -55.12 -35.02 -58.04
C ALA B 283 -53.84 -35.82 -58.01
N ARG B 284 -53.86 -36.98 -57.36
CA ARG B 284 -52.66 -37.82 -57.28
C ARG B 284 -52.08 -38.20 -58.62
N VAL B 285 -52.96 -38.40 -59.60
CA VAL B 285 -52.52 -38.77 -60.95
C VAL B 285 -51.76 -37.61 -61.60
N LYS B 286 -52.15 -36.39 -61.30
CA LYS B 286 -51.46 -35.23 -61.84
C LYS B 286 -50.06 -35.25 -61.25
N LEU B 287 -49.96 -35.29 -59.93
CA LEU B 287 -48.66 -35.33 -59.27
C LEU B 287 -47.74 -36.46 -59.74
N GLU B 288 -48.32 -37.53 -60.28
CA GLU B 288 -47.52 -38.65 -60.79
C GLU B 288 -46.80 -38.14 -62.03
N GLN B 289 -47.56 -37.42 -62.86
CA GLN B 289 -47.04 -36.85 -64.10
C GLN B 289 -46.04 -35.75 -63.80
N ILE B 290 -46.45 -34.80 -62.96
CA ILE B 290 -45.58 -33.68 -62.58
C ILE B 290 -44.22 -34.24 -62.17
N ALA B 291 -44.25 -35.34 -61.42
CA ALA B 291 -43.05 -36.00 -60.95
C ALA B 291 -42.30 -36.65 -62.10
N ALA B 292 -43.04 -37.32 -62.97
CA ALA B 292 -42.44 -38.00 -64.10
C ALA B 292 -41.78 -37.04 -65.09
N ASP B 293 -42.36 -35.87 -65.27
CA ASP B 293 -41.80 -34.89 -66.20
C ASP B 293 -40.59 -34.19 -65.62
N ILE B 294 -40.56 -34.04 -64.30
CA ILE B 294 -39.43 -33.41 -63.64
C ILE B 294 -38.19 -34.29 -63.74
N LYS B 295 -38.35 -35.57 -63.41
CA LYS B 295 -37.24 -36.50 -63.47
C LYS B 295 -36.74 -36.75 -64.89
N SER B 296 -37.62 -36.61 -65.88
CA SER B 296 -37.25 -36.82 -67.28
C SER B 296 -36.69 -35.54 -67.90
N GLY B 297 -36.58 -34.51 -67.07
CA GLY B 297 -36.05 -33.25 -67.54
C GLY B 297 -37.04 -32.41 -68.32
N LYS B 298 -38.17 -33.00 -68.69
CA LYS B 298 -39.21 -32.32 -69.47
C LYS B 298 -39.59 -30.92 -68.94
N THR B 299 -39.59 -30.76 -67.62
CA THR B 299 -39.90 -29.48 -66.98
C THR B 299 -39.12 -29.48 -65.67
N THR B 300 -39.00 -28.32 -65.04
CA THR B 300 -38.27 -28.33 -63.78
C THR B 300 -39.25 -28.29 -62.63
N PHE B 301 -38.79 -28.67 -61.47
CA PHE B 301 -39.63 -28.70 -60.29
C PHE B 301 -40.17 -27.30 -59.99
N ALA B 302 -39.30 -26.30 -59.94
CA ALA B 302 -39.77 -24.95 -59.64
C ALA B 302 -40.79 -24.50 -60.68
N ALA B 303 -40.55 -24.86 -61.93
CA ALA B 303 -41.47 -24.50 -63.00
C ALA B 303 -42.80 -25.17 -62.73
N ALA B 304 -42.76 -26.50 -62.59
CA ALA B 304 -43.95 -27.29 -62.31
C ALA B 304 -44.77 -26.69 -61.18
N ALA B 305 -44.07 -26.20 -60.14
CA ALA B 305 -44.72 -25.62 -59.00
C ALA B 305 -45.44 -24.32 -59.34
N LYS B 306 -44.75 -23.42 -60.03
CA LYS B 306 -45.34 -22.15 -60.40
C LYS B 306 -46.50 -22.40 -61.35
N GLU B 307 -46.43 -23.53 -62.05
CA GLU B 307 -47.43 -23.92 -63.03
C GLU B 307 -48.60 -24.72 -62.43
N PHE B 308 -48.41 -25.32 -61.26
CA PHE B 308 -49.48 -26.13 -60.68
C PHE B 308 -49.73 -26.01 -59.18
N SER B 309 -48.67 -25.88 -58.38
CA SER B 309 -48.79 -25.81 -56.92
C SER B 309 -49.97 -24.98 -56.46
N GLN B 310 -50.43 -25.19 -55.24
CA GLN B 310 -51.57 -24.44 -54.75
C GLN B 310 -51.14 -23.37 -53.75
N ASP B 311 -50.62 -23.80 -52.61
CA ASP B 311 -50.19 -22.89 -51.55
C ASP B 311 -49.52 -21.60 -51.99
N PRO B 312 -50.26 -20.48 -52.03
CA PRO B 312 -49.60 -19.24 -52.42
C PRO B 312 -48.63 -18.99 -51.26
N GLY B 313 -47.45 -18.46 -51.56
CA GLY B 313 -46.49 -18.26 -50.49
C GLY B 313 -45.52 -19.42 -50.58
N SER B 314 -45.25 -19.80 -51.83
CA SER B 314 -44.34 -20.89 -52.19
C SER B 314 -44.64 -21.28 -53.64
N ALA B 315 -45.90 -21.20 -54.03
CA ALA B 315 -46.33 -21.55 -55.39
C ALA B 315 -45.60 -20.82 -56.50
N ASN B 316 -45.54 -19.48 -56.41
CA ASN B 316 -44.87 -18.67 -57.43
C ASN B 316 -43.37 -18.61 -57.15
N GLN B 317 -42.97 -19.11 -55.99
CA GLN B 317 -41.57 -19.16 -55.60
C GLN B 317 -40.97 -20.51 -56.01
N GLY B 318 -41.37 -21.00 -57.18
CA GLY B 318 -40.88 -22.26 -57.68
C GLY B 318 -41.10 -23.39 -56.69
N GLY B 319 -42.05 -23.18 -55.78
CA GLY B 319 -42.38 -24.16 -54.77
C GLY B 319 -41.54 -24.07 -53.50
N ASP B 320 -40.59 -23.16 -53.46
CA ASP B 320 -39.76 -23.06 -52.27
C ASP B 320 -40.60 -22.80 -51.03
N LEU B 321 -40.26 -23.47 -49.93
CA LEU B 321 -40.97 -23.32 -48.67
C LEU B 321 -40.04 -22.72 -47.64
N GLY B 322 -38.98 -22.06 -48.10
CA GLY B 322 -38.04 -21.47 -47.17
C GLY B 322 -37.59 -22.48 -46.11
N TRP B 323 -36.82 -22.01 -45.14
CA TRP B 323 -36.37 -22.91 -44.07
C TRP B 323 -37.49 -22.95 -43.05
N ALA B 324 -37.59 -24.07 -42.34
CA ALA B 324 -38.62 -24.20 -41.31
C ALA B 324 -38.30 -25.38 -40.42
N THR B 325 -39.17 -25.58 -39.43
CA THR B 325 -39.01 -26.65 -38.47
C THR B 325 -40.00 -27.77 -38.81
N PRO B 326 -39.59 -29.03 -38.71
CA PRO B 326 -40.48 -30.14 -39.03
C PRO B 326 -41.90 -29.98 -38.44
N ASP B 327 -41.96 -29.64 -37.15
CA ASP B 327 -43.23 -29.50 -36.45
C ASP B 327 -44.32 -28.64 -37.08
N ILE B 328 -43.99 -27.50 -37.69
CA ILE B 328 -45.02 -26.64 -38.30
C ILE B 328 -45.69 -27.34 -39.48
N PHE B 329 -45.27 -28.57 -39.75
CA PHE B 329 -45.80 -29.35 -40.87
C PHE B 329 -46.76 -30.46 -40.48
N ASP B 330 -47.80 -30.62 -41.29
CA ASP B 330 -48.80 -31.65 -41.09
C ASP B 330 -48.10 -32.99 -40.85
N PRO B 331 -48.70 -33.85 -40.01
CA PRO B 331 -48.12 -35.16 -39.69
C PRO B 331 -47.75 -36.01 -40.88
N ALA B 332 -48.57 -35.99 -41.93
CA ALA B 332 -48.30 -36.78 -43.12
C ALA B 332 -47.05 -36.23 -43.80
N PHE B 333 -47.02 -34.91 -43.94
CA PHE B 333 -45.90 -34.20 -44.56
C PHE B 333 -44.60 -34.49 -43.81
N ARG B 334 -44.55 -34.13 -42.53
CA ARG B 334 -43.35 -34.37 -41.75
C ARG B 334 -42.84 -35.80 -41.90
N ASP B 335 -43.73 -36.78 -41.81
CA ASP B 335 -43.27 -38.14 -41.93
C ASP B 335 -42.64 -38.35 -43.30
N ALA B 336 -43.18 -37.65 -44.30
CA ALA B 336 -42.65 -37.75 -45.66
C ALA B 336 -41.19 -37.33 -45.69
N LEU B 337 -40.91 -36.12 -45.18
CA LEU B 337 -39.55 -35.61 -45.16
C LEU B 337 -38.63 -36.66 -44.54
N THR B 338 -39.11 -37.30 -43.48
CA THR B 338 -38.34 -38.32 -42.77
C THR B 338 -37.67 -39.38 -43.65
N ARG B 339 -38.41 -39.93 -44.61
CA ARG B 339 -37.86 -40.97 -45.47
C ARG B 339 -37.26 -40.45 -46.78
N LEU B 340 -37.18 -39.14 -46.91
CA LEU B 340 -36.61 -38.53 -48.11
C LEU B 340 -35.13 -38.28 -47.97
N ASN B 341 -34.37 -38.57 -49.03
CA ASN B 341 -32.94 -38.33 -49.04
C ASN B 341 -32.75 -36.92 -49.56
N LYS B 342 -31.65 -36.27 -49.20
CA LYS B 342 -31.41 -34.93 -49.69
C LYS B 342 -31.42 -34.96 -51.23
N GLY B 343 -32.21 -34.08 -51.83
CA GLY B 343 -32.28 -34.01 -53.29
C GLY B 343 -33.30 -34.97 -53.88
N GLN B 344 -33.78 -35.91 -53.06
CA GLN B 344 -34.74 -36.90 -53.52
C GLN B 344 -36.15 -36.33 -53.54
N MET B 345 -36.96 -36.77 -54.50
CA MET B 345 -38.33 -36.29 -54.62
C MET B 345 -39.20 -37.39 -54.06
N SER B 346 -40.28 -37.03 -53.39
CA SER B 346 -41.16 -38.03 -52.82
C SER B 346 -42.16 -38.45 -53.86
N ALA B 347 -43.01 -39.41 -53.47
CA ALA B 347 -44.07 -39.86 -54.34
C ALA B 347 -45.18 -38.96 -53.84
N PRO B 348 -46.35 -39.00 -54.47
CA PRO B 348 -47.42 -38.11 -53.97
C PRO B 348 -47.80 -38.43 -52.53
N VAL B 349 -47.99 -37.38 -51.73
CA VAL B 349 -48.34 -37.54 -50.33
C VAL B 349 -49.64 -36.85 -50.00
N HIS B 350 -50.52 -37.56 -49.28
CA HIS B 350 -51.81 -37.02 -48.88
C HIS B 350 -51.68 -36.43 -47.48
N SER B 351 -52.16 -35.21 -47.30
CA SER B 351 -52.10 -34.55 -46.00
C SER B 351 -53.40 -33.83 -45.77
N SER B 352 -53.50 -33.18 -44.61
CA SER B 352 -54.70 -32.44 -44.24
C SER B 352 -54.99 -31.35 -45.26
N PHE B 353 -53.95 -30.86 -45.93
CA PHE B 353 -54.12 -29.80 -46.92
C PHE B 353 -54.38 -30.37 -48.31
N GLY B 354 -54.00 -31.62 -48.52
CA GLY B 354 -54.23 -32.24 -49.82
C GLY B 354 -53.12 -33.15 -50.30
N TRP B 355 -52.94 -33.20 -51.61
CA TRP B 355 -51.92 -34.02 -52.21
C TRP B 355 -50.75 -33.20 -52.71
N HIS B 356 -49.54 -33.57 -52.30
CA HIS B 356 -48.40 -32.83 -52.80
C HIS B 356 -47.06 -33.56 -52.91
N LEU B 357 -46.29 -33.09 -53.90
CA LEU B 357 -44.95 -33.59 -54.18
C LEU B 357 -43.95 -32.88 -53.26
N ILE B 358 -43.14 -33.66 -52.56
CA ILE B 358 -42.19 -33.09 -51.61
C ILE B 358 -40.75 -33.39 -51.96
N GLU B 359 -39.95 -32.35 -52.09
CA GLU B 359 -38.55 -32.56 -52.41
C GLU B 359 -37.74 -32.00 -51.27
N LEU B 360 -36.95 -32.88 -50.66
CA LEU B 360 -36.10 -32.52 -49.53
C LEU B 360 -34.76 -31.98 -49.96
N LEU B 361 -34.55 -30.69 -49.72
CA LEU B 361 -33.29 -30.07 -50.08
C LEU B 361 -32.22 -30.19 -49.00
N ASP B 362 -32.22 -29.26 -48.04
CA ASP B 362 -31.20 -29.29 -46.99
C ASP B 362 -31.70 -29.38 -45.54
N THR B 363 -30.76 -29.62 -44.63
CA THR B 363 -31.02 -29.78 -43.19
C THR B 363 -29.98 -29.12 -42.28
N ARG B 364 -30.33 -27.97 -41.70
CA ARG B 364 -29.40 -27.27 -40.80
C ARG B 364 -29.83 -27.30 -39.33
N ASN B 365 -28.87 -27.18 -38.43
CA ASN B 365 -29.15 -27.19 -36.99
C ASN B 365 -29.12 -25.80 -36.37
N ARG B 376 -26.35 -10.13 -25.29
CA ARG B 376 -25.64 -11.10 -24.47
C ARG B 376 -24.38 -10.58 -23.78
N ALA B 377 -23.31 -10.50 -24.55
CA ALA B 377 -22.02 -10.05 -24.06
C ALA B 377 -22.02 -8.60 -23.60
N TYR B 378 -22.86 -7.78 -24.22
CA TYR B 378 -22.91 -6.38 -23.84
C TYR B 378 -23.78 -6.19 -22.61
N ARG B 379 -24.79 -7.04 -22.46
CA ARG B 379 -25.68 -7.01 -21.30
C ARG B 379 -24.82 -7.62 -20.22
N MET B 380 -23.98 -8.55 -20.65
CA MET B 380 -23.04 -9.25 -19.79
C MET B 380 -22.26 -8.17 -19.04
N LEU B 381 -21.60 -7.31 -19.80
CA LEU B 381 -20.81 -6.22 -19.23
C LEU B 381 -21.65 -5.34 -18.33
N MET B 382 -22.74 -4.81 -18.88
CA MET B 382 -23.64 -3.92 -18.15
C MET B 382 -24.01 -4.38 -16.72
N ASN B 383 -24.37 -5.65 -16.58
CA ASN B 383 -24.76 -6.19 -15.29
C ASN B 383 -23.57 -6.27 -14.35
N ARG B 384 -22.39 -6.59 -14.88
CA ARG B 384 -21.20 -6.67 -14.04
C ARG B 384 -20.87 -5.29 -13.47
N LYS B 385 -21.01 -4.26 -14.31
CA LYS B 385 -20.74 -2.91 -13.87
C LYS B 385 -21.81 -2.41 -12.88
N PHE B 386 -23.04 -2.88 -13.04
CA PHE B 386 -24.15 -2.48 -12.19
C PHE B 386 -24.06 -2.91 -10.73
N SER B 387 -23.84 -4.19 -10.53
CA SER B 387 -23.73 -4.73 -9.18
C SER B 387 -22.68 -3.94 -8.40
N GLU B 388 -21.48 -3.85 -8.97
CA GLU B 388 -20.35 -3.14 -8.36
C GLU B 388 -20.81 -1.75 -7.94
N GLU B 389 -21.26 -0.98 -8.92
CA GLU B 389 -21.73 0.39 -8.71
C GLU B 389 -22.82 0.51 -7.64
N ALA B 390 -23.76 -0.44 -7.64
CA ALA B 390 -24.83 -0.42 -6.66
C ALA B 390 -24.25 -0.59 -5.25
N ALA B 391 -23.20 -1.37 -5.14
CA ALA B 391 -22.58 -1.58 -3.84
C ALA B 391 -21.95 -0.27 -3.43
N SER B 392 -21.07 0.24 -4.29
CA SER B 392 -20.41 1.50 -4.04
C SER B 392 -21.44 2.58 -3.64
N TRP B 393 -22.56 2.61 -4.36
CA TRP B 393 -23.60 3.59 -4.08
C TRP B 393 -24.08 3.54 -2.66
N MET B 394 -24.67 2.40 -2.30
CA MET B 394 -25.19 2.21 -0.97
C MET B 394 -24.10 2.42 0.06
N GLN B 395 -22.90 1.92 -0.25
CA GLN B 395 -21.75 2.13 0.64
C GLN B 395 -21.72 3.64 1.03
N GLU B 396 -21.80 4.51 0.03
CA GLU B 396 -21.80 5.95 0.24
C GLU B 396 -23.03 6.45 0.96
N GLN B 397 -24.20 6.00 0.54
CA GLN B 397 -25.42 6.45 1.17
C GLN B 397 -25.47 6.16 2.68
N ARG B 398 -25.17 4.92 3.02
CA ARG B 398 -25.17 4.50 4.41
C ARG B 398 -24.21 5.36 5.22
N ALA B 399 -23.08 5.73 4.63
CA ALA B 399 -22.10 6.55 5.32
C ALA B 399 -22.63 7.96 5.54
N SER B 400 -22.82 8.69 4.43
CA SER B 400 -23.29 10.06 4.45
C SER B 400 -24.79 10.17 4.70
N ALA B 401 -25.25 9.56 5.79
CA ALA B 401 -26.66 9.59 6.16
C ALA B 401 -26.76 9.68 7.66
N TYR B 402 -27.77 10.38 8.13
CA TYR B 402 -27.98 10.58 9.56
C TYR B 402 -28.75 9.41 10.19
N VAL B 403 -28.02 8.49 10.84
CA VAL B 403 -28.69 7.35 11.48
C VAL B 403 -28.34 7.21 12.95
N LYS B 404 -29.36 6.87 13.73
CA LYS B 404 -29.22 6.70 15.16
C LYS B 404 -29.81 5.35 15.54
N ILE B 405 -29.06 4.57 16.32
CA ILE B 405 -29.52 3.27 16.76
C ILE B 405 -29.89 3.24 18.24
N LEU B 406 -31.18 3.38 18.51
CA LEU B 406 -31.69 3.39 19.88
C LEU B 406 -31.47 2.05 20.58
N SER B 407 -31.28 2.11 21.89
CA SER B 407 -31.06 0.90 22.68
C SER B 407 -32.20 0.60 23.66
N VAL C 5 61.05 -3.08 -11.19
CA VAL C 5 61.91 -3.70 -10.14
C VAL C 5 61.64 -3.08 -8.75
N ASP C 6 60.45 -3.35 -8.22
CA ASP C 6 60.00 -2.84 -6.92
C ASP C 6 60.33 -3.86 -5.83
N LYS C 7 61.45 -3.62 -5.14
CA LYS C 7 61.91 -4.50 -4.08
C LYS C 7 60.88 -4.74 -2.99
N VAL C 8 61.08 -5.80 -2.22
CA VAL C 8 60.18 -6.10 -1.12
C VAL C 8 60.93 -5.70 0.12
N ALA C 9 60.26 -4.92 0.98
CA ALA C 9 60.85 -4.44 2.21
C ALA C 9 60.67 -5.47 3.32
N ALA C 10 59.56 -6.19 3.25
CA ALA C 10 59.24 -7.21 4.23
C ALA C 10 58.11 -8.12 3.78
N VAL C 11 58.16 -9.36 4.24
CA VAL C 11 57.14 -10.33 3.90
C VAL C 11 56.23 -10.32 5.10
N VAL C 12 54.93 -10.43 4.85
CA VAL C 12 53.94 -10.43 5.91
C VAL C 12 52.94 -11.49 5.56
N ASN C 13 53.00 -12.62 6.27
CA ASN C 13 52.12 -13.77 6.05
C ASN C 13 51.93 -14.05 4.56
N ASN C 14 50.68 -13.94 4.09
CA ASN C 14 50.36 -14.18 2.68
C ASN C 14 50.49 -12.90 1.88
N GLY C 15 51.68 -12.32 1.88
CA GLY C 15 51.90 -11.07 1.16
C GLY C 15 53.18 -10.35 1.53
N VAL C 16 53.40 -9.19 0.91
CA VAL C 16 54.61 -8.41 1.18
C VAL C 16 54.43 -6.90 1.36
N VAL C 17 55.49 -6.24 1.84
CA VAL C 17 55.48 -4.79 2.04
C VAL C 17 56.47 -4.24 1.01
N LEU C 18 55.94 -3.64 -0.05
CA LEU C 18 56.79 -3.13 -1.11
C LEU C 18 57.65 -1.91 -0.81
N GLU C 19 58.84 -1.90 -1.39
CA GLU C 19 59.76 -0.80 -1.18
C GLU C 19 59.07 0.50 -1.53
N SER C 20 58.24 0.46 -2.58
CA SER C 20 57.51 1.64 -3.01
C SER C 20 56.59 2.12 -1.89
N ASP C 21 55.80 1.21 -1.33
CA ASP C 21 54.87 1.51 -0.25
C ASP C 21 55.59 2.21 0.89
N VAL C 22 56.80 1.75 1.19
CA VAL C 22 57.54 2.39 2.27
C VAL C 22 57.85 3.82 1.91
N ASP C 23 58.24 4.05 0.66
CA ASP C 23 58.59 5.40 0.19
C ASP C 23 57.40 6.36 0.28
N GLY C 24 56.24 5.88 -0.15
CA GLY C 24 55.07 6.72 -0.11
C GLY C 24 54.78 7.21 1.30
N LEU C 25 54.79 6.30 2.26
CA LEU C 25 54.50 6.70 3.63
C LEU C 25 55.59 7.63 4.13
N MET C 26 56.82 7.32 3.77
CA MET C 26 57.95 8.14 4.18
C MET C 26 57.70 9.56 3.71
N GLN C 27 57.40 9.71 2.43
CA GLN C 27 57.14 11.03 1.86
C GLN C 27 55.93 11.71 2.48
N SER C 28 54.92 10.94 2.84
CA SER C 28 53.75 11.53 3.43
C SER C 28 54.18 12.19 4.73
N VAL C 29 54.85 11.44 5.58
CA VAL C 29 55.32 11.97 6.85
C VAL C 29 56.25 13.15 6.64
N LYS C 30 57.16 13.02 5.69
CA LYS C 30 58.12 14.09 5.42
C LYS C 30 57.40 15.41 5.14
N LEU C 31 56.53 15.42 4.13
CA LEU C 31 55.77 16.61 3.79
C LEU C 31 54.95 17.09 4.98
N ASN C 32 54.02 16.26 5.42
CA ASN C 32 53.20 16.67 6.54
C ASN C 32 54.01 17.23 7.69
N ALA C 33 55.22 16.70 7.87
CA ALA C 33 56.11 17.16 8.94
C ALA C 33 56.56 18.57 8.65
N ALA C 34 56.98 18.79 7.41
CA ALA C 34 57.44 20.10 6.97
C ALA C 34 56.31 21.12 7.02
N GLN C 35 55.22 20.80 6.35
CA GLN C 35 54.04 21.67 6.29
C GLN C 35 53.46 21.94 7.68
N ALA C 36 54.21 21.56 8.72
CA ALA C 36 53.79 21.75 10.11
C ALA C 36 54.95 22.15 11.02
N ARG C 37 56.13 22.31 10.43
CA ARG C 37 57.30 22.69 11.21
C ARG C 37 57.50 21.72 12.36
N GLN C 38 57.73 20.46 12.04
CA GLN C 38 57.94 19.42 13.04
C GLN C 38 59.24 18.68 12.74
N GLN C 39 60.09 18.56 13.77
CA GLN C 39 61.36 17.86 13.62
C GLN C 39 61.12 16.35 13.49
N LEU C 40 61.86 15.70 12.60
CA LEU C 40 61.71 14.26 12.42
C LEU C 40 62.99 13.54 12.88
N PRO C 41 62.87 12.33 13.45
CA PRO C 41 64.13 11.69 13.83
C PRO C 41 64.85 11.24 12.55
N ASP C 42 66.09 10.77 12.67
CA ASP C 42 66.86 10.32 11.50
C ASP C 42 66.12 9.26 10.67
N ASP C 43 66.27 9.34 9.35
CA ASP C 43 65.61 8.41 8.44
C ASP C 43 65.67 6.95 8.86
N ALA C 44 66.61 6.60 9.72
CA ALA C 44 66.73 5.21 10.16
C ALA C 44 65.53 4.86 11.03
N THR C 45 65.41 5.58 12.15
CA THR C 45 64.31 5.38 13.08
C THR C 45 62.99 5.49 12.34
N LEU C 46 62.87 6.56 11.56
CA LEU C 46 61.69 6.81 10.75
C LEU C 46 61.27 5.60 9.93
N ARG C 47 62.18 5.07 9.13
CA ARG C 47 61.85 3.93 8.31
C ARG C 47 61.21 2.85 9.20
N HIS C 48 61.84 2.57 10.33
CA HIS C 48 61.34 1.56 11.26
C HIS C 48 59.85 1.72 11.56
N GLN C 49 59.48 2.89 12.06
CA GLN C 49 58.09 3.19 12.37
C GLN C 49 57.26 3.01 11.13
N ILE C 50 57.73 3.51 10.00
CA ILE C 50 56.94 3.36 8.80
C ILE C 50 56.70 1.89 8.52
N MET C 51 57.76 1.12 8.63
CA MET C 51 57.66 -0.32 8.42
C MET C 51 56.58 -0.86 9.35
N GLU C 52 56.77 -0.65 10.65
CA GLU C 52 55.83 -1.14 11.62
C GLU C 52 54.41 -0.80 11.23
N ARG C 53 54.20 0.40 10.71
CA ARG C 53 52.86 0.77 10.32
C ARG C 53 52.45 -0.06 9.11
N LEU C 54 53.32 -0.13 8.11
CA LEU C 54 53.02 -0.89 6.90
C LEU C 54 52.77 -2.36 7.15
N ILE C 55 53.66 -2.99 7.90
CA ILE C 55 53.50 -4.41 8.20
C ILE C 55 52.12 -4.63 8.79
N MET C 56 51.74 -3.81 9.77
CA MET C 56 50.44 -3.92 10.44
C MET C 56 49.26 -3.72 9.48
N ASP C 57 49.34 -2.68 8.65
CA ASP C 57 48.29 -2.40 7.68
C ASP C 57 48.15 -3.64 6.81
N GLN C 58 49.28 -4.28 6.51
CA GLN C 58 49.29 -5.47 5.69
C GLN C 58 48.56 -6.62 6.38
N ILE C 59 48.97 -6.94 7.60
CA ILE C 59 48.33 -8.01 8.34
C ILE C 59 46.82 -7.84 8.39
N ILE C 60 46.37 -6.73 8.97
CA ILE C 60 44.94 -6.52 9.12
C ILE C 60 44.24 -6.39 7.77
N LEU C 61 45.02 -6.20 6.73
CA LEU C 61 44.42 -6.07 5.41
C LEU C 61 44.13 -7.46 4.85
N GLN C 62 45.11 -8.35 4.94
CA GLN C 62 44.93 -9.71 4.46
C GLN C 62 43.74 -10.29 5.21
N MET C 63 43.72 -10.01 6.50
CA MET C 63 42.65 -10.48 7.36
C MET C 63 41.33 -10.10 6.72
N GLY C 64 41.21 -8.85 6.30
CA GLY C 64 39.97 -8.41 5.68
C GLY C 64 39.64 -9.25 4.46
N GLN C 65 40.66 -9.64 3.71
CA GLN C 65 40.45 -10.46 2.53
C GLN C 65 39.84 -11.81 2.88
N LYS C 66 40.50 -12.54 3.77
CA LYS C 66 40.00 -13.86 4.20
C LYS C 66 38.53 -13.77 4.62
N MET C 67 38.23 -12.96 5.63
CA MET C 67 36.85 -12.84 6.08
C MET C 67 35.98 -12.03 5.11
N GLY C 68 36.32 -12.13 3.82
CA GLY C 68 35.61 -11.45 2.75
C GLY C 68 35.00 -10.08 3.00
N VAL C 69 35.85 -9.06 3.12
CA VAL C 69 35.41 -7.70 3.35
C VAL C 69 35.49 -6.94 2.03
N LYS C 70 34.35 -6.44 1.58
CA LYS C 70 34.27 -5.70 0.33
C LYS C 70 33.67 -4.33 0.59
N ILE C 71 34.11 -3.34 -0.18
CA ILE C 71 33.59 -1.98 -0.02
C ILE C 71 33.00 -1.53 -1.35
N SER C 72 31.67 -1.37 -1.37
CA SER C 72 30.95 -0.96 -2.56
C SER C 72 31.31 0.46 -2.98
N ASP C 73 31.41 0.68 -4.29
CA ASP C 73 31.75 1.99 -4.80
C ASP C 73 30.82 3.03 -4.22
N GLU C 74 29.58 2.63 -3.94
CA GLU C 74 28.61 3.55 -3.35
C GLU C 74 29.10 4.10 -2.01
N GLN C 75 29.66 3.23 -1.17
CA GLN C 75 30.18 3.65 0.14
C GLN C 75 31.47 4.44 -0.03
N LEU C 76 32.31 3.98 -0.93
CA LEU C 76 33.58 4.64 -1.23
C LEU C 76 33.33 6.11 -1.50
N ASP C 77 32.45 6.37 -2.47
CA ASP C 77 32.10 7.72 -2.86
C ASP C 77 31.70 8.54 -1.64
N GLN C 78 30.92 7.95 -0.77
CA GLN C 78 30.50 8.66 0.42
C GLN C 78 31.72 9.05 1.25
N ALA C 79 32.67 8.13 1.37
CA ALA C 79 33.89 8.37 2.16
C ALA C 79 34.70 9.51 1.57
N ILE C 80 35.01 9.39 0.28
CA ILE C 80 35.76 10.42 -0.41
C ILE C 80 35.02 11.75 -0.23
N ALA C 81 33.70 11.70 -0.41
CA ALA C 81 32.83 12.86 -0.24
C ALA C 81 33.08 13.52 1.12
N ASN C 82 33.11 12.70 2.16
CA ASN C 82 33.34 13.19 3.52
C ASN C 82 34.71 13.82 3.65
N ILE C 83 35.70 13.26 2.98
CA ILE C 83 37.04 13.81 3.06
C ILE C 83 36.99 15.18 2.41
N ALA C 84 36.20 15.27 1.34
CA ALA C 84 36.01 16.51 0.61
C ALA C 84 35.37 17.57 1.53
N LYS C 85 34.32 17.15 2.24
CA LYS C 85 33.59 18.03 3.13
C LYS C 85 34.45 18.41 4.32
N GLN C 86 35.19 17.43 4.82
CA GLN C 86 36.09 17.64 5.96
C GLN C 86 37.16 18.64 5.53
N ASN C 87 37.34 18.80 4.21
CA ASN C 87 38.35 19.72 3.68
C ASN C 87 37.83 20.91 2.88
N ASN C 88 36.57 21.27 3.12
CA ASN C 88 35.95 22.41 2.49
C ASN C 88 35.80 22.34 0.99
N MET C 89 35.24 21.24 0.49
CA MET C 89 34.99 21.15 -0.95
C MET C 89 33.90 20.14 -1.34
N THR C 90 33.50 20.20 -2.61
CA THR C 90 32.48 19.30 -3.12
C THR C 90 33.25 18.15 -3.75
N LEU C 91 32.59 17.03 -3.99
CA LEU C 91 33.28 15.89 -4.58
C LEU C 91 34.04 16.34 -5.85
N ASP C 92 33.34 17.04 -6.75
CA ASP C 92 33.96 17.53 -8.00
C ASP C 92 35.13 18.45 -7.63
N GLN C 93 34.87 19.32 -6.66
CA GLN C 93 35.83 20.30 -6.19
C GLN C 93 37.12 19.62 -5.73
N MET C 94 37.01 18.42 -5.18
CA MET C 94 38.17 17.68 -4.71
C MET C 94 38.72 16.80 -5.84
N ARG C 95 37.83 16.21 -6.63
CA ARG C 95 38.25 15.37 -7.74
C ARG C 95 39.15 16.15 -8.69
N SER C 96 38.83 17.43 -8.87
CA SER C 96 39.61 18.30 -9.76
C SER C 96 40.97 18.60 -9.14
N ARG C 97 40.96 18.99 -7.86
CA ARG C 97 42.20 19.28 -7.15
C ARG C 97 43.16 18.11 -7.33
N LEU C 98 42.62 16.90 -7.19
CA LEU C 98 43.39 15.67 -7.38
C LEU C 98 43.92 15.59 -8.80
N ALA C 99 43.04 15.90 -9.76
CA ALA C 99 43.41 15.89 -11.17
C ALA C 99 44.55 16.89 -11.35
N TYR C 100 44.31 18.09 -10.85
CA TYR C 100 45.29 19.16 -10.94
C TYR C 100 46.61 18.70 -10.30
N ASP C 101 46.55 18.00 -9.17
CA ASP C 101 47.79 17.60 -8.53
C ASP C 101 48.52 16.49 -9.29
N GLY C 102 47.83 15.87 -10.24
CA GLY C 102 48.45 14.80 -11.02
C GLY C 102 48.05 13.36 -10.72
N LEU C 103 47.14 13.15 -9.77
CA LEU C 103 46.70 11.82 -9.35
C LEU C 103 45.65 11.10 -10.19
N ASN C 104 45.85 9.80 -10.41
CA ASN C 104 44.88 9.02 -11.16
C ASN C 104 43.76 8.78 -10.16
N TYR C 105 42.54 9.16 -10.53
CA TYR C 105 41.42 9.00 -9.61
C TYR C 105 41.16 7.62 -9.05
N ASN C 106 41.27 6.60 -9.89
CA ASN C 106 41.04 5.22 -9.45
C ASN C 106 42.12 4.79 -8.47
N THR C 107 43.38 5.09 -8.80
CA THR C 107 44.50 4.79 -7.92
C THR C 107 44.19 5.32 -6.52
N TYR C 108 43.69 6.54 -6.49
CA TYR C 108 43.33 7.17 -5.24
C TYR C 108 42.20 6.40 -4.58
N ARG C 109 41.07 6.23 -5.25
CA ARG C 109 39.94 5.50 -4.67
C ARG C 109 40.44 4.21 -4.06
N ASN C 110 41.27 3.50 -4.80
CA ASN C 110 41.83 2.22 -4.34
C ASN C 110 42.57 2.37 -3.01
N GLN C 111 43.22 3.51 -2.81
CA GLN C 111 43.94 3.76 -1.56
C GLN C 111 42.93 3.97 -0.45
N ILE C 112 41.90 4.76 -0.75
CA ILE C 112 40.88 5.03 0.25
C ILE C 112 40.16 3.74 0.58
N ARG C 113 40.07 2.83 -0.41
CA ARG C 113 39.41 1.56 -0.17
C ARG C 113 40.24 0.77 0.83
N LYS C 114 41.53 0.61 0.57
CA LYS C 114 42.39 -0.11 1.51
C LYS C 114 42.26 0.47 2.93
N GLU C 115 42.19 1.80 3.03
CA GLU C 115 42.04 2.44 4.34
C GLU C 115 40.74 1.99 4.97
N MET C 116 39.70 1.88 4.16
CA MET C 116 38.38 1.48 4.62
C MET C 116 38.22 0.04 5.05
N ILE C 117 38.81 -0.89 4.32
CA ILE C 117 38.69 -2.26 4.75
C ILE C 117 39.50 -2.41 6.07
N ILE C 118 40.67 -1.78 6.17
CA ILE C 118 41.45 -1.88 7.41
C ILE C 118 40.64 -1.30 8.56
N SER C 119 40.05 -0.13 8.36
CA SER C 119 39.28 0.51 9.41
C SER C 119 38.18 -0.44 9.85
N GLU C 120 37.50 -1.04 8.88
CA GLU C 120 36.42 -1.98 9.18
C GLU C 120 36.86 -3.22 9.93
N VAL C 121 37.84 -3.92 9.38
CA VAL C 121 38.38 -5.10 10.03
C VAL C 121 38.81 -4.80 11.46
N ARG C 122 39.59 -3.73 11.67
CA ARG C 122 40.03 -3.39 13.02
C ARG C 122 38.82 -3.18 13.94
N ASN C 123 37.85 -2.38 13.51
CA ASN C 123 36.67 -2.13 14.34
C ASN C 123 35.95 -3.43 14.68
N ASN C 124 35.59 -4.17 13.64
CA ASN C 124 34.89 -5.44 13.78
C ASN C 124 35.58 -6.41 14.73
N GLU C 125 36.89 -6.62 14.56
CA GLU C 125 37.63 -7.53 15.43
C GLU C 125 37.69 -7.01 16.86
N VAL C 126 38.00 -5.74 17.04
CA VAL C 126 38.07 -5.24 18.39
C VAL C 126 36.71 -5.41 19.04
N ARG C 127 35.65 -5.31 18.25
CA ARG C 127 34.30 -5.49 18.80
C ARG C 127 34.18 -6.91 19.35
N ARG C 128 34.48 -7.89 18.50
CA ARG C 128 34.43 -9.32 18.86
C ARG C 128 35.43 -9.63 19.97
N ARG C 129 35.94 -8.62 20.66
CA ARG C 129 36.92 -8.87 21.71
C ARG C 129 36.73 -7.99 22.94
N ILE C 130 36.13 -6.82 22.77
CA ILE C 130 35.91 -5.95 23.89
C ILE C 130 35.11 -6.75 24.93
N THR C 131 35.43 -6.56 26.20
CA THR C 131 34.76 -7.30 27.25
C THR C 131 34.09 -6.37 28.27
N ILE C 132 32.82 -6.65 28.59
CA ILE C 132 32.03 -5.84 29.53
C ILE C 132 31.78 -6.56 30.85
N LEU C 133 32.52 -6.18 31.90
CA LEU C 133 32.36 -6.83 33.20
C LEU C 133 30.99 -6.67 33.78
N PRO C 134 30.52 -7.69 34.51
CA PRO C 134 29.20 -7.68 35.14
C PRO C 134 28.96 -6.43 35.95
N GLN C 135 27.79 -5.81 35.73
CA GLN C 135 27.39 -4.59 36.43
C GLN C 135 28.28 -3.40 36.19
N GLU C 136 29.14 -3.45 35.17
CA GLU C 136 30.04 -2.34 34.90
C GLU C 136 29.31 -1.08 34.40
N VAL C 137 28.47 -1.24 33.39
CA VAL C 137 27.73 -0.11 32.83
C VAL C 137 26.79 0.52 33.87
N GLU C 138 25.97 -0.30 34.53
CA GLU C 138 25.04 0.23 35.52
C GLU C 138 25.78 0.91 36.66
N SER C 139 27.02 0.45 36.91
CA SER C 139 27.83 1.02 37.99
C SER C 139 28.38 2.38 37.58
N LEU C 140 28.89 2.46 36.36
CA LEU C 140 29.41 3.73 35.89
C LEU C 140 28.24 4.70 35.73
N ALA C 141 27.11 4.18 35.28
CA ALA C 141 25.92 4.98 35.09
C ALA C 141 25.51 5.66 36.38
N GLN C 142 25.40 4.88 37.45
CA GLN C 142 24.98 5.40 38.74
C GLN C 142 25.89 6.48 39.33
N GLN C 143 27.18 6.47 39.00
CA GLN C 143 28.09 7.48 39.53
C GLN C 143 28.20 8.70 38.64
N THR C 152 37.44 21.45 32.25
CA THR C 152 38.69 22.03 31.70
C THR C 152 39.36 21.06 30.73
N GLU C 153 38.93 21.36 29.49
CA GLU C 153 39.32 20.72 28.24
C GLU C 153 40.84 20.78 28.17
N LEU C 154 41.43 19.74 27.60
CA LEU C 154 42.87 19.68 27.51
C LEU C 154 43.37 19.16 26.17
N ASN C 155 44.54 19.66 25.76
CA ASN C 155 45.17 19.25 24.51
C ASN C 155 46.50 18.59 24.85
N LEU C 156 46.67 17.34 24.47
CA LEU C 156 47.90 16.65 24.79
C LEU C 156 48.38 15.59 23.81
N SER C 157 49.70 15.42 23.76
CA SER C 157 50.30 14.44 22.90
C SER C 157 50.57 13.19 23.73
N HIS C 158 50.63 12.05 23.04
CA HIS C 158 50.77 10.77 23.69
C HIS C 158 51.84 9.82 23.14
N ILE C 159 52.59 9.19 24.04
CA ILE C 159 53.62 8.22 23.65
C ILE C 159 53.40 6.90 24.36
N LEU C 160 53.40 5.82 23.61
CA LEU C 160 53.21 4.50 24.19
C LEU C 160 54.41 3.59 24.03
N ILE C 161 54.89 3.05 25.14
CA ILE C 161 55.97 2.09 25.07
C ILE C 161 55.17 0.80 25.26
N PRO C 162 55.02 0.04 24.18
CA PRO C 162 54.26 -1.21 24.21
C PRO C 162 54.75 -2.27 25.18
N LEU C 163 53.83 -3.15 25.56
CA LEU C 163 54.12 -4.24 26.49
C LEU C 163 53.03 -5.29 26.27
N PRO C 164 53.39 -6.59 26.19
CA PRO C 164 52.38 -7.65 25.98
C PRO C 164 51.34 -7.74 27.10
N GLU C 165 50.33 -8.57 26.90
CA GLU C 165 49.26 -8.76 27.89
C GLU C 165 49.82 -9.31 29.20
N ASN C 166 50.55 -10.41 29.09
CA ASN C 166 51.18 -11.04 30.24
C ASN C 166 52.67 -10.97 29.95
N PRO C 167 53.30 -9.86 30.34
CA PRO C 167 54.73 -9.65 30.11
C PRO C 167 55.60 -10.26 31.20
N THR C 168 56.91 -10.20 31.01
CA THR C 168 57.84 -10.74 31.98
C THR C 168 58.52 -9.59 32.69
N SER C 169 59.00 -9.85 33.91
CA SER C 169 59.68 -8.83 34.68
C SER C 169 60.66 -8.16 33.74
N ASP C 170 61.44 -8.99 33.05
CA ASP C 170 62.42 -8.50 32.12
C ASP C 170 61.74 -7.50 31.19
N GLN C 171 60.64 -7.93 30.56
CA GLN C 171 59.89 -7.08 29.63
C GLN C 171 59.38 -5.80 30.26
N VAL C 172 58.79 -5.91 31.44
CA VAL C 172 58.27 -4.76 32.14
C VAL C 172 59.40 -3.76 32.47
N ASN C 173 60.54 -4.26 32.91
CA ASN C 173 61.58 -3.33 33.23
C ASN C 173 62.11 -2.66 31.97
N GLU C 174 62.36 -3.42 30.91
CA GLU C 174 62.85 -2.81 29.67
C GLU C 174 61.91 -1.67 29.32
N ALA C 175 60.62 -1.99 29.32
CA ALA C 175 59.59 -1.01 29.01
C ALA C 175 59.66 0.16 29.97
N GLU C 176 59.66 -0.11 31.27
CA GLU C 176 59.71 0.99 32.23
C GLU C 176 60.94 1.85 32.03
N SER C 177 62.11 1.21 31.92
CA SER C 177 63.35 1.96 31.72
C SER C 177 63.19 2.86 30.50
N GLN C 178 62.85 2.27 29.37
CA GLN C 178 62.65 3.01 28.13
C GLN C 178 61.69 4.19 28.36
N ALA C 179 60.58 3.94 29.02
CA ALA C 179 59.61 5.00 29.28
C ALA C 179 60.20 6.09 30.16
N ARG C 180 60.83 5.71 31.26
CA ARG C 180 61.43 6.71 32.15
C ARG C 180 62.38 7.60 31.33
N ALA C 181 63.33 7.00 30.63
CA ALA C 181 64.30 7.74 29.80
C ALA C 181 63.65 8.76 28.89
N ILE C 182 62.53 8.40 28.28
CA ILE C 182 61.79 9.29 27.39
C ILE C 182 61.21 10.45 28.20
N VAL C 183 60.69 10.12 29.38
CA VAL C 183 60.11 11.12 30.26
C VAL C 183 61.19 12.09 30.70
N ASP C 184 62.42 11.62 30.76
CA ASP C 184 63.52 12.48 31.16
C ASP C 184 63.70 13.53 30.06
N GLN C 185 64.16 13.08 28.90
CA GLN C 185 64.37 13.97 27.76
C GLN C 185 63.15 14.88 27.52
N ALA C 186 61.95 14.38 27.80
CA ALA C 186 60.75 15.17 27.60
C ALA C 186 60.81 16.42 28.47
N ARG C 187 61.26 16.21 29.71
CA ARG C 187 61.36 17.29 30.68
C ARG C 187 62.56 18.19 30.48
N ASN C 188 63.59 17.66 29.86
CA ASN C 188 64.75 18.47 29.58
C ASN C 188 64.54 19.23 28.28
N GLY C 189 63.28 19.41 27.92
CA GLY C 189 62.93 20.17 26.73
C GLY C 189 62.94 19.54 25.36
N ALA C 190 63.35 18.29 25.25
CA ALA C 190 63.38 17.60 23.96
C ALA C 190 62.02 17.65 23.24
N ASP C 191 62.05 17.64 21.91
CA ASP C 191 60.82 17.70 21.13
C ASP C 191 60.00 16.44 21.38
N PHE C 192 58.88 16.60 22.09
CA PHE C 192 58.01 15.48 22.40
C PHE C 192 57.42 14.83 21.15
N GLY C 193 57.00 15.64 20.18
CA GLY C 193 56.43 15.09 18.97
C GLY C 193 57.49 14.32 18.20
N LYS C 194 58.74 14.71 18.38
CA LYS C 194 59.83 14.03 17.71
C LYS C 194 59.93 12.65 18.34
N LEU C 195 59.94 12.61 19.68
CA LEU C 195 60.03 11.36 20.43
C LEU C 195 58.89 10.42 20.07
N ALA C 196 57.68 10.97 20.01
CA ALA C 196 56.51 10.16 19.66
C ALA C 196 56.78 9.45 18.33
N ILE C 197 57.18 10.23 17.33
CA ILE C 197 57.47 9.68 16.02
C ILE C 197 58.55 8.59 16.14
N ALA C 198 59.47 8.77 17.07
CA ALA C 198 60.54 7.80 17.21
C ALA C 198 60.27 6.59 18.11
N HIS C 199 59.37 6.72 19.10
CA HIS C 199 59.10 5.58 19.98
C HIS C 199 57.66 5.23 20.28
N SER C 200 56.75 6.18 20.09
CA SER C 200 55.37 5.86 20.39
C SER C 200 54.94 4.68 19.54
N ALA C 201 54.05 3.87 20.09
CA ALA C 201 53.56 2.72 19.38
C ALA C 201 52.08 2.88 19.07
N ASP C 202 51.45 3.94 19.60
CA ASP C 202 50.03 4.13 19.33
C ASP C 202 49.82 4.51 17.87
N GLN C 203 48.56 4.55 17.45
CA GLN C 203 48.19 4.89 16.09
C GLN C 203 48.73 6.26 15.71
N GLN C 204 48.61 7.19 16.64
CA GLN C 204 49.03 8.57 16.43
C GLN C 204 50.51 8.89 16.45
N ALA C 205 51.34 7.86 16.64
CA ALA C 205 52.78 8.05 16.70
C ALA C 205 53.34 8.86 15.53
N LEU C 206 53.11 8.38 14.31
CA LEU C 206 53.60 9.08 13.12
C LEU C 206 53.12 10.52 13.06
N ASN C 207 52.03 10.84 13.74
CA ASN C 207 51.54 12.20 13.71
C ASN C 207 51.93 12.97 14.97
N GLY C 208 53.20 12.87 15.35
CA GLY C 208 53.66 13.56 16.53
C GLY C 208 53.04 13.04 17.82
N GLY C 209 52.11 12.09 17.70
CA GLY C 209 51.46 11.52 18.86
C GLY C 209 50.41 12.45 19.41
N GLN C 210 49.83 13.25 18.51
CA GLN C 210 48.81 14.23 18.88
C GLN C 210 47.43 13.63 19.08
N MET C 211 46.81 13.94 20.21
CA MET C 211 45.46 13.46 20.50
C MET C 211 44.51 14.63 20.28
N GLY C 212 45.02 15.84 20.46
CA GLY C 212 44.21 17.03 20.29
C GLY C 212 43.57 17.48 21.58
N TRP C 213 42.44 18.20 21.50
CA TRP C 213 41.75 18.66 22.71
C TRP C 213 40.68 17.67 23.12
N GLY C 214 40.43 17.58 24.42
CA GLY C 214 39.42 16.66 24.92
C GLY C 214 39.10 16.87 26.39
N ARG C 215 37.94 16.36 26.78
CA ARG C 215 37.49 16.49 28.16
C ARG C 215 38.32 15.54 29.01
N ILE C 216 38.84 16.05 30.12
CA ILE C 216 39.64 15.22 31.01
C ILE C 216 38.83 13.98 31.41
N GLN C 217 37.50 14.11 31.34
CA GLN C 217 36.59 13.04 31.71
C GLN C 217 36.48 11.91 30.68
N GLU C 218 36.74 12.22 29.41
CA GLU C 218 36.67 11.22 28.35
C GLU C 218 37.94 10.39 28.26
N LEU C 219 38.85 10.62 29.21
CA LEU C 219 40.10 9.91 29.25
C LEU C 219 40.08 8.79 30.26
N PRO C 220 40.85 7.74 30.00
CA PRO C 220 40.86 6.64 30.97
C PRO C 220 41.14 7.23 32.36
N GLY C 221 40.64 6.57 33.41
CA GLY C 221 40.85 7.06 34.76
C GLY C 221 42.30 6.95 35.18
N ILE C 222 43.00 5.98 34.62
CA ILE C 222 44.40 5.75 34.92
C ILE C 222 45.21 7.04 34.69
N PHE C 223 44.60 7.98 33.98
CA PHE C 223 45.23 9.27 33.68
C PHE C 223 44.53 10.41 34.38
N ALA C 224 43.20 10.35 34.42
CA ALA C 224 42.38 11.37 35.05
C ALA C 224 43.03 11.88 36.34
N GLN C 225 43.61 10.95 37.09
CA GLN C 225 44.28 11.28 38.34
C GLN C 225 45.37 12.34 38.17
N ALA C 226 46.41 12.01 37.40
CA ALA C 226 47.56 12.91 37.18
C ALA C 226 47.29 14.16 36.39
N LEU C 227 46.27 14.14 35.54
CA LEU C 227 45.96 15.30 34.73
C LEU C 227 45.04 16.30 35.44
N SER C 228 44.77 16.06 36.72
CA SER C 228 43.93 16.95 37.48
C SER C 228 44.81 18.09 37.99
N THR C 229 46.04 17.73 38.38
CA THR C 229 47.00 18.70 38.89
C THR C 229 47.83 19.25 37.75
N ALA C 230 47.78 18.56 36.62
CA ALA C 230 48.53 18.94 35.42
C ALA C 230 48.52 20.42 35.00
N LYS C 231 49.72 21.01 34.98
CA LYS C 231 49.89 22.40 34.57
C LYS C 231 50.39 22.37 33.12
N LYS C 232 50.09 23.41 32.36
CA LYS C 232 50.50 23.48 30.95
C LYS C 232 52.01 23.30 30.75
N GLY C 233 52.36 22.43 29.81
CA GLY C 233 53.75 22.16 29.51
C GLY C 233 54.31 20.96 30.26
N ASP C 234 53.50 20.39 31.13
CA ASP C 234 53.92 19.25 31.93
C ASP C 234 53.96 17.92 31.20
N ILE C 235 54.83 17.06 31.70
CA ILE C 235 55.01 15.72 31.18
C ILE C 235 54.49 14.80 32.29
N VAL C 236 53.44 14.04 32.01
CA VAL C 236 52.88 13.15 33.03
C VAL C 236 53.58 11.81 33.09
N GLY C 237 54.28 11.58 34.20
CA GLY C 237 55.03 10.37 34.44
C GLY C 237 54.51 9.10 33.79
N PRO C 238 55.39 8.14 33.50
CA PRO C 238 55.01 6.88 32.86
C PRO C 238 53.95 6.09 33.60
N ILE C 239 52.72 6.17 33.08
CA ILE C 239 51.57 5.47 33.63
C ILE C 239 51.50 4.06 33.03
N ARG C 240 51.38 3.04 33.89
CA ARG C 240 51.29 1.66 33.44
C ARG C 240 49.85 1.21 33.16
N SER C 241 49.65 0.52 32.05
CA SER C 241 48.32 0.03 31.70
C SER C 241 48.50 -1.39 31.17
N GLY C 242 47.43 -1.96 30.64
CA GLY C 242 47.51 -3.33 30.14
C GLY C 242 48.28 -3.41 28.84
N VAL C 243 48.37 -2.28 28.16
CA VAL C 243 49.07 -2.26 26.89
C VAL C 243 50.52 -1.84 27.01
N GLY C 244 50.88 -1.24 28.14
CA GLY C 244 52.26 -0.80 28.31
C GLY C 244 52.34 0.49 29.10
N PHE C 245 53.40 1.25 28.90
CA PHE C 245 53.54 2.50 29.62
C PHE C 245 53.19 3.72 28.79
N HIS C 246 52.37 4.58 29.38
CA HIS C 246 51.89 5.79 28.74
C HIS C 246 52.62 7.03 29.23
N ILE C 247 52.81 7.98 28.33
CA ILE C 247 53.46 9.25 28.65
C ILE C 247 52.66 10.30 27.93
N LEU C 248 52.20 11.29 28.67
CA LEU C 248 51.43 12.35 28.05
C LEU C 248 52.16 13.65 28.28
N LYS C 249 51.95 14.58 27.35
CA LYS C 249 52.53 15.90 27.47
C LYS C 249 51.35 16.84 27.37
N VAL C 250 51.20 17.68 28.40
CA VAL C 250 50.14 18.67 28.44
C VAL C 250 50.59 19.82 27.52
N ASN C 251 50.10 19.79 26.29
CA ASN C 251 50.44 20.79 25.30
C ASN C 251 49.80 22.14 25.57
N ASP C 252 48.47 22.19 25.60
CA ASP C 252 47.74 23.43 25.88
C ASP C 252 46.60 23.11 26.84
N LEU C 253 46.08 24.14 27.51
CA LEU C 253 45.03 23.94 28.50
C LEU C 253 44.02 25.09 28.55
N THR C 263 17.75 30.60 25.41
CA THR C 263 16.55 30.82 26.24
C THR C 263 15.24 30.45 25.49
N GLU C 264 14.42 29.59 26.06
CA GLU C 264 13.15 29.24 25.42
C GLU C 264 12.04 30.05 26.05
N VAL C 265 10.81 29.84 25.59
CA VAL C 265 9.66 30.55 26.14
C VAL C 265 8.39 29.76 25.99
N HIS C 266 7.56 29.85 27.02
CA HIS C 266 6.29 29.15 27.05
C HIS C 266 5.24 30.23 26.83
N ALA C 267 4.40 30.03 25.82
CA ALA C 267 3.33 30.98 25.53
C ALA C 267 2.17 30.23 24.98
N ARG C 268 1.07 30.94 24.86
CA ARG C 268 -0.10 30.34 24.31
C ARG C 268 -0.72 31.48 23.55
N HIS C 269 -1.36 31.14 22.44
CA HIS C 269 -1.98 32.17 21.64
C HIS C 269 -3.28 31.65 21.09
N ILE C 270 -4.23 32.54 20.93
CA ILE C 270 -5.49 32.14 20.35
C ILE C 270 -5.37 32.86 19.00
N LEU C 271 -5.47 32.09 17.91
CA LEU C 271 -5.32 32.62 16.54
C LEU C 271 -6.59 32.71 15.72
N LEU C 272 -6.61 33.70 14.83
CA LEU C 272 -7.72 33.93 13.92
C LEU C 272 -7.09 34.16 12.55
N LYS C 273 -7.53 33.40 11.56
CA LYS C 273 -6.98 33.51 10.21
C LYS C 273 -8.04 34.12 9.29
N PRO C 274 -7.71 35.26 8.65
CA PRO C 274 -8.64 35.94 7.74
C PRO C 274 -8.82 35.17 6.43
N SER C 275 -10.02 35.25 5.90
CA SER C 275 -10.36 34.58 4.65
C SER C 275 -11.83 34.91 4.35
N PRO C 276 -12.22 34.87 3.07
CA PRO C 276 -13.58 35.16 2.64
C PRO C 276 -14.50 35.94 3.58
N ILE C 277 -14.92 35.33 4.68
CA ILE C 277 -15.82 36.03 5.61
C ILE C 277 -15.14 37.10 6.47
N MET C 278 -14.17 36.69 7.29
CA MET C 278 -13.48 37.63 8.17
C MET C 278 -12.29 38.31 7.51
N THR C 279 -12.36 39.64 7.42
CA THR C 279 -11.27 40.43 6.84
C THR C 279 -10.30 40.73 7.98
N ASP C 280 -9.17 41.35 7.66
CA ASP C 280 -8.18 41.67 8.69
C ASP C 280 -8.81 42.43 9.85
N GLU C 281 -9.88 43.19 9.57
CA GLU C 281 -10.54 43.94 10.63
C GLU C 281 -11.61 43.07 11.26
N GLN C 282 -12.30 42.28 10.46
CA GLN C 282 -13.31 41.39 10.99
C GLN C 282 -12.65 40.64 12.16
N ALA C 283 -11.49 40.04 11.87
CA ALA C 283 -10.72 39.25 12.82
C ALA C 283 -10.16 40.00 14.03
N ARG C 284 -9.49 41.12 13.77
CA ARG C 284 -8.89 41.91 14.85
C ARG C 284 -9.93 42.34 15.87
N VAL C 285 -11.13 42.62 15.40
CA VAL C 285 -12.22 43.05 16.27
C VAL C 285 -12.67 41.91 17.20
N LYS C 286 -12.60 40.68 16.71
CA LYS C 286 -12.98 39.54 17.54
C LYS C 286 -11.94 39.45 18.64
N LEU C 287 -10.67 39.35 18.26
CA LEU C 287 -9.59 39.28 19.22
C LEU C 287 -9.62 40.37 20.29
N GLU C 288 -10.19 41.52 19.97
CA GLU C 288 -10.30 42.63 20.94
C GLU C 288 -11.27 42.19 22.05
N GLN C 289 -12.38 41.59 21.61
CA GLN C 289 -13.46 41.07 22.45
C GLN C 289 -13.00 39.87 23.26
N ILE C 290 -12.31 38.95 22.58
CA ILE C 290 -11.79 37.76 23.23
C ILE C 290 -10.87 38.22 24.36
N ALA C 291 -10.09 39.25 24.08
CA ALA C 291 -9.17 39.81 25.05
C ALA C 291 -9.93 40.47 26.19
N ALA C 292 -11.00 41.19 25.83
CA ALA C 292 -11.81 41.88 26.82
C ALA C 292 -12.56 40.96 27.77
N ASP C 293 -13.07 39.85 27.23
CA ASP C 293 -13.80 38.91 28.06
C ASP C 293 -12.86 38.15 28.98
N ILE C 294 -11.64 37.92 28.53
CA ILE C 294 -10.69 37.22 29.35
C ILE C 294 -10.34 38.02 30.60
N LYS C 295 -9.87 39.25 30.39
CA LYS C 295 -9.50 40.13 31.49
C LYS C 295 -10.65 40.41 32.47
N SER C 296 -11.87 40.43 31.96
CA SER C 296 -13.05 40.69 32.79
C SER C 296 -13.48 39.41 33.54
N GLY C 297 -12.87 38.30 33.21
CA GLY C 297 -13.21 37.06 33.86
C GLY C 297 -14.37 36.33 33.22
N LYS C 298 -15.03 36.98 32.27
CA LYS C 298 -16.17 36.40 31.56
C LYS C 298 -15.86 35.00 31.02
N THR C 299 -14.63 34.80 30.55
CA THR C 299 -14.18 33.50 30.01
C THR C 299 -12.71 33.40 30.32
N THR C 300 -12.14 32.21 30.18
CA THR C 300 -10.71 32.07 30.42
C THR C 300 -10.00 31.97 29.07
N PHE C 301 -8.71 32.25 29.08
CA PHE C 301 -7.90 32.24 27.88
C PHE C 301 -7.88 30.87 27.20
N ALA C 302 -7.74 29.81 27.98
CA ALA C 302 -7.71 28.45 27.40
C ALA C 302 -9.06 28.11 26.80
N ALA C 303 -10.11 28.56 27.48
CA ALA C 303 -11.46 28.32 27.01
C ALA C 303 -11.67 29.06 25.69
N ALA C 304 -11.35 30.35 25.69
CA ALA C 304 -11.49 31.18 24.50
C ALA C 304 -10.72 30.58 23.32
N ALA C 305 -9.55 30.01 23.60
CA ALA C 305 -8.74 29.43 22.54
C ALA C 305 -9.35 28.16 21.96
N LYS C 306 -9.86 27.29 22.82
CA LYS C 306 -10.46 26.05 22.35
C LYS C 306 -11.75 26.41 21.59
N GLU C 307 -12.29 27.58 21.89
CA GLU C 307 -13.53 28.06 21.28
C GLU C 307 -13.30 28.92 20.03
N PHE C 308 -12.10 29.43 19.83
CA PHE C 308 -11.83 30.29 18.68
C PHE C 308 -10.51 30.10 17.93
N SER C 309 -9.42 29.85 18.66
CA SER C 309 -8.08 29.66 18.07
C SER C 309 -8.14 28.85 16.75
N GLN C 310 -7.18 29.09 15.86
CA GLN C 310 -7.17 28.37 14.60
C GLN C 310 -6.17 27.24 14.68
N ASP C 311 -4.89 27.60 14.70
CA ASP C 311 -3.81 26.62 14.74
C ASP C 311 -4.08 25.32 15.50
N PRO C 312 -4.47 24.26 14.78
CA PRO C 312 -4.70 23.01 15.52
C PRO C 312 -3.31 22.62 15.98
N GLY C 313 -3.20 22.09 17.18
CA GLY C 313 -1.88 21.74 17.69
C GLY C 313 -1.54 22.81 18.70
N SER C 314 -2.60 23.30 19.33
CA SER C 314 -2.55 24.32 20.36
C SER C 314 -4.00 24.74 20.62
N ALA C 315 -4.76 24.89 19.54
CA ALA C 315 -6.17 25.30 19.61
C ALA C 315 -7.01 24.57 20.67
N ASN C 316 -7.02 23.24 20.64
CA ASN C 316 -7.81 22.48 21.61
C ASN C 316 -7.03 22.30 22.90
N GLN C 317 -5.76 22.68 22.89
CA GLN C 317 -4.91 22.58 24.07
C GLN C 317 -4.96 23.91 24.84
N GLY C 318 -6.15 24.52 24.86
CA GLY C 318 -6.32 25.78 25.56
C GLY C 318 -5.39 26.84 25.02
N GLY C 319 -4.88 26.61 23.81
CA GLY C 319 -3.99 27.56 23.17
C GLY C 319 -2.51 27.37 23.50
N ASP C 320 -2.21 26.44 24.40
CA ASP C 320 -0.82 26.22 24.77
C ASP C 320 0.05 25.94 23.55
N LEU C 321 1.23 26.53 23.53
CA LEU C 321 2.17 26.33 22.42
C LEU C 321 3.42 25.66 22.96
N GLY C 322 3.26 24.95 24.07
CA GLY C 322 4.40 24.28 24.67
C GLY C 322 5.61 25.19 24.76
N TRP C 323 6.77 24.63 25.13
CA TRP C 323 7.99 25.41 25.22
C TRP C 323 8.58 25.46 23.83
N ALA C 324 9.29 26.54 23.52
CA ALA C 324 9.91 26.69 22.21
C ALA C 324 10.93 27.82 22.23
N THR C 325 11.62 27.98 21.11
CA THR C 325 12.63 29.01 20.96
C THR C 325 12.04 30.16 20.13
N PRO C 326 12.35 31.40 20.48
CA PRO C 326 11.83 32.55 19.74
C PRO C 326 11.91 32.43 18.21
N ASP C 327 13.07 32.04 17.71
CA ASP C 327 13.27 31.93 16.26
C ASP C 327 12.21 31.19 15.44
N ILE C 328 11.74 30.04 15.90
CA ILE C 328 10.73 29.30 15.12
C ILE C 328 9.46 30.13 14.91
N PHE C 329 9.43 31.31 15.52
CA PHE C 329 8.26 32.19 15.43
C PHE C 329 8.34 33.32 14.42
N ASP C 330 7.24 33.54 13.71
CA ASP C 330 7.14 34.62 12.72
C ASP C 330 7.71 35.90 13.33
N PRO C 331 8.38 36.74 12.52
CA PRO C 331 8.96 37.99 12.99
C PRO C 331 8.02 38.90 13.81
N ALA C 332 6.76 38.96 13.41
CA ALA C 332 5.77 39.79 14.10
C ALA C 332 5.47 39.20 15.46
N PHE C 333 5.36 37.89 15.53
CA PHE C 333 5.10 37.19 16.76
C PHE C 333 6.26 37.36 17.72
N ARG C 334 7.45 36.93 17.31
CA ARG C 334 8.62 37.05 18.17
C ARG C 334 8.73 38.45 18.74
N ASP C 335 8.60 39.47 17.89
CA ASP C 335 8.70 40.83 18.39
C ASP C 335 7.62 41.11 19.43
N ALA C 336 6.45 40.47 19.29
CA ALA C 336 5.37 40.67 20.25
C ALA C 336 5.84 40.18 21.63
N LEU C 337 6.29 38.93 21.68
CA LEU C 337 6.77 38.34 22.92
C LEU C 337 7.74 39.29 23.59
N THR C 338 8.64 39.85 22.80
CA THR C 338 9.64 40.78 23.29
C THR C 338 9.11 41.86 24.22
N ARG C 339 7.98 42.48 23.86
CA ARG C 339 7.44 43.53 24.69
C ARG C 339 6.42 43.09 25.72
N LEU C 340 6.26 41.78 25.86
CA LEU C 340 5.30 41.25 26.82
C LEU C 340 5.93 40.94 28.16
N ASN C 341 5.16 41.15 29.23
CA ASN C 341 5.61 40.85 30.59
C ASN C 341 5.02 39.48 30.94
N LYS C 342 5.75 38.69 31.70
CA LYS C 342 5.25 37.37 32.10
C LYS C 342 3.79 37.47 32.59
N GLY C 343 2.94 36.63 32.02
CA GLY C 343 1.53 36.60 32.39
C GLY C 343 0.67 37.66 31.71
N GLN C 344 1.34 38.64 31.11
CA GLN C 344 0.66 39.72 30.41
C GLN C 344 0.08 39.21 29.08
N MET C 345 -0.98 39.87 28.62
CA MET C 345 -1.59 39.49 27.36
C MET C 345 -1.26 40.62 26.39
N SER C 346 -1.00 40.26 25.15
CA SER C 346 -0.68 41.25 24.14
C SER C 346 -1.97 41.81 23.56
N ALA C 347 -1.84 42.78 22.67
CA ALA C 347 -3.00 43.34 21.99
C ALA C 347 -3.04 42.45 20.77
N PRO C 348 -4.00 42.65 19.85
CA PRO C 348 -3.94 41.73 18.72
C PRO C 348 -2.66 41.97 17.91
N VAL C 349 -2.11 40.89 17.36
CA VAL C 349 -0.90 40.99 16.55
C VAL C 349 -1.07 40.32 15.20
N HIS C 350 -0.69 41.04 14.14
CA HIS C 350 -0.80 40.53 12.77
C HIS C 350 0.50 39.82 12.38
N SER C 351 0.37 38.65 11.77
CA SER C 351 1.56 37.93 11.36
C SER C 351 1.33 37.28 10.01
N SER C 352 2.34 36.57 9.53
CA SER C 352 2.24 35.87 8.27
C SER C 352 1.10 34.86 8.37
N PHE C 353 0.80 34.39 9.58
CA PHE C 353 -0.28 33.42 9.71
C PHE C 353 -1.63 34.06 9.94
N GLY C 354 -1.61 35.33 10.35
CA GLY C 354 -2.84 36.05 10.61
C GLY C 354 -2.80 36.90 11.85
N TRP C 355 -3.94 36.99 12.52
CA TRP C 355 -4.08 37.78 13.74
C TRP C 355 -4.22 36.92 14.97
N HIS C 356 -3.44 37.20 16.00
CA HIS C 356 -3.60 36.42 17.21
C HIS C 356 -3.22 37.09 18.52
N LEU C 357 -3.91 36.64 19.58
CA LEU C 357 -3.68 37.09 20.94
C LEU C 357 -2.53 36.28 21.51
N ILE C 358 -1.50 36.97 21.98
CA ILE C 358 -0.34 36.30 22.52
C ILE C 358 -0.21 36.51 24.02
N GLU C 359 -0.10 35.44 24.80
CA GLU C 359 0.06 35.60 26.24
C GLU C 359 1.35 34.93 26.66
N LEU C 360 2.29 35.73 27.16
CA LEU C 360 3.58 35.23 27.58
C LEU C 360 3.55 34.62 28.97
N LEU C 361 3.86 33.34 29.07
CA LEU C 361 3.88 32.65 30.36
C LEU C 361 5.26 32.66 30.99
N ASP C 362 6.12 31.71 30.63
CA ASP C 362 7.46 31.65 31.23
C ASP C 362 8.65 31.75 30.27
N THR C 363 9.84 31.82 30.85
CA THR C 363 11.12 31.95 30.11
C THR C 363 12.29 31.19 30.74
N ARG C 364 12.59 30.01 30.23
CA ARG C 364 13.72 29.25 30.75
C ARG C 364 14.91 29.37 29.80
N ASN C 365 16.12 29.35 30.36
CA ASN C 365 17.35 29.43 29.59
C ASN C 365 17.96 28.05 29.45
N ARG C 376 26.38 10.02 26.06
CA ARG C 376 27.62 10.78 26.26
C ARG C 376 28.62 10.03 27.16
N ALA C 377 28.17 9.73 28.37
CA ALA C 377 28.99 9.03 29.36
C ALA C 377 29.15 7.55 29.07
N TYR C 378 28.19 6.97 28.35
CA TYR C 378 28.27 5.55 28.00
C TYR C 378 29.14 5.35 26.76
N ARG C 379 29.05 6.31 25.83
CA ARG C 379 29.88 6.26 24.62
C ARG C 379 31.28 6.56 25.16
N MET C 380 31.31 7.43 26.16
CA MET C 380 32.53 7.84 26.84
C MET C 380 33.31 6.59 27.23
N LEU C 381 32.62 5.67 27.90
CA LEU C 381 33.21 4.41 28.33
C LEU C 381 33.63 3.54 27.15
N MET C 382 32.68 3.34 26.23
CA MET C 382 32.91 2.52 25.05
C MET C 382 34.18 2.85 24.30
N ASN C 383 34.41 4.13 24.02
CA ASN C 383 35.59 4.56 23.30
C ASN C 383 36.87 4.35 24.09
N ARG C 384 36.80 4.48 25.41
CA ARG C 384 37.97 4.26 26.26
C ARG C 384 38.37 2.79 26.19
N LYS C 385 37.37 1.92 26.25
CA LYS C 385 37.60 0.48 26.19
C LYS C 385 38.11 0.05 24.82
N PHE C 386 37.67 0.76 23.79
CA PHE C 386 38.05 0.41 22.44
C PHE C 386 39.51 0.65 22.08
N SER C 387 40.01 1.85 22.34
CA SER C 387 41.39 2.18 22.04
C SER C 387 42.32 1.14 22.67
N GLU C 388 42.13 0.90 23.97
CA GLU C 388 42.91 -0.06 24.75
C GLU C 388 42.93 -1.39 24.01
N GLU C 389 41.76 -1.99 23.86
CA GLU C 389 41.57 -3.28 23.18
C GLU C 389 42.23 -3.33 21.77
N ALA C 390 42.04 -2.26 21.01
CA ALA C 390 42.60 -2.20 19.69
C ALA C 390 44.10 -2.28 19.81
N ALA C 391 44.69 -1.63 20.80
CA ALA C 391 46.14 -1.70 20.96
C ALA C 391 46.50 -3.15 21.24
N SER C 392 45.89 -3.66 22.29
CA SER C 392 46.08 -5.03 22.71
C SER C 392 45.99 -6.00 21.49
N TRP C 393 44.95 -5.84 20.68
CA TRP C 393 44.76 -6.71 19.53
C TRP C 393 45.95 -6.71 18.59
N MET C 394 46.22 -5.54 18.02
CA MET C 394 47.33 -5.39 17.11
C MET C 394 48.59 -5.95 17.77
N GLN C 395 48.76 -5.68 19.06
CA GLN C 395 49.91 -6.19 19.80
C GLN C 395 50.01 -7.68 19.46
N GLU C 396 48.93 -8.42 19.72
CA GLU C 396 48.87 -9.85 19.44
C GLU C 396 49.09 -10.17 17.97
N GLN C 397 48.33 -9.54 17.09
CA GLN C 397 48.49 -9.82 15.68
C GLN C 397 49.92 -9.72 15.16
N ARG C 398 50.59 -8.62 15.49
CA ARG C 398 51.95 -8.40 15.05
C ARG C 398 52.87 -9.49 15.55
N ALA C 399 52.64 -9.93 16.77
CA ALA C 399 53.44 -10.98 17.36
C ALA C 399 53.20 -12.28 16.60
N SER C 400 51.99 -12.80 16.74
CA SER C 400 51.58 -14.04 16.11
C SER C 400 51.33 -13.89 14.61
N ALA C 401 52.35 -13.47 13.88
CA ALA C 401 52.26 -13.31 12.43
C ALA C 401 53.60 -13.59 11.80
N TYR C 402 53.56 -14.13 10.59
CA TYR C 402 54.76 -14.46 9.84
C TYR C 402 55.29 -13.23 9.11
N VAL C 403 56.40 -12.67 9.59
CA VAL C 403 56.94 -11.49 8.93
C VAL C 403 58.44 -11.54 8.82
N LYS C 404 58.93 -11.21 7.62
CA LYS C 404 60.35 -11.20 7.29
C LYS C 404 60.72 -9.83 6.74
N ILE C 405 61.86 -9.31 7.18
CA ILE C 405 62.37 -8.02 6.74
C ILE C 405 63.67 -8.15 5.91
N LEU C 406 63.57 -7.95 4.59
CA LEU C 406 64.71 -8.10 3.66
C LEU C 406 65.71 -6.92 3.68
N SER C 407 66.86 -6.96 2.98
CA SER C 407 67.75 -5.73 3.09
C SER C 407 67.88 -4.87 1.88
N VAL D 5 70.07 -4.57 100.50
CA VAL D 5 71.42 -4.09 100.91
C VAL D 5 72.52 -4.67 100.02
N ASP D 6 72.41 -4.36 98.72
CA ASP D 6 73.37 -4.83 97.72
C ASP D 6 74.50 -3.81 97.56
N LYS D 7 75.63 -4.10 98.19
CA LYS D 7 76.78 -3.22 98.13
C LYS D 7 77.30 -2.99 96.72
N VAL D 8 78.13 -1.96 96.57
CA VAL D 8 78.74 -1.65 95.29
C VAL D 8 80.16 -2.17 95.36
N ALA D 9 80.53 -3.02 94.40
CA ALA D 9 81.87 -3.62 94.36
C ALA D 9 82.84 -2.67 93.70
N ALA D 10 82.34 -1.91 92.74
CA ALA D 10 83.19 -0.97 92.04
C ALA D 10 82.37 0.01 91.22
N VAL D 11 82.91 1.23 91.11
CA VAL D 11 82.29 2.29 90.35
C VAL D 11 82.97 2.24 88.95
N VAL D 12 82.19 2.46 87.90
CA VAL D 12 82.69 2.44 86.53
C VAL D 12 82.01 3.56 85.71
N ASN D 13 82.74 4.65 85.47
CA ASN D 13 82.20 5.77 84.72
C ASN D 13 80.86 6.20 85.33
N ASN D 14 79.80 6.12 84.53
CA ASN D 14 78.45 6.49 84.98
C ASN D 14 77.64 5.26 85.39
N GLY D 15 78.19 4.47 86.29
CA GLY D 15 77.49 3.27 86.75
C GLY D 15 78.31 2.53 87.78
N VAL D 16 77.82 1.38 88.21
CA VAL D 16 78.55 0.59 89.20
C VAL D 16 78.51 -0.91 88.91
N VAL D 17 79.30 -1.66 89.67
CA VAL D 17 79.33 -3.10 89.54
C VAL D 17 78.93 -3.59 90.92
N LEU D 18 77.70 -4.10 91.01
CA LEU D 18 77.14 -4.58 92.26
C LEU D 18 77.71 -5.88 92.77
N GLU D 19 77.74 -6.03 94.09
CA GLU D 19 78.26 -7.24 94.71
C GLU D 19 77.45 -8.43 94.25
N SER D 20 76.15 -8.22 94.08
CA SER D 20 75.27 -9.31 93.62
C SER D 20 75.84 -9.86 92.32
N ASP D 21 75.97 -8.98 91.33
CA ASP D 21 76.50 -9.32 90.01
C ASP D 21 77.85 -10.04 90.05
N VAL D 22 78.67 -9.74 91.06
CA VAL D 22 79.97 -10.39 91.17
C VAL D 22 79.78 -11.79 91.62
N ASP D 23 78.75 -12.00 92.44
CA ASP D 23 78.43 -13.33 92.97
C ASP D 23 77.92 -14.19 91.84
N GLY D 24 77.05 -13.59 91.04
CA GLY D 24 76.49 -14.29 89.91
C GLY D 24 77.59 -14.82 89.03
N LEU D 25 78.54 -13.98 88.67
CA LEU D 25 79.61 -14.44 87.81
C LEU D 25 80.50 -15.45 88.52
N MET D 26 80.76 -15.23 89.80
CA MET D 26 81.58 -16.17 90.55
C MET D 26 80.92 -17.56 90.50
N GLN D 27 79.62 -17.59 90.81
CA GLN D 27 78.87 -18.83 90.80
C GLN D 27 78.80 -19.49 89.45
N SER D 28 78.71 -18.69 88.39
CA SER D 28 78.63 -19.28 87.06
C SER D 28 79.93 -20.02 86.73
N VAL D 29 81.07 -19.37 86.97
CA VAL D 29 82.36 -20.00 86.71
C VAL D 29 82.51 -21.22 87.64
N LYS D 30 82.10 -21.08 88.90
CA LYS D 30 82.19 -22.17 89.86
C LYS D 30 81.45 -23.44 89.36
N LEU D 31 80.17 -23.29 89.01
CA LEU D 31 79.39 -24.41 88.51
C LEU D 31 80.00 -24.95 87.23
N ASN D 32 80.12 -24.11 86.21
CA ASN D 32 80.73 -24.54 84.95
C ASN D 32 82.08 -25.22 85.17
N ALA D 33 82.87 -24.69 86.11
CA ALA D 33 84.18 -25.26 86.41
C ALA D 33 84.03 -26.72 86.89
N ALA D 34 83.10 -26.94 87.81
CA ALA D 34 82.83 -28.27 88.36
C ALA D 34 82.30 -29.18 87.27
N GLN D 35 81.22 -28.75 86.63
CA GLN D 35 80.57 -29.51 85.56
C GLN D 35 81.57 -29.83 84.44
N ALA D 36 82.85 -29.50 84.64
CA ALA D 36 83.87 -29.75 83.62
C ALA D 36 85.18 -30.28 84.19
N ARG D 37 85.20 -30.49 85.50
CA ARG D 37 86.39 -31.00 86.19
C ARG D 37 87.56 -30.04 85.93
N GLN D 38 87.39 -28.78 86.33
CA GLN D 38 88.41 -27.77 86.11
C GLN D 38 88.86 -27.05 87.38
N GLN D 39 90.14 -27.18 87.73
CA GLN D 39 90.68 -26.53 88.91
C GLN D 39 90.55 -25.01 88.77
N LEU D 40 90.21 -24.33 89.87
CA LEU D 40 90.09 -22.88 89.85
C LEU D 40 91.08 -22.28 90.83
N PRO D 41 91.62 -21.09 90.53
CA PRO D 41 92.56 -20.51 91.49
C PRO D 41 91.79 -20.07 92.72
N ASP D 42 92.49 -19.66 93.77
CA ASP D 42 91.82 -19.23 94.99
C ASP D 42 90.81 -18.12 94.72
N ASP D 43 89.72 -18.13 95.47
CA ASP D 43 88.67 -17.14 95.31
C ASP D 43 89.17 -15.70 95.22
N ALA D 44 90.36 -15.42 95.74
CA ALA D 44 90.92 -14.07 95.68
C ALA D 44 91.25 -13.66 94.23
N THR D 45 92.10 -14.46 93.58
CA THR D 45 92.49 -14.22 92.21
C THR D 45 91.26 -14.28 91.31
N LEU D 46 90.37 -15.22 91.62
CA LEU D 46 89.16 -15.39 90.84
C LEU D 46 88.30 -14.13 90.89
N ARG D 47 88.08 -13.61 92.09
CA ARG D 47 87.28 -12.40 92.22
C ARG D 47 87.85 -11.31 91.30
N HIS D 48 89.17 -11.16 91.31
CA HIS D 48 89.81 -10.16 90.47
C HIS D 48 89.34 -10.27 89.02
N GLN D 49 89.53 -11.44 88.41
CA GLN D 49 89.13 -11.69 87.03
C GLN D 49 87.65 -11.37 86.87
N ILE D 50 86.84 -11.90 87.78
CA ILE D 50 85.42 -11.64 87.71
C ILE D 50 85.20 -10.11 87.65
N MET D 51 85.90 -9.37 88.52
CA MET D 51 85.79 -7.93 88.58
C MET D 51 86.11 -7.37 87.20
N GLU D 52 87.35 -7.59 86.77
CA GLU D 52 87.81 -7.11 85.47
C GLU D 52 86.79 -7.38 84.38
N ARG D 53 86.21 -8.57 84.40
CA ARG D 53 85.21 -8.91 83.39
C ARG D 53 83.97 -8.01 83.58
N LEU D 54 83.46 -7.94 84.80
CA LEU D 54 82.30 -7.12 85.06
C LEU D 54 82.53 -5.65 84.72
N ILE D 55 83.69 -5.13 85.12
CA ILE D 55 84.06 -3.72 84.86
C ILE D 55 83.99 -3.46 83.36
N MET D 56 84.58 -4.37 82.59
CA MET D 56 84.61 -4.20 81.15
C MET D 56 83.18 -4.21 80.59
N ASP D 57 82.41 -5.21 81.00
CA ASP D 57 81.04 -5.34 80.54
C ASP D 57 80.24 -4.09 80.90
N GLN D 58 80.59 -3.49 82.04
CA GLN D 58 79.91 -2.28 82.49
C GLN D 58 80.24 -1.13 81.53
N ILE D 59 81.54 -0.88 81.32
CA ILE D 59 82.03 0.18 80.42
C ILE D 59 81.39 0.12 79.03
N ILE D 60 81.58 -1.02 78.38
CA ILE D 60 81.08 -1.21 77.04
C ILE D 60 79.56 -1.21 77.02
N LEU D 61 78.95 -1.40 78.18
CA LEU D 61 77.49 -1.42 78.20
C LEU D 61 76.91 0.00 78.31
N GLN D 62 77.52 0.86 79.14
CA GLN D 62 77.04 2.24 79.27
C GLN D 62 77.24 2.87 77.90
N MET D 63 78.35 2.49 77.27
CA MET D 63 78.68 2.99 75.95
C MET D 63 77.54 2.68 75.00
N GLY D 64 76.94 1.51 75.16
CA GLY D 64 75.83 1.14 74.32
C GLY D 64 74.65 2.06 74.60
N GLN D 65 74.51 2.48 75.85
CA GLN D 65 73.43 3.37 76.26
C GLN D 65 73.58 4.70 75.54
N LYS D 66 74.70 5.37 75.77
CA LYS D 66 74.97 6.66 75.15
C LYS D 66 74.67 6.66 73.65
N MET D 67 75.32 5.79 72.90
CA MET D 67 75.09 5.76 71.47
C MET D 67 73.79 5.04 71.13
N GLY D 68 72.81 5.23 72.02
CA GLY D 68 71.47 4.64 71.85
C GLY D 68 71.32 3.32 71.12
N VAL D 69 71.73 2.23 71.77
CA VAL D 69 71.62 0.90 71.18
C VAL D 69 70.45 0.17 71.80
N LYS D 70 69.48 -0.20 70.99
CA LYS D 70 68.31 -0.91 71.50
C LYS D 70 68.16 -2.25 70.82
N ILE D 71 67.63 -3.22 71.56
CA ILE D 71 67.42 -4.55 71.00
C ILE D 71 65.94 -4.88 71.05
N SER D 72 65.31 -4.92 69.87
CA SER D 72 63.89 -5.22 69.76
C SER D 72 63.58 -6.61 70.29
N ASP D 73 62.39 -6.75 70.88
CA ASP D 73 61.97 -8.03 71.41
C ASP D 73 62.01 -9.08 70.31
N GLU D 74 61.76 -8.64 69.08
CA GLU D 74 61.79 -9.56 67.95
C GLU D 74 63.15 -10.22 67.79
N GLN D 75 64.22 -9.42 67.83
CA GLN D 75 65.57 -9.98 67.68
C GLN D 75 66.03 -10.75 68.90
N LEU D 76 65.53 -10.35 70.07
CA LEU D 76 65.89 -11.03 71.31
C LEU D 76 65.40 -12.46 71.25
N ASP D 77 64.15 -12.61 70.85
CA ASP D 77 63.54 -13.92 70.74
C ASP D 77 64.38 -14.79 69.80
N GLN D 78 64.76 -14.21 68.68
CA GLN D 78 65.57 -14.95 67.73
C GLN D 78 66.85 -15.47 68.39
N ALA D 79 67.49 -14.63 69.19
CA ALA D 79 68.72 -15.01 69.89
C ALA D 79 68.47 -16.16 70.86
N ILE D 80 67.47 -15.99 71.74
CA ILE D 80 67.14 -17.01 72.72
C ILE D 80 66.84 -18.33 72.03
N ALA D 81 66.09 -18.23 70.93
CA ALA D 81 65.74 -19.37 70.11
C ALA D 81 67.01 -20.09 69.68
N ASN D 82 68.02 -19.31 69.32
CA ASN D 82 69.31 -19.85 68.88
C ASN D 82 70.06 -20.55 70.00
N ILE D 83 69.88 -20.05 71.22
CA ILE D 83 70.54 -20.68 72.37
C ILE D 83 69.86 -22.03 72.57
N ALA D 84 68.55 -22.04 72.32
CA ALA D 84 67.74 -23.25 72.44
C ALA D 84 68.18 -24.27 71.43
N LYS D 85 68.35 -23.83 70.18
CA LYS D 85 68.79 -24.72 69.10
C LYS D 85 70.22 -25.20 69.37
N GLN D 86 71.08 -24.26 69.78
CA GLN D 86 72.47 -24.56 70.08
C GLN D 86 72.49 -25.57 71.21
N ASN D 87 71.36 -25.68 71.92
CA ASN D 87 71.26 -26.59 73.04
C ASN D 87 70.25 -27.71 72.88
N ASN D 88 69.88 -28.01 71.64
CA ASN D 88 68.95 -29.09 71.36
C ASN D 88 67.58 -28.94 72.03
N MET D 89 66.91 -27.81 71.81
CA MET D 89 65.59 -27.57 72.39
C MET D 89 64.80 -26.61 71.50
N THR D 90 63.50 -26.54 71.74
CA THR D 90 62.67 -25.61 70.99
C THR D 90 62.54 -24.42 71.94
N LEU D 91 62.07 -23.29 71.44
CA LEU D 91 61.90 -22.11 72.28
C LEU D 91 61.09 -22.47 73.53
N ASP D 92 59.97 -23.15 73.31
CA ASP D 92 59.08 -23.56 74.40
C ASP D 92 59.84 -24.56 75.28
N GLN D 93 60.45 -25.55 74.64
CA GLN D 93 61.18 -26.57 75.33
C GLN D 93 62.24 -26.00 76.27
N MET D 94 62.77 -24.82 75.96
CA MET D 94 63.79 -24.20 76.81
C MET D 94 63.15 -23.29 77.84
N ARG D 95 62.13 -22.57 77.39
CA ARG D 95 61.40 -21.66 78.25
C ARG D 95 60.90 -22.40 79.48
N SER D 96 60.51 -23.66 79.27
CA SER D 96 60.02 -24.53 80.35
C SER D 96 61.20 -24.99 81.22
N ARG D 97 62.28 -25.44 80.59
CA ARG D 97 63.44 -25.88 81.35
C ARG D 97 63.78 -24.75 82.34
N LEU D 98 63.72 -23.51 81.86
CA LEU D 98 64.02 -22.33 82.68
C LEU D 98 63.01 -22.20 83.83
N ALA D 99 61.73 -22.32 83.50
CA ALA D 99 60.66 -22.26 84.50
C ALA D 99 60.91 -23.34 85.57
N TYR D 100 61.23 -24.54 85.12
CA TYR D 100 61.50 -25.64 86.04
C TYR D 100 62.71 -25.32 86.91
N ASP D 101 63.74 -24.71 86.33
CA ASP D 101 64.93 -24.39 87.13
C ASP D 101 64.71 -23.28 88.13
N GLY D 102 63.60 -22.55 87.97
CA GLY D 102 63.26 -21.47 88.89
C GLY D 102 63.51 -20.03 88.46
N LEU D 103 63.86 -19.80 87.20
CA LEU D 103 64.13 -18.44 86.74
C LEU D 103 62.94 -17.69 86.19
N ASN D 104 62.98 -16.38 86.34
CA ASN D 104 61.95 -15.50 85.82
C ASN D 104 62.34 -15.31 84.37
N TYR D 105 61.44 -15.64 83.45
CA TYR D 105 61.74 -15.50 82.03
C TYR D 105 62.16 -14.10 81.62
N ASN D 106 61.48 -13.07 82.12
CA ASN D 106 61.85 -11.70 81.78
C ASN D 106 63.26 -11.41 82.25
N THR D 107 63.55 -11.72 83.50
CA THR D 107 64.87 -11.48 84.03
C THR D 107 65.90 -12.14 83.13
N TYR D 108 65.57 -13.32 82.63
CA TYR D 108 66.48 -14.01 81.75
C TYR D 108 66.68 -13.21 80.48
N ARG D 109 65.59 -12.89 79.77
CA ARG D 109 65.66 -12.12 78.53
C ARG D 109 66.54 -10.87 78.71
N ASN D 110 66.33 -10.21 79.83
CA ASN D 110 67.08 -9.01 80.16
C ASN D 110 68.58 -9.31 80.20
N GLN D 111 68.96 -10.48 80.67
CA GLN D 111 70.37 -10.85 80.71
C GLN D 111 70.85 -11.06 79.30
N ILE D 112 70.03 -11.74 78.51
CA ILE D 112 70.41 -11.97 77.14
C ILE D 112 70.51 -10.61 76.47
N ARG D 113 69.60 -9.70 76.82
CA ARG D 113 69.66 -8.36 76.24
C ARG D 113 71.01 -7.74 76.54
N LYS D 114 71.35 -7.60 77.81
CA LYS D 114 72.64 -7.03 78.20
C LYS D 114 73.83 -7.66 77.45
N GLU D 115 73.72 -8.96 77.18
CA GLU D 115 74.77 -9.67 76.45
C GLU D 115 74.84 -9.23 75.02
N MET D 116 73.67 -9.02 74.42
CA MET D 116 73.59 -8.61 73.04
C MET D 116 74.03 -7.17 72.75
N ILE D 117 73.65 -6.20 73.58
CA ILE D 117 74.09 -4.86 73.28
C ILE D 117 75.60 -4.80 73.41
N ILE D 118 76.15 -5.56 74.37
CA ILE D 118 77.61 -5.57 74.55
C ILE D 118 78.26 -6.12 73.32
N SER D 119 77.70 -7.20 72.78
CA SER D 119 78.27 -7.82 71.61
C SER D 119 78.23 -6.82 70.45
N GLU D 120 77.08 -6.17 70.26
CA GLU D 120 76.94 -5.19 69.18
C GLU D 120 77.94 -4.04 69.35
N VAL D 121 77.83 -3.31 70.46
CA VAL D 121 78.75 -2.21 70.70
C VAL D 121 80.17 -2.62 70.37
N ARG D 122 80.67 -3.68 71.01
CA ARG D 122 82.05 -4.14 70.79
C ARG D 122 82.37 -4.33 69.32
N ASN D 123 81.54 -5.10 68.63
CA ASN D 123 81.77 -5.33 67.20
C ASN D 123 81.80 -4.02 66.43
N ASN D 124 80.73 -3.24 66.55
CA ASN D 124 80.65 -1.97 65.86
C ASN D 124 81.88 -1.13 66.09
N GLU D 125 82.21 -0.87 67.35
CA GLU D 125 83.38 -0.07 67.69
C GLU D 125 84.65 -0.63 67.11
N VAL D 126 84.84 -1.93 67.20
CA VAL D 126 86.07 -2.51 66.66
C VAL D 126 86.16 -2.34 65.16
N ARG D 127 85.17 -2.82 64.41
CA ARG D 127 85.22 -2.68 62.95
C ARG D 127 85.58 -1.22 62.58
N ARG D 128 84.93 -0.26 63.25
CA ARG D 128 85.21 1.15 63.01
C ARG D 128 86.70 1.44 63.07
N ARG D 129 87.41 0.87 64.04
CA ARG D 129 88.85 1.11 64.18
C ARG D 129 89.82 0.24 63.36
N ILE D 130 89.32 -0.72 62.56
CA ILE D 130 90.24 -1.52 61.76
C ILE D 130 90.82 -0.71 60.63
N THR D 131 92.12 -0.80 60.45
CA THR D 131 92.74 -0.03 59.40
C THR D 131 93.50 -0.92 58.41
N ILE D 132 93.57 -0.47 57.16
CA ILE D 132 94.29 -1.24 56.13
C ILE D 132 95.53 -0.47 55.63
N LEU D 133 96.71 -0.98 55.95
CA LEU D 133 97.95 -0.35 55.54
C LEU D 133 98.17 -0.29 54.05
N PRO D 134 98.85 0.76 53.57
CA PRO D 134 99.13 0.93 52.15
C PRO D 134 99.84 -0.29 51.57
N GLN D 135 99.29 -0.85 50.48
CA GLN D 135 99.87 -2.03 49.80
C GLN D 135 99.67 -3.35 50.56
N GLU D 136 99.13 -3.29 51.77
CA GLU D 136 98.93 -4.48 52.57
C GLU D 136 98.22 -5.63 51.87
N VAL D 137 97.06 -5.36 51.28
CA VAL D 137 96.28 -6.41 50.62
C VAL D 137 96.90 -6.95 49.34
N GLU D 138 97.31 -6.06 48.44
CA GLU D 138 97.94 -6.51 47.19
C GLU D 138 99.12 -7.41 47.57
N SER D 139 99.96 -6.91 48.47
CA SER D 139 101.14 -7.62 48.97
C SER D 139 100.78 -9.02 49.47
N LEU D 140 99.55 -9.16 49.96
CA LEU D 140 99.08 -10.42 50.46
C LEU D 140 98.75 -11.27 49.27
N ALA D 141 97.89 -10.75 48.40
CA ALA D 141 97.47 -11.45 47.18
C ALA D 141 98.66 -11.96 46.39
N GLN D 142 99.81 -11.34 46.60
CA GLN D 142 101.04 -11.71 45.94
C GLN D 142 101.64 -12.96 46.58
N GLN D 143 101.65 -12.96 47.91
CA GLN D 143 102.24 -14.02 48.71
C GLN D 143 101.35 -15.24 48.76
N THR D 152 96.31 -29.33 59.18
CA THR D 152 96.19 -30.15 60.38
C THR D 152 95.48 -29.32 61.43
N GLU D 153 94.19 -29.55 61.61
CA GLU D 153 93.43 -28.80 62.60
C GLU D 153 94.16 -28.85 63.96
N LEU D 154 94.01 -27.80 64.76
CA LEU D 154 94.63 -27.74 66.09
C LEU D 154 93.70 -27.23 67.16
N ASN D 155 93.80 -27.81 68.34
CA ASN D 155 92.99 -27.37 69.46
C ASN D 155 93.95 -26.83 70.51
N LEU D 156 93.75 -25.56 70.85
CA LEU D 156 94.64 -24.92 71.79
C LEU D 156 94.01 -23.90 72.73
N SER D 157 94.59 -23.77 73.91
CA SER D 157 94.11 -22.81 74.88
C SER D 157 95.08 -21.64 74.78
N HIS D 158 94.60 -20.46 75.14
CA HIS D 158 95.39 -19.25 75.01
C HIS D 158 95.43 -18.40 76.28
N ILE D 159 96.56 -17.72 76.50
CA ILE D 159 96.73 -16.83 77.65
C ILE D 159 97.41 -15.56 77.22
N LEU D 160 96.80 -14.43 77.57
CA LEU D 160 97.36 -13.15 77.21
C LEU D 160 97.76 -12.31 78.40
N ILE D 161 99.02 -11.90 78.44
CA ILE D 161 99.50 -11.02 79.50
C ILE D 161 99.55 -9.72 78.71
N PRO D 162 98.56 -8.85 78.92
CA PRO D 162 98.31 -7.53 78.31
C PRO D 162 99.40 -6.50 78.41
N LEU D 163 99.42 -5.62 77.41
CA LEU D 163 100.38 -4.54 77.31
C LEU D 163 99.78 -3.39 76.51
N PRO D 164 99.98 -2.16 76.99
CA PRO D 164 99.44 -1.01 76.26
C PRO D 164 100.06 -0.85 74.87
N GLU D 165 99.44 -0.03 74.03
CA GLU D 165 99.89 0.18 72.65
C GLU D 165 101.35 0.60 72.56
N ASN D 166 101.69 1.58 73.38
CA ASN D 166 103.04 2.11 73.47
C ASN D 166 103.37 2.00 74.92
N PRO D 167 103.87 0.84 75.35
CA PRO D 167 104.22 0.62 76.75
C PRO D 167 105.63 1.15 77.03
N THR D 168 106.08 1.03 78.27
CA THR D 168 107.41 1.48 78.67
C THR D 168 108.28 0.24 78.90
N SER D 169 109.61 0.41 78.92
CA SER D 169 110.52 -0.73 79.15
C SER D 169 110.05 -1.48 80.39
N ASP D 170 109.74 -0.71 81.43
CA ASP D 170 109.26 -1.27 82.68
C ASP D 170 108.03 -2.15 82.44
N GLN D 171 107.01 -1.58 81.82
CA GLN D 171 105.79 -2.32 81.52
C GLN D 171 106.07 -3.59 80.70
N VAL D 172 106.91 -3.44 79.69
CA VAL D 172 107.27 -4.55 78.84
C VAL D 172 108.04 -5.63 79.56
N ASN D 173 108.89 -5.23 80.51
CA ASN D 173 109.66 -6.22 81.25
C ASN D 173 108.78 -6.99 82.21
N GLU D 174 107.93 -6.25 82.92
CA GLU D 174 107.01 -6.83 83.89
C GLU D 174 106.18 -7.87 83.15
N ALA D 175 105.69 -7.47 81.99
CA ALA D 175 104.89 -8.34 81.16
C ALA D 175 105.69 -9.55 80.72
N GLU D 176 106.87 -9.32 80.13
CA GLU D 176 107.69 -10.42 79.67
C GLU D 176 108.08 -11.33 80.82
N SER D 177 108.42 -10.74 81.95
CA SER D 177 108.78 -11.52 83.12
C SER D 177 107.62 -12.41 83.54
N GLN D 178 106.46 -11.80 83.77
CA GLN D 178 105.27 -12.54 84.18
C GLN D 178 104.94 -13.67 83.21
N ALA D 179 104.95 -13.37 81.91
CA ALA D 179 104.63 -14.37 80.90
C ALA D 179 105.59 -15.54 81.01
N ARG D 180 106.89 -15.24 80.98
CA ARG D 180 107.92 -16.28 81.08
C ARG D 180 107.62 -17.22 82.24
N ALA D 181 107.32 -16.64 83.40
CA ALA D 181 106.99 -17.42 84.59
C ALA D 181 105.88 -18.43 84.32
N ILE D 182 104.84 -17.98 83.62
CA ILE D 182 103.72 -18.85 83.33
C ILE D 182 104.12 -19.96 82.38
N VAL D 183 104.91 -19.65 81.35
CA VAL D 183 105.32 -20.69 80.41
C VAL D 183 106.14 -21.71 81.16
N ASP D 184 106.82 -21.26 82.21
CA ASP D 184 107.63 -22.18 82.98
C ASP D 184 106.68 -23.16 83.67
N GLN D 185 105.84 -22.65 84.57
CA GLN D 185 104.87 -23.49 85.26
C GLN D 185 104.09 -24.36 84.28
N ALA D 186 103.84 -23.82 83.09
CA ALA D 186 103.09 -24.53 82.07
C ALA D 186 103.82 -25.80 81.72
N ARG D 187 105.12 -25.68 81.52
CA ARG D 187 105.95 -26.81 81.16
C ARG D 187 106.28 -27.74 82.32
N ASN D 188 106.16 -27.25 83.54
CA ASN D 188 106.44 -28.12 84.66
C ASN D 188 105.16 -28.83 85.04
N GLY D 189 104.24 -28.92 84.08
CA GLY D 189 102.98 -29.61 84.29
C GLY D 189 101.80 -28.89 84.93
N ALA D 190 101.95 -27.62 85.28
CA ALA D 190 100.84 -26.88 85.90
C ALA D 190 99.59 -26.90 85.02
N ASP D 191 98.41 -26.83 85.65
CA ASP D 191 97.14 -26.82 84.92
C ASP D 191 97.07 -25.51 84.10
N PHE D 192 97.11 -25.63 82.78
CA PHE D 192 97.08 -24.45 81.90
C PHE D 192 95.78 -23.67 82.05
N GLY D 193 94.67 -24.39 82.08
CA GLY D 193 93.37 -23.76 82.22
C GLY D 193 93.29 -22.97 83.50
N LYS D 194 93.92 -23.48 84.56
CA LYS D 194 93.91 -22.81 85.86
C LYS D 194 94.68 -21.50 85.64
N LEU D 195 95.86 -21.61 85.06
CA LEU D 195 96.68 -20.43 84.79
C LEU D 195 95.88 -19.39 84.00
N ALA D 196 95.21 -19.86 82.95
CA ALA D 196 94.42 -18.99 82.08
C ALA D 196 93.42 -18.19 82.87
N ILE D 197 92.65 -18.89 83.71
CA ILE D 197 91.65 -18.24 84.52
C ILE D 197 92.32 -17.28 85.49
N ALA D 198 93.53 -17.60 85.92
CA ALA D 198 94.21 -16.72 86.86
C ALA D 198 94.95 -15.51 86.26
N HIS D 199 95.46 -15.62 85.03
CA HIS D 199 96.20 -14.50 84.46
C HIS D 199 95.84 -14.03 83.08
N SER D 200 95.15 -14.85 82.30
CA SER D 200 94.80 -14.43 80.95
C SER D 200 93.93 -13.22 81.00
N ALA D 201 94.08 -12.37 80.01
CA ALA D 201 93.28 -11.16 79.92
C ALA D 201 92.36 -11.21 78.68
N ASP D 202 92.47 -12.28 77.89
CA ASP D 202 91.62 -12.42 76.70
C ASP D 202 90.19 -12.72 77.16
N GLN D 203 89.26 -12.65 76.22
CA GLN D 203 87.85 -12.88 76.48
C GLN D 203 87.61 -14.28 77.00
N GLN D 204 88.40 -15.22 76.51
CA GLN D 204 88.27 -16.63 76.89
C GLN D 204 88.88 -17.03 78.21
N ALA D 205 89.55 -16.08 78.87
CA ALA D 205 90.21 -16.36 80.12
C ALA D 205 89.37 -17.16 81.12
N LEU D 206 88.25 -16.59 81.56
CA LEU D 206 87.38 -17.25 82.52
C LEU D 206 86.92 -18.65 82.10
N ASN D 207 87.17 -18.99 80.85
CA ASN D 207 86.78 -20.29 80.31
C ASN D 207 88.03 -21.08 79.98
N GLY D 208 88.97 -21.09 80.92
CA GLY D 208 90.22 -21.84 80.73
C GLY D 208 91.11 -21.39 79.59
N GLY D 209 90.71 -20.34 78.87
CA GLY D 209 91.50 -19.83 77.76
C GLY D 209 91.36 -20.74 76.55
N GLN D 210 90.27 -21.48 76.53
CA GLN D 210 90.03 -22.41 75.44
C GLN D 210 89.57 -21.74 74.16
N MET D 211 90.24 -22.06 73.05
CA MET D 211 89.87 -21.51 71.74
C MET D 211 89.21 -22.59 70.92
N GLY D 212 89.45 -23.85 71.28
CA GLY D 212 88.87 -24.95 70.54
C GLY D 212 89.69 -25.35 69.33
N TRP D 213 89.06 -26.06 68.40
CA TRP D 213 89.73 -26.51 67.18
C TRP D 213 89.75 -25.41 66.14
N GLY D 214 90.80 -25.41 65.32
CA GLY D 214 90.93 -24.41 64.27
C GLY D 214 92.07 -24.73 63.32
N ARG D 215 92.00 -24.21 62.10
CA ARG D 215 93.06 -24.43 61.13
C ARG D 215 94.27 -23.59 61.55
N ILE D 216 95.48 -24.08 61.31
CA ILE D 216 96.65 -23.31 61.70
C ILE D 216 96.69 -22.04 60.86
N GLN D 217 95.99 -22.09 59.73
CA GLN D 217 95.93 -20.96 58.80
C GLN D 217 95.06 -19.80 59.27
N GLU D 218 93.98 -20.08 59.99
CA GLU D 218 93.10 -19.02 60.48
C GLU D 218 93.68 -18.27 61.68
N LEU D 219 94.95 -18.51 61.99
CA LEU D 219 95.56 -17.82 63.12
C LEU D 219 96.56 -16.77 62.70
N PRO D 220 96.77 -15.76 63.56
CA PRO D 220 97.72 -14.69 63.28
C PRO D 220 99.05 -15.31 62.90
N GLY D 221 99.78 -14.65 61.99
CA GLY D 221 101.05 -15.17 61.53
C GLY D 221 102.12 -15.34 62.59
N ILE D 222 102.10 -14.48 63.60
CA ILE D 222 103.11 -14.57 64.65
C ILE D 222 103.00 -15.85 65.46
N PHE D 223 101.97 -16.65 65.16
CA PHE D 223 101.76 -17.92 65.83
C PHE D 223 102.04 -19.05 64.85
N ALA D 224 101.52 -18.89 63.63
CA ALA D 224 101.68 -19.87 62.56
C ALA D 224 103.09 -20.45 62.53
N GLN D 225 104.07 -19.58 62.72
CA GLN D 225 105.47 -20.00 62.73
C GLN D 225 105.78 -21.12 63.72
N ALA D 226 105.57 -20.85 65.00
CA ALA D 226 105.83 -21.82 66.07
C ALA D 226 104.88 -23.02 66.08
N LEU D 227 103.66 -22.81 65.62
CA LEU D 227 102.66 -23.86 65.59
C LEU D 227 102.82 -24.88 64.46
N SER D 228 103.88 -24.75 63.67
CA SER D 228 104.11 -25.69 62.57
C SER D 228 104.90 -26.90 63.04
N THR D 229 105.80 -26.66 64.01
CA THR D 229 106.64 -27.70 64.59
C THR D 229 105.99 -28.24 65.86
N ALA D 230 104.97 -27.52 66.34
CA ALA D 230 104.26 -27.85 67.56
C ALA D 230 103.75 -29.28 67.70
N LYS D 231 104.21 -29.96 68.73
CA LYS D 231 103.78 -31.32 69.01
C LYS D 231 102.71 -31.24 70.10
N LYS D 232 101.76 -32.16 70.10
CA LYS D 232 100.71 -32.12 71.10
C LYS D 232 101.23 -32.05 72.53
N GLY D 233 100.63 -31.17 73.33
CA GLY D 233 101.03 -31.01 74.72
C GLY D 233 102.03 -29.89 74.95
N ASP D 234 102.55 -29.33 73.86
CA ASP D 234 103.53 -28.27 73.92
C ASP D 234 103.00 -26.92 74.39
N ILE D 235 103.92 -26.09 74.86
CA ILE D 235 103.61 -24.74 75.32
C ILE D 235 104.45 -23.84 74.42
N VAL D 236 103.79 -23.04 73.58
CA VAL D 236 104.54 -22.18 72.67
C VAL D 236 104.96 -20.89 73.33
N GLY D 237 106.28 -20.74 73.45
CA GLY D 237 106.91 -19.58 74.09
C GLY D 237 106.13 -18.30 74.02
N PRO D 238 106.38 -17.36 74.94
CA PRO D 238 105.68 -16.06 74.97
C PRO D 238 105.90 -15.22 73.71
N ILE D 239 104.91 -15.21 72.83
CA ILE D 239 105.01 -14.45 71.58
C ILE D 239 104.53 -13.02 71.82
N ARG D 240 105.34 -12.05 71.42
CA ARG D 240 105.02 -10.65 71.57
C ARG D 240 104.20 -10.03 70.41
N SER D 241 103.10 -9.39 70.75
CA SER D 241 102.28 -8.73 69.77
C SER D 241 102.07 -7.30 70.30
N GLY D 242 101.31 -6.51 69.54
CA GLY D 242 101.02 -5.15 69.96
C GLY D 242 100.11 -5.14 71.16
N VAL D 243 99.47 -6.28 71.46
CA VAL D 243 98.54 -6.37 72.58
C VAL D 243 99.20 -6.88 73.85
N GLY D 244 100.37 -7.47 73.72
CA GLY D 244 101.03 -7.98 74.90
C GLY D 244 101.73 -9.28 74.56
N PHE D 245 101.86 -10.16 75.54
CA PHE D 245 102.54 -11.44 75.32
C PHE D 245 101.54 -12.57 75.26
N HIS D 246 101.69 -13.45 74.28
CA HIS D 246 100.78 -14.58 74.17
C HIS D 246 101.47 -15.87 74.51
N ILE D 247 100.66 -16.83 74.94
CA ILE D 247 101.11 -18.16 75.29
C ILE D 247 100.02 -19.12 74.86
N LEU D 248 100.41 -20.18 74.14
CA LEU D 248 99.44 -21.15 73.70
C LEU D 248 99.86 -22.55 74.12
N LYS D 249 98.88 -23.36 74.53
CA LYS D 249 99.15 -24.75 74.89
C LYS D 249 98.48 -25.52 73.77
N VAL D 250 99.23 -26.44 73.17
CA VAL D 250 98.70 -27.29 72.12
C VAL D 250 97.93 -28.43 72.80
N ASN D 251 96.63 -28.24 72.98
CA ASN D 251 95.77 -29.21 73.63
C ASN D 251 95.78 -30.56 72.96
N ASP D 252 95.18 -30.61 71.77
CA ASP D 252 95.11 -31.83 71.00
C ASP D 252 95.47 -31.44 69.58
N LEU D 253 95.74 -32.44 68.75
CA LEU D 253 96.14 -32.20 67.37
C LEU D 253 95.65 -33.34 66.49
N ARG D 254 94.72 -33.04 65.58
CA ARG D 254 94.18 -34.07 64.72
C ARG D 254 94.44 -33.88 63.23
N GLY D 255 93.90 -34.80 62.44
CA GLY D 255 94.07 -34.76 61.00
C GLY D 255 93.17 -33.75 60.31
N GLU D 256 93.59 -33.30 59.14
CA GLU D 256 92.88 -32.33 58.33
C GLU D 256 91.93 -33.08 57.39
N SER D 257 90.62 -32.97 57.65
CA SER D 257 89.62 -33.66 56.83
C SER D 257 89.85 -33.46 55.34
N LYS D 258 89.87 -34.58 54.62
CA LYS D 258 90.09 -34.56 53.18
C LYS D 258 89.18 -33.56 52.48
N ASN D 259 89.63 -33.08 51.33
CA ASN D 259 88.87 -32.10 50.54
C ASN D 259 87.59 -32.70 49.95
N ILE D 260 87.33 -32.39 48.69
CA ILE D 260 86.14 -32.86 47.99
C ILE D 260 86.49 -33.23 46.56
N SER D 261 86.53 -34.53 46.27
CA SER D 261 86.87 -35.00 44.94
C SER D 261 85.74 -35.20 43.94
N VAL D 262 85.06 -34.12 43.57
CA VAL D 262 83.96 -34.19 42.59
C VAL D 262 84.51 -34.45 41.18
N THR D 263 83.81 -35.27 40.41
CA THR D 263 84.29 -35.57 39.07
C THR D 263 83.37 -35.04 37.95
N GLU D 264 83.96 -34.27 37.03
CA GLU D 264 83.23 -33.71 35.89
C GLU D 264 83.61 -34.39 34.56
N VAL D 265 82.70 -34.39 33.59
CA VAL D 265 82.96 -35.01 32.29
C VAL D 265 82.72 -34.00 31.19
N HIS D 266 83.39 -34.20 30.06
CA HIS D 266 83.25 -33.33 28.89
C HIS D 266 82.65 -34.21 27.80
N ALA D 267 81.45 -33.87 27.35
CA ALA D 267 80.82 -34.69 26.32
C ALA D 267 80.15 -33.92 25.21
N ARG D 268 79.90 -34.61 24.10
CA ARG D 268 79.26 -34.02 22.95
C ARG D 268 78.12 -34.94 22.60
N HIS D 269 77.11 -34.41 21.94
CA HIS D 269 75.97 -35.23 21.53
C HIS D 269 75.24 -34.56 20.39
N ILE D 270 74.55 -35.36 19.60
CA ILE D 270 73.78 -34.82 18.50
C ILE D 270 72.35 -35.21 18.87
N LEU D 271 71.51 -34.20 19.14
CA LEU D 271 70.12 -34.45 19.54
C LEU D 271 69.06 -34.58 18.45
N LEU D 272 68.34 -35.68 18.49
CA LEU D 272 67.29 -35.97 17.52
C LEU D 272 66.00 -36.33 18.23
N LYS D 273 65.36 -35.34 18.84
CA LYS D 273 64.10 -35.57 19.55
C LYS D 273 63.01 -35.94 18.54
N PRO D 274 62.36 -37.11 18.73
CA PRO D 274 61.31 -37.49 17.79
C PRO D 274 60.15 -36.51 17.85
N SER D 275 59.16 -36.70 16.98
CA SER D 275 58.02 -35.80 16.92
C SER D 275 56.90 -36.41 16.08
N PRO D 276 55.80 -35.66 15.86
CA PRO D 276 54.69 -36.17 15.06
C PRO D 276 55.13 -36.69 13.70
N ILE D 277 56.20 -36.10 13.17
CA ILE D 277 56.72 -36.49 11.87
C ILE D 277 57.63 -37.71 11.96
N MET D 278 58.70 -37.61 12.75
CA MET D 278 59.64 -38.72 12.89
C MET D 278 59.36 -39.57 14.13
N THR D 279 59.13 -40.86 13.91
CA THR D 279 58.87 -41.78 15.01
C THR D 279 60.19 -42.11 15.68
N ASP D 280 60.16 -43.01 16.64
CA ASP D 280 61.37 -43.40 17.36
C ASP D 280 62.26 -44.27 16.48
N GLU D 281 61.65 -45.15 15.70
CA GLU D 281 62.43 -46.01 14.80
C GLU D 281 63.06 -45.15 13.72
N GLN D 282 62.45 -44.00 13.47
CA GLN D 282 62.95 -43.09 12.46
C GLN D 282 64.01 -42.17 13.04
N ALA D 283 63.80 -41.73 14.27
CA ALA D 283 64.76 -40.85 14.94
C ALA D 283 66.00 -41.63 15.37
N ARG D 284 65.88 -42.96 15.38
CA ARG D 284 66.99 -43.83 15.78
C ARG D 284 67.87 -44.18 14.58
N VAL D 285 67.26 -44.82 13.59
CA VAL D 285 67.98 -45.21 12.39
C VAL D 285 68.65 -44.00 11.75
N LYS D 286 67.99 -42.85 11.81
CA LYS D 286 68.58 -41.65 11.24
C LYS D 286 69.98 -41.51 11.86
N LEU D 287 70.04 -41.64 13.18
CA LEU D 287 71.31 -41.53 13.88
C LEU D 287 72.29 -42.58 13.36
N GLU D 288 71.95 -43.86 13.53
CA GLU D 288 72.81 -44.97 13.09
C GLU D 288 73.58 -44.65 11.81
N GLN D 289 72.95 -43.87 10.93
CA GLN D 289 73.57 -43.46 9.68
C GLN D 289 74.42 -42.24 9.96
N ILE D 290 73.83 -41.25 10.62
CA ILE D 290 74.55 -40.03 10.96
C ILE D 290 75.75 -40.35 11.86
N ALA D 291 75.86 -41.61 12.27
CA ALA D 291 76.94 -42.06 13.13
C ALA D 291 78.02 -42.79 12.36
N ALA D 292 77.59 -43.68 11.46
CA ALA D 292 78.51 -44.44 10.64
C ALA D 292 79.27 -43.51 9.70
N ASP D 293 78.63 -42.42 9.31
CA ASP D 293 79.24 -41.41 8.43
C ASP D 293 80.37 -40.72 9.17
N ILE D 294 80.20 -40.54 10.48
CA ILE D 294 81.20 -39.89 11.31
C ILE D 294 82.40 -40.83 11.45
N LYS D 295 82.11 -42.10 11.68
CA LYS D 295 83.17 -43.10 11.84
C LYS D 295 83.91 -43.34 10.52
N SER D 296 83.18 -43.33 9.41
CA SER D 296 83.75 -43.56 8.08
C SER D 296 84.11 -42.28 7.36
N GLY D 297 84.63 -41.31 8.10
CA GLY D 297 85.03 -40.03 7.53
C GLY D 297 84.10 -39.28 6.58
N LYS D 298 82.98 -39.90 6.21
CA LYS D 298 82.02 -39.28 5.32
C LYS D 298 81.71 -37.87 5.83
N THR D 299 81.83 -37.67 7.14
CA THR D 299 81.59 -36.38 7.78
C THR D 299 82.07 -36.36 9.23
N THR D 300 82.23 -35.16 9.78
CA THR D 300 82.68 -35.01 11.15
C THR D 300 81.48 -34.92 12.10
N PHE D 301 81.69 -35.34 13.34
CA PHE D 301 80.65 -35.35 14.37
C PHE D 301 80.19 -33.93 14.62
N ALA D 302 81.16 -33.03 14.81
CA ALA D 302 80.83 -31.63 15.04
C ALA D 302 80.01 -31.09 13.86
N ALA D 303 80.24 -31.67 12.68
CA ALA D 303 79.51 -31.27 11.48
C ALA D 303 78.07 -31.72 11.64
N ALA D 304 77.88 -33.02 11.84
CA ALA D 304 76.54 -33.59 12.01
C ALA D 304 75.83 -32.95 13.20
N ALA D 305 76.59 -32.34 14.10
CA ALA D 305 76.00 -31.69 15.28
C ALA D 305 75.33 -30.40 14.85
N LYS D 306 76.13 -29.44 14.41
CA LYS D 306 75.60 -28.17 13.95
C LYS D 306 74.66 -28.43 12.77
N GLU D 307 74.50 -29.69 12.42
CA GLU D 307 73.66 -30.09 11.29
C GLU D 307 72.32 -30.69 11.69
N PHE D 308 72.33 -31.65 12.60
CA PHE D 308 71.09 -32.31 13.03
C PHE D 308 70.73 -32.12 14.50
N SER D 309 71.69 -31.71 15.33
CA SER D 309 71.46 -31.51 16.77
C SER D 309 70.28 -30.58 17.04
N GLN D 310 69.28 -31.10 17.74
CA GLN D 310 68.10 -30.32 18.06
C GLN D 310 68.22 -29.69 19.45
N ASP D 311 69.43 -29.35 19.83
CA ASP D 311 69.68 -28.72 21.12
C ASP D 311 70.53 -27.48 20.98
N PRO D 312 69.89 -26.33 20.69
CA PRO D 312 70.71 -25.12 20.57
C PRO D 312 71.52 -24.97 21.86
N GLY D 313 72.64 -24.27 21.80
CA GLY D 313 73.47 -24.13 22.99
C GLY D 313 74.44 -25.30 22.98
N SER D 314 74.17 -26.22 22.05
CA SER D 314 74.97 -27.41 21.86
C SER D 314 75.26 -27.55 20.37
N ALA D 315 74.20 -27.63 19.57
CA ALA D 315 74.33 -27.77 18.12
C ALA D 315 75.20 -26.69 17.51
N ASN D 316 75.09 -25.47 18.03
CA ASN D 316 75.89 -24.35 17.53
C ASN D 316 77.34 -24.42 18.04
N GLN D 317 77.57 -25.29 19.00
CA GLN D 317 78.89 -25.47 19.60
C GLN D 317 79.52 -26.81 19.16
N GLY D 318 78.95 -27.42 18.12
CA GLY D 318 79.46 -28.68 17.63
C GLY D 318 78.96 -29.86 18.42
N GLY D 319 78.07 -29.61 19.38
CA GLY D 319 77.53 -30.67 20.21
C GLY D 319 78.19 -30.67 21.56
N ASP D 320 79.07 -29.69 21.78
CA ASP D 320 79.82 -29.53 23.02
C ASP D 320 78.87 -29.19 24.18
N LEU D 321 78.84 -30.07 25.18
CA LEU D 321 78.00 -29.84 26.34
C LEU D 321 78.83 -29.17 27.44
N GLY D 322 80.09 -28.88 27.11
CA GLY D 322 80.98 -28.26 28.06
C GLY D 322 81.26 -29.16 29.25
N TRP D 323 81.99 -28.67 30.22
CA TRP D 323 82.26 -29.48 31.39
C TRP D 323 81.04 -29.44 32.30
N ALA D 324 80.61 -30.61 32.76
CA ALA D 324 79.47 -30.74 33.65
C ALA D 324 79.63 -31.99 34.51
N THR D 325 78.98 -32.02 35.67
CA THR D 325 79.01 -33.18 36.56
C THR D 325 77.98 -34.13 35.95
N PRO D 326 78.32 -35.42 35.84
CA PRO D 326 77.41 -36.41 35.26
C PRO D 326 75.97 -36.43 35.76
N ASP D 327 75.77 -36.30 37.07
CA ASP D 327 74.41 -36.32 37.62
C ASP D 327 73.43 -35.30 37.02
N ILE D 328 73.93 -34.19 36.50
CA ILE D 328 73.07 -33.19 35.88
C ILE D 328 72.32 -33.76 34.68
N PHE D 329 72.83 -34.85 34.12
CA PHE D 329 72.20 -35.42 32.94
C PHE D 329 71.05 -36.38 33.17
N ASP D 330 70.28 -36.62 32.10
CA ASP D 330 69.18 -37.56 32.16
C ASP D 330 69.85 -38.87 32.55
N PRO D 331 69.15 -39.75 33.28
CA PRO D 331 69.74 -41.03 33.68
C PRO D 331 70.24 -41.93 32.53
N ALA D 332 69.43 -42.07 31.48
CA ALA D 332 69.79 -42.90 30.34
C ALA D 332 71.12 -42.39 29.78
N PHE D 333 71.16 -41.08 29.61
CA PHE D 333 72.33 -40.39 29.09
C PHE D 333 73.50 -40.67 30.03
N ARG D 334 73.33 -40.31 31.30
CA ARG D 334 74.38 -40.52 32.31
C ARG D 334 74.88 -41.98 32.31
N ASP D 335 73.98 -42.91 31.98
CA ASP D 335 74.35 -44.32 31.96
C ASP D 335 75.29 -44.72 30.83
N ALA D 336 74.94 -44.34 29.59
CA ALA D 336 75.80 -44.65 28.45
C ALA D 336 77.15 -44.02 28.74
N LEU D 337 77.09 -42.80 29.28
CA LEU D 337 78.26 -42.03 29.62
C LEU D 337 79.23 -42.85 30.44
N THR D 338 78.68 -43.68 31.31
CA THR D 338 79.47 -44.55 32.17
C THR D 338 80.15 -45.68 31.42
N ARG D 339 79.45 -46.26 30.45
CA ARG D 339 80.01 -47.36 29.68
C ARG D 339 80.75 -46.91 28.42
N LEU D 340 81.48 -45.79 28.53
CA LEU D 340 82.23 -45.24 27.41
C LEU D 340 83.69 -44.91 27.75
N ASN D 341 84.58 -45.27 26.83
CA ASN D 341 86.00 -45.01 26.98
C ASN D 341 86.22 -43.60 26.47
N LYS D 342 87.23 -42.89 26.95
CA LYS D 342 87.48 -41.53 26.46
C LYS D 342 87.54 -41.54 24.94
N GLY D 343 86.96 -40.52 24.31
CA GLY D 343 86.99 -40.44 22.86
C GLY D 343 86.05 -41.42 22.14
N GLN D 344 85.46 -42.33 22.89
CA GLN D 344 84.55 -43.32 22.29
C GLN D 344 83.15 -42.76 22.00
N MET D 345 82.44 -43.38 21.06
CA MET D 345 81.09 -42.92 20.75
C MET D 345 80.12 -44.00 21.15
N SER D 346 78.90 -43.57 21.46
CA SER D 346 77.84 -44.48 21.89
C SER D 346 76.91 -44.79 20.74
N ALA D 347 76.01 -45.73 20.97
CA ALA D 347 75.01 -46.08 19.97
C ALA D 347 73.90 -45.08 20.23
N PRO D 348 72.86 -45.04 19.39
CA PRO D 348 71.83 -44.04 19.70
C PRO D 348 71.30 -44.31 21.11
N VAL D 349 71.24 -43.27 21.94
CA VAL D 349 70.76 -43.43 23.30
C VAL D 349 69.50 -42.62 23.53
N HIS D 350 68.43 -43.33 23.87
CA HIS D 350 67.10 -42.78 24.12
C HIS D 350 66.94 -42.28 25.56
N SER D 351 66.57 -41.01 25.70
CA SER D 351 66.38 -40.41 27.01
C SER D 351 65.00 -39.76 27.13
N SER D 352 64.88 -38.82 28.06
CA SER D 352 63.62 -38.14 28.29
C SER D 352 63.46 -36.96 27.36
N PHE D 353 64.52 -36.60 26.64
CA PHE D 353 64.44 -35.46 25.72
C PHE D 353 64.48 -35.89 24.26
N GLY D 354 64.74 -37.17 24.02
CA GLY D 354 64.79 -37.68 22.67
C GLY D 354 65.92 -38.64 22.47
N TRP D 355 66.39 -38.77 21.24
CA TRP D 355 67.50 -39.68 20.93
C TRP D 355 68.74 -38.88 20.58
N HIS D 356 69.89 -39.41 20.96
CA HIS D 356 71.16 -38.76 20.65
C HIS D 356 72.35 -39.71 20.69
N LEU D 357 73.42 -39.27 20.06
CA LEU D 357 74.70 -39.99 20.04
C LEU D 357 75.59 -39.26 21.04
N ILE D 358 76.19 -40.04 21.94
CA ILE D 358 77.04 -39.46 22.98
C ILE D 358 78.52 -39.83 22.86
N GLU D 359 79.39 -38.83 22.81
CA GLU D 359 80.81 -39.09 22.74
C GLU D 359 81.36 -38.54 24.04
N LEU D 360 82.10 -39.39 24.76
CA LEU D 360 82.71 -38.98 26.02
C LEU D 360 84.08 -38.45 25.65
N LEU D 361 84.24 -37.14 25.74
CA LEU D 361 85.51 -36.53 25.38
C LEU D 361 86.57 -36.67 26.46
N ASP D 362 86.29 -36.17 27.65
CA ASP D 362 87.26 -36.26 28.73
C ASP D 362 86.65 -36.32 30.13
N THR D 363 87.51 -36.53 31.12
CA THR D 363 87.11 -36.63 32.52
C THR D 363 88.14 -35.88 33.35
N ARG D 364 87.72 -35.36 34.50
CA ARG D 364 88.65 -34.65 35.35
C ARG D 364 88.08 -34.56 36.74
N ASN D 365 88.95 -34.30 37.72
CA ASN D 365 88.51 -34.15 39.11
C ASN D 365 88.75 -32.72 39.57
N VAL D 366 87.85 -32.23 40.41
CA VAL D 366 87.97 -30.88 40.91
C VAL D 366 87.68 -30.87 42.40
N ASP D 367 88.51 -30.17 43.16
CA ASP D 367 88.32 -30.10 44.61
C ASP D 367 87.67 -28.78 44.96
N LYS D 368 87.58 -28.49 46.26
CA LYS D 368 86.96 -27.27 46.72
C LYS D 368 87.74 -26.61 47.86
N ARG D 376 88.75 -16.61 50.94
CA ARG D 376 89.22 -17.14 52.22
C ARG D 376 90.42 -16.34 52.71
N ALA D 377 91.46 -16.31 51.88
CA ALA D 377 92.69 -15.61 52.20
C ALA D 377 92.46 -14.24 52.81
N TYR D 378 91.55 -13.49 52.20
CA TYR D 378 91.27 -12.13 52.67
C TYR D 378 90.38 -12.09 53.89
N ARG D 379 89.43 -13.01 53.99
CA ARG D 379 88.55 -13.09 55.13
C ARG D 379 89.48 -13.41 56.31
N MET D 380 90.43 -14.32 56.09
CA MET D 380 91.41 -14.68 57.11
C MET D 380 92.17 -13.41 57.55
N LEU D 381 92.55 -12.58 56.59
CA LEU D 381 93.27 -11.33 56.90
C LEU D 381 92.40 -10.43 57.78
N MET D 382 91.22 -10.09 57.29
CA MET D 382 90.33 -9.22 58.04
C MET D 382 89.97 -9.79 59.41
N ASN D 383 89.97 -11.12 59.53
CA ASN D 383 89.67 -11.72 60.82
C ASN D 383 90.85 -11.46 61.72
N ARG D 384 92.04 -11.69 61.20
CA ARG D 384 93.20 -11.43 62.02
C ARG D 384 93.13 -9.98 62.50
N LYS D 385 92.76 -9.06 61.62
CA LYS D 385 92.70 -7.68 62.01
C LYS D 385 91.71 -7.46 63.14
N PHE D 386 90.45 -7.82 62.89
CA PHE D 386 89.43 -7.65 63.92
C PHE D 386 89.94 -8.16 65.25
N SER D 387 90.75 -9.20 65.18
CA SER D 387 91.33 -9.81 66.37
C SER D 387 92.22 -8.84 67.16
N GLU D 388 93.21 -8.26 66.51
CA GLU D 388 94.07 -7.35 67.24
C GLU D 388 93.28 -6.12 67.73
N GLU D 389 92.56 -5.48 66.82
CA GLU D 389 91.75 -4.30 67.15
C GLU D 389 90.89 -4.49 68.38
N ALA D 390 90.12 -5.56 68.38
CA ALA D 390 89.25 -5.85 69.50
C ALA D 390 90.06 -5.92 70.77
N ALA D 391 91.30 -6.39 70.68
CA ALA D 391 92.11 -6.48 71.89
C ALA D 391 92.56 -5.10 72.40
N SER D 392 93.26 -4.33 71.56
CA SER D 392 93.69 -3.02 72.01
C SER D 392 92.50 -2.11 72.35
N TRP D 393 91.39 -2.24 71.62
CA TRP D 393 90.20 -1.43 71.89
C TRP D 393 89.80 -1.57 73.35
N MET D 394 89.67 -2.79 73.81
CA MET D 394 89.33 -2.99 75.20
C MET D 394 90.50 -2.46 76.03
N GLN D 395 91.73 -2.82 75.66
CA GLN D 395 92.91 -2.35 76.38
C GLN D 395 92.76 -0.84 76.65
N GLU D 396 92.43 -0.07 75.61
CA GLU D 396 92.25 1.36 75.74
C GLU D 396 91.03 1.74 76.59
N GLN D 397 89.86 1.23 76.22
CA GLN D 397 88.65 1.50 76.99
C GLN D 397 88.85 1.36 78.49
N ARG D 398 89.29 0.18 78.92
CA ARG D 398 89.53 -0.07 80.32
C ARG D 398 90.55 0.94 80.87
N ALA D 399 91.66 1.07 80.18
CA ALA D 399 92.72 1.96 80.59
C ALA D 399 92.29 3.41 80.85
N SER D 400 91.44 3.94 79.98
CA SER D 400 90.97 5.31 80.09
C SER D 400 89.69 5.48 80.87
N ALA D 401 89.14 4.39 81.37
CA ALA D 401 87.88 4.47 82.12
C ALA D 401 87.98 4.94 83.57
N TYR D 402 86.86 5.45 84.08
CA TYR D 402 86.79 5.92 85.46
C TYR D 402 86.41 4.70 86.28
N VAL D 403 87.40 4.08 86.92
CA VAL D 403 87.10 2.87 87.70
C VAL D 403 87.56 3.01 89.13
N LYS D 404 86.71 2.58 90.06
CA LYS D 404 87.00 2.64 91.48
C LYS D 404 86.56 1.32 92.09
N ILE D 405 87.51 0.55 92.60
CA ILE D 405 87.17 -0.72 93.22
C ILE D 405 87.13 -0.58 94.73
N LEU D 406 85.94 -0.77 95.30
CA LEU D 406 85.77 -0.66 96.75
C LEU D 406 86.17 -1.94 97.49
N SER D 407 86.63 -1.82 98.71
CA SER D 407 86.97 -3.02 99.49
C SER D 407 85.59 -3.56 99.84
N ASN D 408 85.40 -4.07 101.06
CA ASN D 408 84.06 -4.54 101.39
C ASN D 408 83.07 -3.39 101.16
#